data_1PA7
# 
_entry.id   1PA7 
# 
_audit_conform.dict_name       mmcif_pdbx.dic 
_audit_conform.dict_version    5.388 
_audit_conform.dict_location   http://mmcif.pdb.org/dictionaries/ascii/mmcif_pdbx.dic 
# 
loop_
_database_2.database_id 
_database_2.database_code 
_database_2.pdbx_database_accession 
_database_2.pdbx_DOI 
PDB   1PA7         pdb_00001pa7 10.2210/pdb1pa7/pdb 
RCSB  RCSB019200   ?            ?                   
WWPDB D_1000019200 ?            ?                   
# 
loop_
_pdbx_audit_revision_history.ordinal 
_pdbx_audit_revision_history.data_content_type 
_pdbx_audit_revision_history.major_revision 
_pdbx_audit_revision_history.minor_revision 
_pdbx_audit_revision_history.revision_date 
1 'Structure model' 1 0 2003-10-21 
2 'Structure model' 1 1 2008-04-29 
3 'Structure model' 1 2 2011-07-13 
4 'Structure model' 1 3 2024-03-13 
# 
_pdbx_audit_revision_details.ordinal             1 
_pdbx_audit_revision_details.revision_ordinal    1 
_pdbx_audit_revision_details.data_content_type   'Structure model' 
_pdbx_audit_revision_details.provider            repository 
_pdbx_audit_revision_details.type                'Initial release' 
_pdbx_audit_revision_details.description         ? 
_pdbx_audit_revision_details.details             ? 
# 
loop_
_pdbx_audit_revision_group.ordinal 
_pdbx_audit_revision_group.revision_ordinal 
_pdbx_audit_revision_group.data_content_type 
_pdbx_audit_revision_group.group 
1 2 'Structure model' 'Version format compliance' 
2 3 'Structure model' Advisory                    
3 3 'Structure model' 'Version format compliance' 
4 4 'Structure model' 'Data collection'           
5 4 'Structure model' 'Database references'       
6 4 'Structure model' 'Derived calculations'      
# 
loop_
_pdbx_audit_revision_category.ordinal 
_pdbx_audit_revision_category.revision_ordinal 
_pdbx_audit_revision_category.data_content_type 
_pdbx_audit_revision_category.category 
1 4 'Structure model' chem_comp_atom 
2 4 'Structure model' chem_comp_bond 
3 4 'Structure model' database_2     
4 4 'Structure model' struct_site    
# 
loop_
_pdbx_audit_revision_item.ordinal 
_pdbx_audit_revision_item.revision_ordinal 
_pdbx_audit_revision_item.data_content_type 
_pdbx_audit_revision_item.item 
1 4 'Structure model' '_database_2.pdbx_DOI'                
2 4 'Structure model' '_database_2.pdbx_database_accession' 
3 4 'Structure model' '_struct_site.pdbx_auth_asym_id'      
4 4 'Structure model' '_struct_site.pdbx_auth_comp_id'      
5 4 'Structure model' '_struct_site.pdbx_auth_seq_id'       
# 
_pdbx_database_status.status_code                     REL 
_pdbx_database_status.entry_id                        1PA7 
_pdbx_database_status.recvd_initial_deposition_date   2003-05-13 
_pdbx_database_status.deposit_site                    RCSB 
_pdbx_database_status.process_site                    PDBJ 
_pdbx_database_status.status_code_sf                  REL 
_pdbx_database_status.SG_entry                        . 
_pdbx_database_status.pdb_format_compatible           Y 
_pdbx_database_status.status_code_mr                  ? 
_pdbx_database_status.status_code_cs                  ? 
_pdbx_database_status.status_code_nmr_data            ? 
_pdbx_database_status.methods_development_category    ? 
# 
_pdbx_database_related.db_name        PDB 
_pdbx_database_related.db_id          1UEG 
_pdbx_database_related.details        'The structure of the same protein at 2.10 A resolution' 
_pdbx_database_related.content_type   unspecified 
# 
loop_
_audit_author.name 
_audit_author.pdbx_ordinal 
'Hayashi, I.' 1 
'Ikura, M.'   2 
# 
_citation.id                        primary 
_citation.title                     
'Crystal structure of the amino-terminal microtubule-binding domain of end-binding protein 1 (EB1)' 
_citation.journal_abbrev            J.Biol.Chem. 
_citation.journal_volume            278 
_citation.page_first                36430 
_citation.page_last                 36434 
_citation.year                      2003 
_citation.journal_id_ASTM           JBCHA3 
_citation.country                   US 
_citation.journal_id_ISSN           0021-9258 
_citation.journal_id_CSD            0071 
_citation.book_publisher            ? 
_citation.pdbx_database_id_PubMed   12857735 
_citation.pdbx_database_id_DOI      10.1074/jbc.M305773200 
# 
loop_
_citation_author.citation_id 
_citation_author.name 
_citation_author.ordinal 
_citation_author.identifier_ORCID 
primary 'Hayashi, I.' 1 ? 
primary 'Ikura, M.'   2 ? 
# 
loop_
_entity.id 
_entity.type 
_entity.src_method 
_entity.pdbx_description 
_entity.formula_weight 
_entity.pdbx_number_of_molecules 
_entity.pdbx_ec 
_entity.pdbx_mutation 
_entity.pdbx_fragment 
_entity.details 
1 polymer     man 'Microtubule-associated protein RP/EB family member 1' 15050.383 1   ? ? 
'N-terminal domain, EB1 microtubule-binding domain' ? 
2 non-polymer syn 'SULFATE ION'                                          96.063    2   ? ? ? ? 
3 water       nat water                                                  18.015    136 ? ? ? ? 
# 
_entity_name_com.entity_id   1 
_entity_name_com.name        'APC-binding protein EB1' 
# 
_entity_poly.entity_id                      1 
_entity_poly.type                           'polypeptide(L)' 
_entity_poly.nstd_linkage                   no 
_entity_poly.nstd_monomer                   no 
_entity_poly.pdbx_seq_one_letter_code       
;MAVNVYSTSVTSDNLSRHDMLAWINESLQLNLTKIEQLCSGAAYCQFMDMLFPGSIALKKVKFQAKLEHEYIQNFKILQA
GFKRMGVDKIIPVDKLVKGKFQDNFEFVQWFKKFFDANYDGKDYDPVAAR
;
_entity_poly.pdbx_seq_one_letter_code_can   
;MAVNVYSTSVTSDNLSRHDMLAWINESLQLNLTKIEQLCSGAAYCQFMDMLFPGSIALKKVKFQAKLEHEYIQNFKILQA
GFKRMGVDKIIPVDKLVKGKFQDNFEFVQWFKKFFDANYDGKDYDPVAAR
;
_entity_poly.pdbx_strand_id                 A 
_entity_poly.pdbx_target_identifier         ? 
# 
loop_
_pdbx_entity_nonpoly.entity_id 
_pdbx_entity_nonpoly.name 
_pdbx_entity_nonpoly.comp_id 
2 'SULFATE ION' SO4 
3 water         HOH 
# 
loop_
_entity_poly_seq.entity_id 
_entity_poly_seq.num 
_entity_poly_seq.mon_id 
_entity_poly_seq.hetero 
1 1   MET n 
1 2   ALA n 
1 3   VAL n 
1 4   ASN n 
1 5   VAL n 
1 6   TYR n 
1 7   SER n 
1 8   THR n 
1 9   SER n 
1 10  VAL n 
1 11  THR n 
1 12  SER n 
1 13  ASP n 
1 14  ASN n 
1 15  LEU n 
1 16  SER n 
1 17  ARG n 
1 18  HIS n 
1 19  ASP n 
1 20  MET n 
1 21  LEU n 
1 22  ALA n 
1 23  TRP n 
1 24  ILE n 
1 25  ASN n 
1 26  GLU n 
1 27  SER n 
1 28  LEU n 
1 29  GLN n 
1 30  LEU n 
1 31  ASN n 
1 32  LEU n 
1 33  THR n 
1 34  LYS n 
1 35  ILE n 
1 36  GLU n 
1 37  GLN n 
1 38  LEU n 
1 39  CYS n 
1 40  SER n 
1 41  GLY n 
1 42  ALA n 
1 43  ALA n 
1 44  TYR n 
1 45  CYS n 
1 46  GLN n 
1 47  PHE n 
1 48  MET n 
1 49  ASP n 
1 50  MET n 
1 51  LEU n 
1 52  PHE n 
1 53  PRO n 
1 54  GLY n 
1 55  SER n 
1 56  ILE n 
1 57  ALA n 
1 58  LEU n 
1 59  LYS n 
1 60  LYS n 
1 61  VAL n 
1 62  LYS n 
1 63  PHE n 
1 64  GLN n 
1 65  ALA n 
1 66  LYS n 
1 67  LEU n 
1 68  GLU n 
1 69  HIS n 
1 70  GLU n 
1 71  TYR n 
1 72  ILE n 
1 73  GLN n 
1 74  ASN n 
1 75  PHE n 
1 76  LYS n 
1 77  ILE n 
1 78  LEU n 
1 79  GLN n 
1 80  ALA n 
1 81  GLY n 
1 82  PHE n 
1 83  LYS n 
1 84  ARG n 
1 85  MET n 
1 86  GLY n 
1 87  VAL n 
1 88  ASP n 
1 89  LYS n 
1 90  ILE n 
1 91  ILE n 
1 92  PRO n 
1 93  VAL n 
1 94  ASP n 
1 95  LYS n 
1 96  LEU n 
1 97  VAL n 
1 98  LYS n 
1 99  GLY n 
1 100 LYS n 
1 101 PHE n 
1 102 GLN n 
1 103 ASP n 
1 104 ASN n 
1 105 PHE n 
1 106 GLU n 
1 107 PHE n 
1 108 VAL n 
1 109 GLN n 
1 110 TRP n 
1 111 PHE n 
1 112 LYS n 
1 113 LYS n 
1 114 PHE n 
1 115 PHE n 
1 116 ASP n 
1 117 ALA n 
1 118 ASN n 
1 119 TYR n 
1 120 ASP n 
1 121 GLY n 
1 122 LYS n 
1 123 ASP n 
1 124 TYR n 
1 125 ASP n 
1 126 PRO n 
1 127 VAL n 
1 128 ALA n 
1 129 ALA n 
1 130 ARG n 
# 
_entity_src_gen.entity_id                          1 
_entity_src_gen.pdbx_src_id                        1 
_entity_src_gen.pdbx_alt_source_flag               sample 
_entity_src_gen.pdbx_seq_type                      ? 
_entity_src_gen.pdbx_beg_seq_num                   ? 
_entity_src_gen.pdbx_end_seq_num                   ? 
_entity_src_gen.gene_src_common_name               human 
_entity_src_gen.gene_src_genus                     Homo 
_entity_src_gen.pdbx_gene_src_gene                 'EB1 (amino acids 1-130)' 
_entity_src_gen.gene_src_species                   ? 
_entity_src_gen.gene_src_strain                    ? 
_entity_src_gen.gene_src_tissue                    ? 
_entity_src_gen.gene_src_tissue_fraction           ? 
_entity_src_gen.gene_src_details                   ? 
_entity_src_gen.pdbx_gene_src_fragment             ? 
_entity_src_gen.pdbx_gene_src_scientific_name      'Homo sapiens' 
_entity_src_gen.pdbx_gene_src_ncbi_taxonomy_id     9606 
_entity_src_gen.pdbx_gene_src_variant              ? 
_entity_src_gen.pdbx_gene_src_cell_line            ? 
_entity_src_gen.pdbx_gene_src_atcc                 ? 
_entity_src_gen.pdbx_gene_src_organ                ? 
_entity_src_gen.pdbx_gene_src_organelle            ? 
_entity_src_gen.pdbx_gene_src_cell                 ? 
_entity_src_gen.pdbx_gene_src_cellular_location    ? 
_entity_src_gen.host_org_common_name               ? 
_entity_src_gen.pdbx_host_org_scientific_name      'Escherichia coli BL21(DE3)' 
_entity_src_gen.pdbx_host_org_ncbi_taxonomy_id     469008 
_entity_src_gen.host_org_genus                     Escherichia 
_entity_src_gen.pdbx_host_org_gene                 ? 
_entity_src_gen.pdbx_host_org_organ                ? 
_entity_src_gen.host_org_species                   'Escherichia coli' 
_entity_src_gen.pdbx_host_org_tissue               ? 
_entity_src_gen.pdbx_host_org_tissue_fraction      ? 
_entity_src_gen.pdbx_host_org_strain               'BL21(DE3)' 
_entity_src_gen.pdbx_host_org_variant              ? 
_entity_src_gen.pdbx_host_org_cell_line            ? 
_entity_src_gen.pdbx_host_org_atcc                 ? 
_entity_src_gen.pdbx_host_org_culture_collection   ? 
_entity_src_gen.pdbx_host_org_cell                 ? 
_entity_src_gen.pdbx_host_org_organelle            ? 
_entity_src_gen.pdbx_host_org_cellular_location    ? 
_entity_src_gen.pdbx_host_org_vector_type          plasmid 
_entity_src_gen.pdbx_host_org_vector               ? 
_entity_src_gen.host_org_details                   ? 
_entity_src_gen.expression_system_id               ? 
_entity_src_gen.plasmid_name                       pET15b 
_entity_src_gen.plasmid_details                    ? 
_entity_src_gen.pdbx_description                   ? 
# 
loop_
_chem_comp.id 
_chem_comp.type 
_chem_comp.mon_nstd_flag 
_chem_comp.name 
_chem_comp.pdbx_synonyms 
_chem_comp.formula 
_chem_comp.formula_weight 
ALA 'L-peptide linking' y ALANINE         ? 'C3 H7 N O2'     89.093  
ARG 'L-peptide linking' y ARGININE        ? 'C6 H15 N4 O2 1' 175.209 
ASN 'L-peptide linking' y ASPARAGINE      ? 'C4 H8 N2 O3'    132.118 
ASP 'L-peptide linking' y 'ASPARTIC ACID' ? 'C4 H7 N O4'     133.103 
CYS 'L-peptide linking' y CYSTEINE        ? 'C3 H7 N O2 S'   121.158 
GLN 'L-peptide linking' y GLUTAMINE       ? 'C5 H10 N2 O3'   146.144 
GLU 'L-peptide linking' y 'GLUTAMIC ACID' ? 'C5 H9 N O4'     147.129 
GLY 'peptide linking'   y GLYCINE         ? 'C2 H5 N O2'     75.067  
HIS 'L-peptide linking' y HISTIDINE       ? 'C6 H10 N3 O2 1' 156.162 
HOH non-polymer         . WATER           ? 'H2 O'           18.015  
ILE 'L-peptide linking' y ISOLEUCINE      ? 'C6 H13 N O2'    131.173 
LEU 'L-peptide linking' y LEUCINE         ? 'C6 H13 N O2'    131.173 
LYS 'L-peptide linking' y LYSINE          ? 'C6 H15 N2 O2 1' 147.195 
MET 'L-peptide linking' y METHIONINE      ? 'C5 H11 N O2 S'  149.211 
PHE 'L-peptide linking' y PHENYLALANINE   ? 'C9 H11 N O2'    165.189 
PRO 'L-peptide linking' y PROLINE         ? 'C5 H9 N O2'     115.130 
SER 'L-peptide linking' y SERINE          ? 'C3 H7 N O3'     105.093 
SO4 non-polymer         . 'SULFATE ION'   ? 'O4 S -2'        96.063  
THR 'L-peptide linking' y THREONINE       ? 'C4 H9 N O3'     119.119 
TRP 'L-peptide linking' y TRYPTOPHAN      ? 'C11 H12 N2 O2'  204.225 
TYR 'L-peptide linking' y TYROSINE        ? 'C9 H11 N O3'    181.189 
VAL 'L-peptide linking' y VALINE          ? 'C5 H11 N O2'    117.146 
# 
loop_
_pdbx_poly_seq_scheme.asym_id 
_pdbx_poly_seq_scheme.entity_id 
_pdbx_poly_seq_scheme.seq_id 
_pdbx_poly_seq_scheme.mon_id 
_pdbx_poly_seq_scheme.ndb_seq_num 
_pdbx_poly_seq_scheme.pdb_seq_num 
_pdbx_poly_seq_scheme.auth_seq_num 
_pdbx_poly_seq_scheme.pdb_mon_id 
_pdbx_poly_seq_scheme.auth_mon_id 
_pdbx_poly_seq_scheme.pdb_strand_id 
_pdbx_poly_seq_scheme.pdb_ins_code 
_pdbx_poly_seq_scheme.hetero 
A 1 1   MET 1   1   1   MET MET A . n 
A 1 2   ALA 2   2   2   ALA ALA A . n 
A 1 3   VAL 3   3   3   VAL VAL A . n 
A 1 4   ASN 4   4   4   ASN ASN A . n 
A 1 5   VAL 5   5   5   VAL VAL A . n 
A 1 6   TYR 6   6   6   TYR TYR A . n 
A 1 7   SER 7   7   7   SER SER A . n 
A 1 8   THR 8   8   8   THR THR A . n 
A 1 9   SER 9   9   9   SER SER A . n 
A 1 10  VAL 10  10  10  VAL VAL A . n 
A 1 11  THR 11  11  11  THR THR A . n 
A 1 12  SER 12  12  12  SER SER A . n 
A 1 13  ASP 13  13  13  ASP ASP A . n 
A 1 14  ASN 14  14  14  ASN ASN A . n 
A 1 15  LEU 15  15  15  LEU LEU A . n 
A 1 16  SER 16  16  16  SER SER A . n 
A 1 17  ARG 17  17  17  ARG ARG A . n 
A 1 18  HIS 18  18  18  HIS HIS A . n 
A 1 19  ASP 19  19  19  ASP ASP A . n 
A 1 20  MET 20  20  20  MET MET A . n 
A 1 21  LEU 21  21  21  LEU LEU A . n 
A 1 22  ALA 22  22  22  ALA ALA A . n 
A 1 23  TRP 23  23  23  TRP TRP A . n 
A 1 24  ILE 24  24  24  ILE ILE A . n 
A 1 25  ASN 25  25  25  ASN ASN A . n 
A 1 26  GLU 26  26  26  GLU GLU A . n 
A 1 27  SER 27  27  27  SER SER A . n 
A 1 28  LEU 28  28  28  LEU LEU A . n 
A 1 29  GLN 29  29  29  GLN GLN A . n 
A 1 30  LEU 30  30  30  LEU LEU A . n 
A 1 31  ASN 31  31  31  ASN ASN A . n 
A 1 32  LEU 32  32  32  LEU LEU A . n 
A 1 33  THR 33  33  33  THR THR A . n 
A 1 34  LYS 34  34  34  LYS LYS A . n 
A 1 35  ILE 35  35  35  ILE ILE A . n 
A 1 36  GLU 36  36  36  GLU GLU A . n 
A 1 37  GLN 37  37  37  GLN GLN A . n 
A 1 38  LEU 38  38  38  LEU LEU A . n 
A 1 39  CYS 39  39  39  CYS CYS A . n 
A 1 40  SER 40  40  40  SER SER A . n 
A 1 41  GLY 41  41  41  GLY GLY A . n 
A 1 42  ALA 42  42  42  ALA ALA A . n 
A 1 43  ALA 43  43  43  ALA ALA A . n 
A 1 44  TYR 44  44  44  TYR TYR A . n 
A 1 45  CYS 45  45  45  CYS CYS A . n 
A 1 46  GLN 46  46  46  GLN GLN A . n 
A 1 47  PHE 47  47  47  PHE PHE A . n 
A 1 48  MET 48  48  48  MET MET A . n 
A 1 49  ASP 49  49  49  ASP ASP A . n 
A 1 50  MET 50  50  50  MET MET A . n 
A 1 51  LEU 51  51  51  LEU LEU A . n 
A 1 52  PHE 52  52  52  PHE PHE A . n 
A 1 53  PRO 53  53  53  PRO PRO A . n 
A 1 54  GLY 54  54  54  GLY GLY A . n 
A 1 55  SER 55  55  55  SER SER A . n 
A 1 56  ILE 56  56  56  ILE ILE A . n 
A 1 57  ALA 57  57  57  ALA ALA A . n 
A 1 58  LEU 58  58  58  LEU LEU A . n 
A 1 59  LYS 59  59  59  LYS LYS A . n 
A 1 60  LYS 60  60  60  LYS LYS A . n 
A 1 61  VAL 61  61  61  VAL VAL A . n 
A 1 62  LYS 62  62  62  LYS LYS A . n 
A 1 63  PHE 63  63  63  PHE PHE A . n 
A 1 64  GLN 64  64  64  GLN GLN A . n 
A 1 65  ALA 65  65  65  ALA ALA A . n 
A 1 66  LYS 66  66  66  LYS LYS A . n 
A 1 67  LEU 67  67  67  LEU LEU A . n 
A 1 68  GLU 68  68  68  GLU GLU A . n 
A 1 69  HIS 69  69  69  HIS HIS A . n 
A 1 70  GLU 70  70  70  GLU GLU A . n 
A 1 71  TYR 71  71  71  TYR TYR A . n 
A 1 72  ILE 72  72  72  ILE ILE A . n 
A 1 73  GLN 73  73  73  GLN GLN A . n 
A 1 74  ASN 74  74  74  ASN ASN A . n 
A 1 75  PHE 75  75  75  PHE PHE A . n 
A 1 76  LYS 76  76  76  LYS LYS A . n 
A 1 77  ILE 77  77  77  ILE ILE A . n 
A 1 78  LEU 78  78  78  LEU LEU A . n 
A 1 79  GLN 79  79  79  GLN GLN A . n 
A 1 80  ALA 80  80  80  ALA ALA A . n 
A 1 81  GLY 81  81  81  GLY GLY A . n 
A 1 82  PHE 82  82  82  PHE PHE A . n 
A 1 83  LYS 83  83  83  LYS LYS A . n 
A 1 84  ARG 84  84  84  ARG ARG A . n 
A 1 85  MET 85  85  85  MET MET A . n 
A 1 86  GLY 86  86  86  GLY GLY A . n 
A 1 87  VAL 87  87  87  VAL VAL A . n 
A 1 88  ASP 88  88  88  ASP ASP A . n 
A 1 89  LYS 89  89  89  LYS LYS A . n 
A 1 90  ILE 90  90  90  ILE ILE A . n 
A 1 91  ILE 91  91  91  ILE ILE A . n 
A 1 92  PRO 92  92  92  PRO PRO A . n 
A 1 93  VAL 93  93  93  VAL VAL A . n 
A 1 94  ASP 94  94  94  ASP ASP A . n 
A 1 95  LYS 95  95  95  LYS LYS A . n 
A 1 96  LEU 96  96  96  LEU LEU A . n 
A 1 97  VAL 97  97  97  VAL VAL A . n 
A 1 98  LYS 98  98  98  LYS LYS A . n 
A 1 99  GLY 99  99  99  GLY GLY A . n 
A 1 100 LYS 100 100 100 LYS LYS A . n 
A 1 101 PHE 101 101 101 PHE PHE A . n 
A 1 102 GLN 102 102 102 GLN GLN A . n 
A 1 103 ASP 103 103 103 ASP ASP A . n 
A 1 104 ASN 104 104 104 ASN ASN A . n 
A 1 105 PHE 105 105 105 PHE PHE A . n 
A 1 106 GLU 106 106 106 GLU GLU A . n 
A 1 107 PHE 107 107 107 PHE PHE A . n 
A 1 108 VAL 108 108 108 VAL VAL A . n 
A 1 109 GLN 109 109 109 GLN GLN A . n 
A 1 110 TRP 110 110 110 TRP TRP A . n 
A 1 111 PHE 111 111 111 PHE PHE A . n 
A 1 112 LYS 112 112 112 LYS LYS A . n 
A 1 113 LYS 113 113 113 LYS LYS A . n 
A 1 114 PHE 114 114 114 PHE PHE A . n 
A 1 115 PHE 115 115 115 PHE PHE A . n 
A 1 116 ASP 116 116 116 ASP ASP A . n 
A 1 117 ALA 117 117 117 ALA ALA A . n 
A 1 118 ASN 118 118 118 ASN ASN A . n 
A 1 119 TYR 119 119 119 TYR TYR A . n 
A 1 120 ASP 120 120 120 ASP ASP A . n 
A 1 121 GLY 121 121 121 GLY GLY A . n 
A 1 122 LYS 122 122 122 LYS LYS A . n 
A 1 123 ASP 123 123 123 ASP ASP A . n 
A 1 124 TYR 124 124 124 TYR TYR A . n 
A 1 125 ASP 125 125 125 ASP ASP A . n 
A 1 126 PRO 126 126 126 PRO PRO A . n 
A 1 127 VAL 127 127 127 VAL VAL A . n 
A 1 128 ALA 128 128 128 ALA ALA A . n 
A 1 129 ALA 129 129 129 ALA ALA A . n 
A 1 130 ARG 130 130 130 ARG ARG A . n 
# 
loop_
_pdbx_nonpoly_scheme.asym_id 
_pdbx_nonpoly_scheme.entity_id 
_pdbx_nonpoly_scheme.mon_id 
_pdbx_nonpoly_scheme.ndb_seq_num 
_pdbx_nonpoly_scheme.pdb_seq_num 
_pdbx_nonpoly_scheme.auth_seq_num 
_pdbx_nonpoly_scheme.pdb_mon_id 
_pdbx_nonpoly_scheme.auth_mon_id 
_pdbx_nonpoly_scheme.pdb_strand_id 
_pdbx_nonpoly_scheme.pdb_ins_code 
B 2 SO4 1   200 200 SO4 SO4 A . 
C 2 SO4 1   201 201 SO4 SO4 A . 
D 3 HOH 1   202 1   HOH HOH A . 
D 3 HOH 2   203 2   HOH HOH A . 
D 3 HOH 3   204 3   HOH HOH A . 
D 3 HOH 4   205 4   HOH HOH A . 
D 3 HOH 5   206 5   HOH HOH A . 
D 3 HOH 6   207 6   HOH HOH A . 
D 3 HOH 7   208 7   HOH HOH A . 
D 3 HOH 8   209 8   HOH HOH A . 
D 3 HOH 9   210 9   HOH HOH A . 
D 3 HOH 10  211 10  HOH HOH A . 
D 3 HOH 11  212 11  HOH HOH A . 
D 3 HOH 12  213 12  HOH HOH A . 
D 3 HOH 13  214 13  HOH HOH A . 
D 3 HOH 14  215 14  HOH HOH A . 
D 3 HOH 15  216 15  HOH HOH A . 
D 3 HOH 16  217 16  HOH HOH A . 
D 3 HOH 17  218 17  HOH HOH A . 
D 3 HOH 18  219 18  HOH HOH A . 
D 3 HOH 19  220 19  HOH HOH A . 
D 3 HOH 20  221 20  HOH HOH A . 
D 3 HOH 21  222 21  HOH HOH A . 
D 3 HOH 22  223 22  HOH HOH A . 
D 3 HOH 23  224 23  HOH HOH A . 
D 3 HOH 24  225 24  HOH HOH A . 
D 3 HOH 25  226 25  HOH HOH A . 
D 3 HOH 26  227 26  HOH HOH A . 
D 3 HOH 27  228 27  HOH HOH A . 
D 3 HOH 28  229 28  HOH HOH A . 
D 3 HOH 29  230 29  HOH HOH A . 
D 3 HOH 30  231 30  HOH HOH A . 
D 3 HOH 31  232 31  HOH HOH A . 
D 3 HOH 32  233 32  HOH HOH A . 
D 3 HOH 33  234 33  HOH HOH A . 
D 3 HOH 34  235 34  HOH HOH A . 
D 3 HOH 35  236 35  HOH HOH A . 
D 3 HOH 36  237 36  HOH HOH A . 
D 3 HOH 37  238 37  HOH HOH A . 
D 3 HOH 38  239 38  HOH HOH A . 
D 3 HOH 39  240 39  HOH HOH A . 
D 3 HOH 40  241 40  HOH HOH A . 
D 3 HOH 41  242 41  HOH HOH A . 
D 3 HOH 42  243 42  HOH HOH A . 
D 3 HOH 43  244 43  HOH HOH A . 
D 3 HOH 44  245 44  HOH HOH A . 
D 3 HOH 45  246 45  HOH HOH A . 
D 3 HOH 46  247 46  HOH HOH A . 
D 3 HOH 47  248 47  HOH HOH A . 
D 3 HOH 48  249 48  HOH HOH A . 
D 3 HOH 49  250 49  HOH HOH A . 
D 3 HOH 50  251 50  HOH HOH A . 
D 3 HOH 51  252 51  HOH HOH A . 
D 3 HOH 52  253 52  HOH HOH A . 
D 3 HOH 53  254 53  HOH HOH A . 
D 3 HOH 54  255 54  HOH HOH A . 
D 3 HOH 55  256 55  HOH HOH A . 
D 3 HOH 56  257 56  HOH HOH A . 
D 3 HOH 57  258 57  HOH HOH A . 
D 3 HOH 58  259 58  HOH HOH A . 
D 3 HOH 59  260 59  HOH HOH A . 
D 3 HOH 60  261 60  HOH HOH A . 
D 3 HOH 61  262 61  HOH HOH A . 
D 3 HOH 62  263 62  HOH HOH A . 
D 3 HOH 63  264 63  HOH HOH A . 
D 3 HOH 64  265 64  HOH HOH A . 
D 3 HOH 65  266 65  HOH HOH A . 
D 3 HOH 66  267 66  HOH HOH A . 
D 3 HOH 67  268 67  HOH HOH A . 
D 3 HOH 68  269 68  HOH HOH A . 
D 3 HOH 69  270 69  HOH HOH A . 
D 3 HOH 70  271 70  HOH HOH A . 
D 3 HOH 71  272 71  HOH HOH A . 
D 3 HOH 72  273 72  HOH HOH A . 
D 3 HOH 73  274 73  HOH HOH A . 
D 3 HOH 74  275 74  HOH HOH A . 
D 3 HOH 75  276 75  HOH HOH A . 
D 3 HOH 76  277 76  HOH HOH A . 
D 3 HOH 77  278 77  HOH HOH A . 
D 3 HOH 78  279 78  HOH HOH A . 
D 3 HOH 79  280 79  HOH HOH A . 
D 3 HOH 80  281 80  HOH HOH A . 
D 3 HOH 81  282 81  HOH HOH A . 
D 3 HOH 82  283 82  HOH HOH A . 
D 3 HOH 83  284 83  HOH HOH A . 
D 3 HOH 84  285 84  HOH HOH A . 
D 3 HOH 85  286 85  HOH HOH A . 
D 3 HOH 86  287 86  HOH HOH A . 
D 3 HOH 87  288 87  HOH HOH A . 
D 3 HOH 88  289 88  HOH HOH A . 
D 3 HOH 89  290 89  HOH HOH A . 
D 3 HOH 90  291 90  HOH HOH A . 
D 3 HOH 91  292 91  HOH HOH A . 
D 3 HOH 92  293 92  HOH HOH A . 
D 3 HOH 93  294 93  HOH HOH A . 
D 3 HOH 94  295 94  HOH HOH A . 
D 3 HOH 95  296 95  HOH HOH A . 
D 3 HOH 96  297 96  HOH HOH A . 
D 3 HOH 97  298 97  HOH HOH A . 
D 3 HOH 98  299 98  HOH HOH A . 
D 3 HOH 99  300 99  HOH HOH A . 
D 3 HOH 100 301 100 HOH HOH A . 
D 3 HOH 101 302 101 HOH HOH A . 
D 3 HOH 102 303 102 HOH HOH A . 
D 3 HOH 103 304 103 HOH HOH A . 
D 3 HOH 104 305 104 HOH HOH A . 
D 3 HOH 105 306 105 HOH HOH A . 
D 3 HOH 106 307 106 HOH HOH A . 
D 3 HOH 107 308 107 HOH HOH A . 
D 3 HOH 108 309 108 HOH HOH A . 
D 3 HOH 109 310 109 HOH HOH A . 
D 3 HOH 110 311 110 HOH HOH A . 
D 3 HOH 111 312 111 HOH HOH A . 
D 3 HOH 112 313 112 HOH HOH A . 
D 3 HOH 113 314 113 HOH HOH A . 
D 3 HOH 114 315 114 HOH HOH A . 
D 3 HOH 115 316 115 HOH HOH A . 
D 3 HOH 116 317 116 HOH HOH A . 
D 3 HOH 117 318 117 HOH HOH A . 
D 3 HOH 118 319 118 HOH HOH A . 
D 3 HOH 119 320 119 HOH HOH A . 
D 3 HOH 120 321 120 HOH HOH A . 
D 3 HOH 121 322 121 HOH HOH A . 
D 3 HOH 122 323 122 HOH HOH A . 
D 3 HOH 123 324 123 HOH HOH A . 
D 3 HOH 124 325 124 HOH HOH A . 
D 3 HOH 125 326 125 HOH HOH A . 
D 3 HOH 126 327 126 HOH HOH A . 
D 3 HOH 127 328 127 HOH HOH A . 
D 3 HOH 128 329 128 HOH HOH A . 
D 3 HOH 129 330 129 HOH HOH A . 
D 3 HOH 130 331 130 HOH HOH A . 
D 3 HOH 131 332 131 HOH HOH A . 
D 3 HOH 132 333 132 HOH HOH A . 
D 3 HOH 133 334 133 HOH HOH A . 
D 3 HOH 134 335 134 HOH HOH A . 
D 3 HOH 135 336 135 HOH HOH A . 
D 3 HOH 136 337 136 HOH HOH A . 
# 
loop_
_software.name 
_software.classification 
_software.version 
_software.citation_id 
_software.pdbx_ordinal 
REFMAC    refinement       5.1.19 ? 1 
DENZO     'data reduction' .      ? 2 
SCALEPACK 'data scaling'   .      ? 3 
DM        phasing          .      ? 4 
# 
_cell.entry_id           1PA7 
_cell.length_a           31.856 
_cell.length_b           48.453 
_cell.length_c           44.968 
_cell.angle_alpha        90.00 
_cell.angle_beta         103.36 
_cell.angle_gamma        90.00 
_cell.Z_PDB              2 
_cell.pdbx_unique_axis   ? 
# 
_symmetry.entry_id                         1PA7 
_symmetry.space_group_name_H-M             'P 1 21 1' 
_symmetry.pdbx_full_space_group_name_H-M   ? 
_symmetry.cell_setting                     ? 
_symmetry.Int_Tables_number                4 
# 
_exptl.entry_id          1PA7 
_exptl.method            'X-RAY DIFFRACTION' 
_exptl.crystals_number   ? 
# 
_exptl_crystal.id                    1 
_exptl_crystal.density_meas          ? 
_exptl_crystal.density_Matthews      2.00 
_exptl_crystal.density_percent_sol   38.12 
_exptl_crystal.description           ? 
# 
_exptl_crystal_grow.crystal_id      1 
_exptl_crystal_grow.method          'VAPOR DIFFUSION, SITTING DROP' 
_exptl_crystal_grow.temp            298 
_exptl_crystal_grow.temp_details    ? 
_exptl_crystal_grow.pH              6.0 
_exptl_crystal_grow.pdbx_details    'PEG4K, ammonium sulfate, MES, pH 6.0, VAPOR DIFFUSION, SITTING DROP, temperature 298K' 
_exptl_crystal_grow.pdbx_pH_range   . 
# 
_diffrn.id                     1 
_diffrn.ambient_temp           100 
_diffrn.ambient_temp_details   ? 
_diffrn.crystal_id             1 
# 
_diffrn_detector.diffrn_id              1 
_diffrn_detector.detector               CCD 
_diffrn_detector.type                   'ADSC QUANTUM 4' 
_diffrn_detector.pdbx_collection_date   2002-10-07 
_diffrn_detector.details                mirror 
# 
_diffrn_radiation.diffrn_id                        1 
_diffrn_radiation.wavelength_id                    1 
_diffrn_radiation.pdbx_monochromatic_or_laue_m_l   M 
_diffrn_radiation.monochromator                    ? 
_diffrn_radiation.pdbx_diffrn_protocol             MAD 
_diffrn_radiation.pdbx_scattering_type             x-ray 
# 
_diffrn_radiation_wavelength.id           1 
_diffrn_radiation_wavelength.wavelength   0.9800 
_diffrn_radiation_wavelength.wt           1.0 
# 
_diffrn_source.diffrn_id                   1 
_diffrn_source.source                      SYNCHROTRON 
_diffrn_source.type                        'NSLS BEAMLINE X8C' 
_diffrn_source.pdbx_synchrotron_site       NSLS 
_diffrn_source.pdbx_synchrotron_beamline   X8C 
_diffrn_source.pdbx_wavelength             ? 
_diffrn_source.pdbx_wavelength_list        0.9800 
# 
_reflns.entry_id                     1PA7 
_reflns.observed_criterion_sigma_F   ? 
_reflns.observed_criterion_sigma_I   ? 
_reflns.d_resolution_high            1.45 
_reflns.d_resolution_low             20.0 
_reflns.number_all                   ? 
_reflns.number_obs                   23798 
_reflns.percent_possible_obs         ? 
_reflns.pdbx_Rmerge_I_obs            0.042 
_reflns.pdbx_Rsym_value              ? 
_reflns.pdbx_netI_over_sigmaI        ? 
_reflns.B_iso_Wilson_estimate        ? 
_reflns.pdbx_redundancy              ? 
_reflns.R_free_details               ? 
_reflns.limit_h_max                  ? 
_reflns.limit_h_min                  ? 
_reflns.limit_k_max                  ? 
_reflns.limit_k_min                  ? 
_reflns.limit_l_max                  ? 
_reflns.limit_l_min                  ? 
_reflns.observed_criterion_F_max     ? 
_reflns.observed_criterion_F_min     ? 
_reflns.pdbx_ordinal                 1 
_reflns.pdbx_diffrn_id               1 
# 
_reflns_shell.d_res_high             1.45 
_reflns_shell.d_res_low              1.5 
_reflns_shell.percent_possible_all   ? 
_reflns_shell.Rmerge_I_obs           0.228 
_reflns_shell.pdbx_Rsym_value        ? 
_reflns_shell.meanI_over_sigI_obs    ? 
_reflns_shell.pdbx_redundancy        ? 
_reflns_shell.percent_possible_obs   ? 
_reflns_shell.number_unique_all      2278 
_reflns_shell.pdbx_ordinal           1 
_reflns_shell.pdbx_diffrn_id         1 
# 
_refine.entry_id                                 1PA7 
_refine.ls_number_reflns_obs                     22304 
_refine.ls_number_reflns_all                     ? 
_refine.pdbx_ls_sigma_I                          ? 
_refine.pdbx_ls_sigma_F                          0.0 
_refine.pdbx_data_cutoff_high_absF               ? 
_refine.pdbx_data_cutoff_low_absF                ? 
_refine.pdbx_data_cutoff_high_rms_absF           ? 
_refine.ls_d_res_low                             20.0 
_refine.ls_d_res_high                            1.45 
_refine.ls_percent_reflns_obs                    98.82 
_refine.ls_R_factor_obs                          0.17358 
_refine.ls_R_factor_all                          ? 
_refine.ls_R_factor_R_work                       0.17272 
_refine.ls_R_factor_R_free                       0.1886 
_refine.ls_R_factor_R_free_error                 ? 
_refine.ls_R_factor_R_free_error_details         ? 
_refine.ls_percent_reflns_R_free                 5.1 
_refine.ls_number_reflns_R_free                  1211 
_refine.ls_number_parameters                     ? 
_refine.ls_number_restraints                     ? 
_refine.occupancy_min                            ? 
_refine.occupancy_max                            ? 
_refine.correlation_coeff_Fo_to_Fc               0.957 
_refine.correlation_coeff_Fo_to_Fc_free          0.946 
_refine.B_iso_mean                               12.199 
_refine.aniso_B[1][1]                            -0.36 
_refine.aniso_B[2][2]                            -0.03 
_refine.aniso_B[3][3]                            0.47 
_refine.aniso_B[1][2]                            0.00 
_refine.aniso_B[1][3]                            0.17 
_refine.aniso_B[2][3]                            0.00 
_refine.solvent_model_details                    'BABINET MODEL WITH MASK' 
_refine.solvent_model_param_ksol                 ? 
_refine.solvent_model_param_bsol                 ? 
_refine.pdbx_solvent_vdw_probe_radii             1.40 
_refine.pdbx_solvent_ion_probe_radii             0.80 
_refine.pdbx_solvent_shrinkage_radii             0.80 
_refine.pdbx_ls_cross_valid_method               THROUGHOUT 
_refine.details                                  'HYDROGENS HAVE BEEN ADDED IN THE RIDING POSITIONS' 
_refine.pdbx_starting_model                      ? 
_refine.pdbx_method_to_determine_struct          MAD 
_refine.pdbx_isotropic_thermal_model             ? 
_refine.pdbx_stereochemistry_target_values       'MAXIMUM LIKELIHOOD' 
_refine.pdbx_stereochem_target_val_spec_case     ? 
_refine.pdbx_R_Free_selection_details            RANDOM 
_refine.pdbx_overall_ESU_R                       0.066 
_refine.pdbx_overall_ESU_R_Free                  0.064 
_refine.overall_SU_ML                            0.037 
_refine.overall_SU_B                             0.932 
_refine.ls_redundancy_reflns_obs                 ? 
_refine.B_iso_min                                ? 
_refine.B_iso_max                                ? 
_refine.overall_SU_R_Cruickshank_DPI             ? 
_refine.overall_SU_R_free                        ? 
_refine.pdbx_refine_id                           'X-RAY DIFFRACTION' 
_refine.pdbx_TLS_residual_ADP_flag               'LIKELY RESIDUAL' 
_refine.pdbx_diffrn_id                           1 
_refine.pdbx_overall_phase_error                 ? 
_refine.pdbx_overall_SU_R_free_Cruickshank_DPI   ? 
_refine.pdbx_overall_SU_R_Blow_DPI               ? 
_refine.pdbx_overall_SU_R_free_Blow_DPI          ? 
# 
_refine_hist.pdbx_refine_id                   'X-RAY DIFFRACTION' 
_refine_hist.cycle_id                         LAST 
_refine_hist.pdbx_number_atoms_protein        1058 
_refine_hist.pdbx_number_atoms_nucleic_acid   0 
_refine_hist.pdbx_number_atoms_ligand         10 
_refine_hist.number_atoms_solvent             136 
_refine_hist.number_atoms_total               1204 
_refine_hist.d_res_high                       1.45 
_refine_hist.d_res_low                        20.0 
# 
loop_
_refine_ls_restr.type 
_refine_ls_restr.dev_ideal 
_refine_ls_restr.dev_ideal_target 
_refine_ls_restr.weight 
_refine_ls_restr.number 
_refine_ls_restr.pdbx_refine_id 
_refine_ls_restr.pdbx_restraint_function 
r_bond_refined_d         0.020 0.022 ? 1067 'X-RAY DIFFRACTION' ? 
r_bond_other_d           0.002 0.020 ? 943  'X-RAY DIFFRACTION' ? 
r_angle_refined_deg      1.247 1.941 ? 1438 'X-RAY DIFFRACTION' ? 
r_angle_other_deg        0.780 3.000 ? 2184 'X-RAY DIFFRACTION' ? 
r_dihedral_angle_1_deg   5.146 5.000 ? 129  'X-RAY DIFFRACTION' ? 
r_chiral_restr           0.081 0.200 ? 154  'X-RAY DIFFRACTION' ? 
r_gen_planes_refined     0.009 0.020 ? 1177 'X-RAY DIFFRACTION' ? 
r_gen_planes_other       0.013 0.020 ? 223  'X-RAY DIFFRACTION' ? 
r_nbd_refined            0.229 0.200 ? 222  'X-RAY DIFFRACTION' ? 
r_nbd_other              0.218 0.200 ? 1018 'X-RAY DIFFRACTION' ? 
r_nbtor_other            0.083 0.200 ? 578  'X-RAY DIFFRACTION' ? 
r_xyhbond_nbd_refined    0.156 0.200 ? 7    'X-RAY DIFFRACTION' ? 
r_symmetry_vdw_refined   0.071 0.200 ? 3    'X-RAY DIFFRACTION' ? 
r_symmetry_vdw_other     0.276 0.200 ? 14   'X-RAY DIFFRACTION' ? 
r_symmetry_hbond_refined 0.054 0.200 ? 2    'X-RAY DIFFRACTION' ? 
r_mcbond_it              0.788 1.500 ? 646  'X-RAY DIFFRACTION' ? 
r_mcangle_it             1.446 2.000 ? 1037 'X-RAY DIFFRACTION' ? 
r_scbond_it              2.372 3.000 ? 421  'X-RAY DIFFRACTION' ? 
r_scangle_it             3.554 4.500 ? 401  'X-RAY DIFFRACTION' ? 
# 
_refine_ls_shell.pdbx_total_number_of_bins_used   20 
_refine_ls_shell.d_res_high                       1.448 
_refine_ls_shell.d_res_low                        1.486 
_refine_ls_shell.number_reflns_R_work             1554 
_refine_ls_shell.R_factor_R_work                  0.182 
_refine_ls_shell.percent_reflns_obs               ? 
_refine_ls_shell.R_factor_R_free                  0.205 
_refine_ls_shell.R_factor_R_free_error            ? 
_refine_ls_shell.percent_reflns_R_free            ? 
_refine_ls_shell.number_reflns_R_free             90 
_refine_ls_shell.number_reflns_obs                ? 
_refine_ls_shell.redundancy_reflns_obs            ? 
_refine_ls_shell.number_reflns_all                ? 
_refine_ls_shell.pdbx_refine_id                   'X-RAY DIFFRACTION' 
_refine_ls_shell.R_factor_all                     ? 
# 
_struct.entry_id                  1PA7 
_struct.title                     'Crystal structure of amino-terminal microtubule binding domain of EB1' 
_struct.pdbx_model_details        ? 
_struct.pdbx_CASP_flag            ? 
_struct.pdbx_model_type_details   ? 
# 
_struct_keywords.entry_id        1PA7 
_struct_keywords.pdbx_keywords   'STRUCTURAL PROTEIN' 
_struct_keywords.text            'CH domain, STRUCTURAL PROTEIN' 
# 
loop_
_struct_asym.id 
_struct_asym.pdbx_blank_PDB_chainid_flag 
_struct_asym.pdbx_modified 
_struct_asym.entity_id 
_struct_asym.details 
A N N 1 ? 
B N N 2 ? 
C N N 2 ? 
D N N 3 ? 
# 
_struct_ref.id                         1 
_struct_ref.db_name                    UNP 
_struct_ref.db_code                    MARE1_HUMAN 
_struct_ref.entity_id                  1 
_struct_ref.pdbx_seq_one_letter_code   
;MAVNVYSTSVTSDNLSRHDMLAWINESLQLNLTKIEQLCSGAAYCQFMDMLFPGSIALKKVKFQAKLEHEYIQNFKILQA
GFKRMGVDKIIPVDKLVKGKFQDNFEFVQWFKKFFDANYDGKDYDPVAAR
;
_struct_ref.pdbx_align_begin           1 
_struct_ref.pdbx_db_accession          Q15691 
_struct_ref.pdbx_db_isoform            ? 
# 
_struct_ref_seq.align_id                      1 
_struct_ref_seq.ref_id                        1 
_struct_ref_seq.pdbx_PDB_id_code              1PA7 
_struct_ref_seq.pdbx_strand_id                A 
_struct_ref_seq.seq_align_beg                 1 
_struct_ref_seq.pdbx_seq_align_beg_ins_code   ? 
_struct_ref_seq.seq_align_end                 130 
_struct_ref_seq.pdbx_seq_align_end_ins_code   ? 
_struct_ref_seq.pdbx_db_accession             Q15691 
_struct_ref_seq.db_align_beg                  1 
_struct_ref_seq.pdbx_db_align_beg_ins_code    ? 
_struct_ref_seq.db_align_end                  130 
_struct_ref_seq.pdbx_db_align_end_ins_code    ? 
_struct_ref_seq.pdbx_auth_seq_align_beg       1 
_struct_ref_seq.pdbx_auth_seq_align_end       130 
# 
_pdbx_struct_assembly.id                   1 
_pdbx_struct_assembly.details              author_defined_assembly 
_pdbx_struct_assembly.method_details       ? 
_pdbx_struct_assembly.oligomeric_details   monomeric 
_pdbx_struct_assembly.oligomeric_count     1 
# 
_pdbx_struct_assembly_gen.assembly_id       1 
_pdbx_struct_assembly_gen.oper_expression   1 
_pdbx_struct_assembly_gen.asym_id_list      A,B,C,D 
# 
_pdbx_struct_oper_list.id                   1 
_pdbx_struct_oper_list.type                 'identity operation' 
_pdbx_struct_oper_list.name                 1_555 
_pdbx_struct_oper_list.symmetry_operation   x,y,z 
_pdbx_struct_oper_list.matrix[1][1]         1.0000000000 
_pdbx_struct_oper_list.matrix[1][2]         0.0000000000 
_pdbx_struct_oper_list.matrix[1][3]         0.0000000000 
_pdbx_struct_oper_list.vector[1]            0.0000000000 
_pdbx_struct_oper_list.matrix[2][1]         0.0000000000 
_pdbx_struct_oper_list.matrix[2][2]         1.0000000000 
_pdbx_struct_oper_list.matrix[2][3]         0.0000000000 
_pdbx_struct_oper_list.vector[2]            0.0000000000 
_pdbx_struct_oper_list.matrix[3][1]         0.0000000000 
_pdbx_struct_oper_list.matrix[3][2]         0.0000000000 
_pdbx_struct_oper_list.matrix[3][3]         1.0000000000 
_pdbx_struct_oper_list.vector[3]            0.0000000000 
# 
_struct_biol.id                    1 
_struct_biol.pdbx_parent_biol_id   ? 
_struct_biol.details               ? 
# 
loop_
_struct_conf.conf_type_id 
_struct_conf.id 
_struct_conf.pdbx_PDB_helix_id 
_struct_conf.beg_label_comp_id 
_struct_conf.beg_label_asym_id 
_struct_conf.beg_label_seq_id 
_struct_conf.pdbx_beg_PDB_ins_code 
_struct_conf.end_label_comp_id 
_struct_conf.end_label_asym_id 
_struct_conf.end_label_seq_id 
_struct_conf.pdbx_end_PDB_ins_code 
_struct_conf.beg_auth_comp_id 
_struct_conf.beg_auth_asym_id 
_struct_conf.beg_auth_seq_id 
_struct_conf.end_auth_comp_id 
_struct_conf.end_auth_asym_id 
_struct_conf.end_auth_seq_id 
_struct_conf.pdbx_PDB_helix_class 
_struct_conf.details 
_struct_conf.pdbx_PDB_helix_length 
HELX_P HELX_P1 1 SER A 16  ? GLN A 29  ? SER A 16  GLN A 29  1 ? 14 
HELX_P HELX_P2 2 LYS A 34  ? SER A 40  ? LYS A 34  SER A 40  5 ? 7  
HELX_P HELX_P3 3 GLY A 41  ? PHE A 52  ? GLY A 41  PHE A 52  1 ? 12 
HELX_P HELX_P4 4 ALA A 57  ? VAL A 61  ? ALA A 57  VAL A 61  5 ? 5  
HELX_P HELX_P5 5 LEU A 67  ? GLY A 86  ? LEU A 67  GLY A 86  1 ? 20 
HELX_P HELX_P6 6 PRO A 92  ? VAL A 97  ? PRO A 92  VAL A 97  1 ? 6  
HELX_P HELX_P7 7 LYS A 100 ? TYR A 119 ? LYS A 100 TYR A 119 1 ? 20 
# 
_struct_conf_type.id          HELX_P 
_struct_conf_type.criteria    ? 
_struct_conf_type.reference   ? 
# 
loop_
_struct_site.id 
_struct_site.pdbx_evidence_code 
_struct_site.pdbx_auth_asym_id 
_struct_site.pdbx_auth_comp_id 
_struct_site.pdbx_auth_seq_id 
_struct_site.pdbx_auth_ins_code 
_struct_site.pdbx_num_residues 
_struct_site.details 
AC1 Software A SO4 200 ? 4 'BINDING SITE FOR RESIDUE SO4 A 200' 
AC2 Software A SO4 201 ? 4 'BINDING SITE FOR RESIDUE SO4 A 201' 
# 
loop_
_struct_site_gen.id 
_struct_site_gen.site_id 
_struct_site_gen.pdbx_num_res 
_struct_site_gen.label_comp_id 
_struct_site_gen.label_asym_id 
_struct_site_gen.label_seq_id 
_struct_site_gen.pdbx_auth_ins_code 
_struct_site_gen.auth_comp_id 
_struct_site_gen.auth_asym_id 
_struct_site_gen.auth_seq_id 
_struct_site_gen.label_atom_id 
_struct_site_gen.label_alt_id 
_struct_site_gen.symmetry 
_struct_site_gen.details 
1 AC1 4 SER A 16 ? SER A 16  . ? 1_555 ? 
2 AC1 4 ARG A 17 ? ARG A 17  . ? 1_555 ? 
3 AC1 4 HIS A 18 ? HIS A 18  . ? 1_555 ? 
4 AC1 4 HOH D .  ? HOH A 250 . ? 1_555 ? 
5 AC2 4 TYR A 6  ? TYR A 6   . ? 1_555 ? 
6 AC2 4 SER A 7  ? SER A 7   . ? 1_555 ? 
7 AC2 4 HOH D .  ? HOH A 242 . ? 1_555 ? 
8 AC2 4 HOH D .  ? HOH A 289 . ? 1_555 ? 
# 
loop_
_pdbx_validate_rmsd_bond.id 
_pdbx_validate_rmsd_bond.PDB_model_num 
_pdbx_validate_rmsd_bond.auth_atom_id_1 
_pdbx_validate_rmsd_bond.auth_asym_id_1 
_pdbx_validate_rmsd_bond.auth_comp_id_1 
_pdbx_validate_rmsd_bond.auth_seq_id_1 
_pdbx_validate_rmsd_bond.PDB_ins_code_1 
_pdbx_validate_rmsd_bond.label_alt_id_1 
_pdbx_validate_rmsd_bond.auth_atom_id_2 
_pdbx_validate_rmsd_bond.auth_asym_id_2 
_pdbx_validate_rmsd_bond.auth_comp_id_2 
_pdbx_validate_rmsd_bond.auth_seq_id_2 
_pdbx_validate_rmsd_bond.PDB_ins_code_2 
_pdbx_validate_rmsd_bond.label_alt_id_2 
_pdbx_validate_rmsd_bond.bond_value 
_pdbx_validate_rmsd_bond.bond_target_value 
_pdbx_validate_rmsd_bond.bond_deviation 
_pdbx_validate_rmsd_bond.bond_standard_deviation 
_pdbx_validate_rmsd_bond.linker_flag 
1 1 SD A MET 50 ? ? CE  A MET 50 ? ? 1.330 1.774 -0.444 0.056 N 
2 1 CD A ARG 84 ? ? NE  A ARG 84 ? ? 1.209 1.460 -0.251 0.017 N 
3 1 CZ A ARG 84 ? ? NH1 A ARG 84 ? ? 1.473 1.326 0.147  0.013 N 
4 1 CE A LYS 98 ? ? NZ  A LYS 98 ? ? 1.143 1.486 -0.343 0.025 N 
# 
loop_
_pdbx_validate_rmsd_angle.id 
_pdbx_validate_rmsd_angle.PDB_model_num 
_pdbx_validate_rmsd_angle.auth_atom_id_1 
_pdbx_validate_rmsd_angle.auth_asym_id_1 
_pdbx_validate_rmsd_angle.auth_comp_id_1 
_pdbx_validate_rmsd_angle.auth_seq_id_1 
_pdbx_validate_rmsd_angle.PDB_ins_code_1 
_pdbx_validate_rmsd_angle.label_alt_id_1 
_pdbx_validate_rmsd_angle.auth_atom_id_2 
_pdbx_validate_rmsd_angle.auth_asym_id_2 
_pdbx_validate_rmsd_angle.auth_comp_id_2 
_pdbx_validate_rmsd_angle.auth_seq_id_2 
_pdbx_validate_rmsd_angle.PDB_ins_code_2 
_pdbx_validate_rmsd_angle.label_alt_id_2 
_pdbx_validate_rmsd_angle.auth_atom_id_3 
_pdbx_validate_rmsd_angle.auth_asym_id_3 
_pdbx_validate_rmsd_angle.auth_comp_id_3 
_pdbx_validate_rmsd_angle.auth_seq_id_3 
_pdbx_validate_rmsd_angle.PDB_ins_code_3 
_pdbx_validate_rmsd_angle.label_alt_id_3 
_pdbx_validate_rmsd_angle.angle_value 
_pdbx_validate_rmsd_angle.angle_target_value 
_pdbx_validate_rmsd_angle.angle_deviation 
_pdbx_validate_rmsd_angle.angle_standard_deviation 
_pdbx_validate_rmsd_angle.linker_flag 
1 1 CD A ARG 17 ? ? NE A ARG 17 ? ? CZ  A ARG 17 ? ? 139.41 123.60 15.81 1.40 N 
2 1 NE A ARG 17 ? ? CZ A ARG 17 ? ? NH1 A ARG 17 ? ? 114.24 120.30 -6.06 0.50 N 
3 1 CD A ARG 84 ? ? NE A ARG 84 ? ? CZ  A ARG 84 ? ? 132.71 123.60 9.11  1.40 N 
4 1 NE A ARG 84 ? ? CZ A ARG 84 ? ? NH1 A ARG 84 ? ? 116.24 120.30 -4.06 0.50 N 
5 1 CB A ASP 94 ? ? CG A ASP 94 ? ? OD2 A ASP 94 ? ? 124.92 118.30 6.62  0.90 N 
6 1 CD A LYS 98 ? ? CE A LYS 98 ? ? NZ  A LYS 98 ? ? 140.27 111.70 28.57 2.30 N 
# 
_pdbx_refine_tls.id               1 
_pdbx_refine_tls.details          ? 
_pdbx_refine_tls.method           refined 
_pdbx_refine_tls.origin_x         -0.2566 
_pdbx_refine_tls.origin_y         0.3082 
_pdbx_refine_tls.origin_z         -0.0879 
_pdbx_refine_tls.T[1][1]          0.0035 
_pdbx_refine_tls.T[2][2]          0.0035 
_pdbx_refine_tls.T[3][3]          0.0011 
_pdbx_refine_tls.T[1][2]          -0.0002 
_pdbx_refine_tls.T[1][3]          -0.0015 
_pdbx_refine_tls.T[2][3]          0.0013 
_pdbx_refine_tls.L[1][1]          0.2573 
_pdbx_refine_tls.L[2][2]          0.0459 
_pdbx_refine_tls.L[3][3]          0.2021 
_pdbx_refine_tls.L[1][2]          0.0305 
_pdbx_refine_tls.L[1][3]          -0.0027 
_pdbx_refine_tls.L[2][3]          -0.0215 
_pdbx_refine_tls.S[1][1]          -0.0018 
_pdbx_refine_tls.S[1][2]          0.0233 
_pdbx_refine_tls.S[1][3]          0.0096 
_pdbx_refine_tls.S[2][1]          0.0117 
_pdbx_refine_tls.S[2][2]          -0.0037 
_pdbx_refine_tls.S[2][3]          0.0012 
_pdbx_refine_tls.S[3][1]          0.0019 
_pdbx_refine_tls.S[3][2]          -0.0183 
_pdbx_refine_tls.S[3][3]          0.0055 
_pdbx_refine_tls.pdbx_refine_id   'X-RAY DIFFRACTION' 
# 
_pdbx_refine_tls_group.id                  1 
_pdbx_refine_tls_group.refine_tls_id       1 
_pdbx_refine_tls_group.beg_label_asym_id   A 
_pdbx_refine_tls_group.beg_label_seq_id    1 
_pdbx_refine_tls_group.beg_auth_seq_id     1 
_pdbx_refine_tls_group.end_label_asym_id   A 
_pdbx_refine_tls_group.end_label_seq_id    130 
_pdbx_refine_tls_group.end_auth_seq_id     130 
_pdbx_refine_tls_group.selection           ? 
_pdbx_refine_tls_group.beg_auth_asym_id    A 
_pdbx_refine_tls_group.end_auth_asym_id    A 
_pdbx_refine_tls_group.pdbx_refine_id      'X-RAY DIFFRACTION' 
_pdbx_refine_tls_group.selection_details   ? 
# 
loop_
_chem_comp_atom.comp_id 
_chem_comp_atom.atom_id 
_chem_comp_atom.type_symbol 
_chem_comp_atom.pdbx_aromatic_flag 
_chem_comp_atom.pdbx_stereo_config 
_chem_comp_atom.pdbx_ordinal 
ALA N    N N N 1   
ALA CA   C N S 2   
ALA C    C N N 3   
ALA O    O N N 4   
ALA CB   C N N 5   
ALA OXT  O N N 6   
ALA H    H N N 7   
ALA H2   H N N 8   
ALA HA   H N N 9   
ALA HB1  H N N 10  
ALA HB2  H N N 11  
ALA HB3  H N N 12  
ALA HXT  H N N 13  
ARG N    N N N 14  
ARG CA   C N S 15  
ARG C    C N N 16  
ARG O    O N N 17  
ARG CB   C N N 18  
ARG CG   C N N 19  
ARG CD   C N N 20  
ARG NE   N N N 21  
ARG CZ   C N N 22  
ARG NH1  N N N 23  
ARG NH2  N N N 24  
ARG OXT  O N N 25  
ARG H    H N N 26  
ARG H2   H N N 27  
ARG HA   H N N 28  
ARG HB2  H N N 29  
ARG HB3  H N N 30  
ARG HG2  H N N 31  
ARG HG3  H N N 32  
ARG HD2  H N N 33  
ARG HD3  H N N 34  
ARG HE   H N N 35  
ARG HH11 H N N 36  
ARG HH12 H N N 37  
ARG HH21 H N N 38  
ARG HH22 H N N 39  
ARG HXT  H N N 40  
ASN N    N N N 41  
ASN CA   C N S 42  
ASN C    C N N 43  
ASN O    O N N 44  
ASN CB   C N N 45  
ASN CG   C N N 46  
ASN OD1  O N N 47  
ASN ND2  N N N 48  
ASN OXT  O N N 49  
ASN H    H N N 50  
ASN H2   H N N 51  
ASN HA   H N N 52  
ASN HB2  H N N 53  
ASN HB3  H N N 54  
ASN HD21 H N N 55  
ASN HD22 H N N 56  
ASN HXT  H N N 57  
ASP N    N N N 58  
ASP CA   C N S 59  
ASP C    C N N 60  
ASP O    O N N 61  
ASP CB   C N N 62  
ASP CG   C N N 63  
ASP OD1  O N N 64  
ASP OD2  O N N 65  
ASP OXT  O N N 66  
ASP H    H N N 67  
ASP H2   H N N 68  
ASP HA   H N N 69  
ASP HB2  H N N 70  
ASP HB3  H N N 71  
ASP HD2  H N N 72  
ASP HXT  H N N 73  
CYS N    N N N 74  
CYS CA   C N R 75  
CYS C    C N N 76  
CYS O    O N N 77  
CYS CB   C N N 78  
CYS SG   S N N 79  
CYS OXT  O N N 80  
CYS H    H N N 81  
CYS H2   H N N 82  
CYS HA   H N N 83  
CYS HB2  H N N 84  
CYS HB3  H N N 85  
CYS HG   H N N 86  
CYS HXT  H N N 87  
GLN N    N N N 88  
GLN CA   C N S 89  
GLN C    C N N 90  
GLN O    O N N 91  
GLN CB   C N N 92  
GLN CG   C N N 93  
GLN CD   C N N 94  
GLN OE1  O N N 95  
GLN NE2  N N N 96  
GLN OXT  O N N 97  
GLN H    H N N 98  
GLN H2   H N N 99  
GLN HA   H N N 100 
GLN HB2  H N N 101 
GLN HB3  H N N 102 
GLN HG2  H N N 103 
GLN HG3  H N N 104 
GLN HE21 H N N 105 
GLN HE22 H N N 106 
GLN HXT  H N N 107 
GLU N    N N N 108 
GLU CA   C N S 109 
GLU C    C N N 110 
GLU O    O N N 111 
GLU CB   C N N 112 
GLU CG   C N N 113 
GLU CD   C N N 114 
GLU OE1  O N N 115 
GLU OE2  O N N 116 
GLU OXT  O N N 117 
GLU H    H N N 118 
GLU H2   H N N 119 
GLU HA   H N N 120 
GLU HB2  H N N 121 
GLU HB3  H N N 122 
GLU HG2  H N N 123 
GLU HG3  H N N 124 
GLU HE2  H N N 125 
GLU HXT  H N N 126 
GLY N    N N N 127 
GLY CA   C N N 128 
GLY C    C N N 129 
GLY O    O N N 130 
GLY OXT  O N N 131 
GLY H    H N N 132 
GLY H2   H N N 133 
GLY HA2  H N N 134 
GLY HA3  H N N 135 
GLY HXT  H N N 136 
HIS N    N N N 137 
HIS CA   C N S 138 
HIS C    C N N 139 
HIS O    O N N 140 
HIS CB   C N N 141 
HIS CG   C Y N 142 
HIS ND1  N Y N 143 
HIS CD2  C Y N 144 
HIS CE1  C Y N 145 
HIS NE2  N Y N 146 
HIS OXT  O N N 147 
HIS H    H N N 148 
HIS H2   H N N 149 
HIS HA   H N N 150 
HIS HB2  H N N 151 
HIS HB3  H N N 152 
HIS HD1  H N N 153 
HIS HD2  H N N 154 
HIS HE1  H N N 155 
HIS HE2  H N N 156 
HIS HXT  H N N 157 
HOH O    O N N 158 
HOH H1   H N N 159 
HOH H2   H N N 160 
ILE N    N N N 161 
ILE CA   C N S 162 
ILE C    C N N 163 
ILE O    O N N 164 
ILE CB   C N S 165 
ILE CG1  C N N 166 
ILE CG2  C N N 167 
ILE CD1  C N N 168 
ILE OXT  O N N 169 
ILE H    H N N 170 
ILE H2   H N N 171 
ILE HA   H N N 172 
ILE HB   H N N 173 
ILE HG12 H N N 174 
ILE HG13 H N N 175 
ILE HG21 H N N 176 
ILE HG22 H N N 177 
ILE HG23 H N N 178 
ILE HD11 H N N 179 
ILE HD12 H N N 180 
ILE HD13 H N N 181 
ILE HXT  H N N 182 
LEU N    N N N 183 
LEU CA   C N S 184 
LEU C    C N N 185 
LEU O    O N N 186 
LEU CB   C N N 187 
LEU CG   C N N 188 
LEU CD1  C N N 189 
LEU CD2  C N N 190 
LEU OXT  O N N 191 
LEU H    H N N 192 
LEU H2   H N N 193 
LEU HA   H N N 194 
LEU HB2  H N N 195 
LEU HB3  H N N 196 
LEU HG   H N N 197 
LEU HD11 H N N 198 
LEU HD12 H N N 199 
LEU HD13 H N N 200 
LEU HD21 H N N 201 
LEU HD22 H N N 202 
LEU HD23 H N N 203 
LEU HXT  H N N 204 
LYS N    N N N 205 
LYS CA   C N S 206 
LYS C    C N N 207 
LYS O    O N N 208 
LYS CB   C N N 209 
LYS CG   C N N 210 
LYS CD   C N N 211 
LYS CE   C N N 212 
LYS NZ   N N N 213 
LYS OXT  O N N 214 
LYS H    H N N 215 
LYS H2   H N N 216 
LYS HA   H N N 217 
LYS HB2  H N N 218 
LYS HB3  H N N 219 
LYS HG2  H N N 220 
LYS HG3  H N N 221 
LYS HD2  H N N 222 
LYS HD3  H N N 223 
LYS HE2  H N N 224 
LYS HE3  H N N 225 
LYS HZ1  H N N 226 
LYS HZ2  H N N 227 
LYS HZ3  H N N 228 
LYS HXT  H N N 229 
MET N    N N N 230 
MET CA   C N S 231 
MET C    C N N 232 
MET O    O N N 233 
MET CB   C N N 234 
MET CG   C N N 235 
MET SD   S N N 236 
MET CE   C N N 237 
MET OXT  O N N 238 
MET H    H N N 239 
MET H2   H N N 240 
MET HA   H N N 241 
MET HB2  H N N 242 
MET HB3  H N N 243 
MET HG2  H N N 244 
MET HG3  H N N 245 
MET HE1  H N N 246 
MET HE2  H N N 247 
MET HE3  H N N 248 
MET HXT  H N N 249 
PHE N    N N N 250 
PHE CA   C N S 251 
PHE C    C N N 252 
PHE O    O N N 253 
PHE CB   C N N 254 
PHE CG   C Y N 255 
PHE CD1  C Y N 256 
PHE CD2  C Y N 257 
PHE CE1  C Y N 258 
PHE CE2  C Y N 259 
PHE CZ   C Y N 260 
PHE OXT  O N N 261 
PHE H    H N N 262 
PHE H2   H N N 263 
PHE HA   H N N 264 
PHE HB2  H N N 265 
PHE HB3  H N N 266 
PHE HD1  H N N 267 
PHE HD2  H N N 268 
PHE HE1  H N N 269 
PHE HE2  H N N 270 
PHE HZ   H N N 271 
PHE HXT  H N N 272 
PRO N    N N N 273 
PRO CA   C N S 274 
PRO C    C N N 275 
PRO O    O N N 276 
PRO CB   C N N 277 
PRO CG   C N N 278 
PRO CD   C N N 279 
PRO OXT  O N N 280 
PRO H    H N N 281 
PRO HA   H N N 282 
PRO HB2  H N N 283 
PRO HB3  H N N 284 
PRO HG2  H N N 285 
PRO HG3  H N N 286 
PRO HD2  H N N 287 
PRO HD3  H N N 288 
PRO HXT  H N N 289 
SER N    N N N 290 
SER CA   C N S 291 
SER C    C N N 292 
SER O    O N N 293 
SER CB   C N N 294 
SER OG   O N N 295 
SER OXT  O N N 296 
SER H    H N N 297 
SER H2   H N N 298 
SER HA   H N N 299 
SER HB2  H N N 300 
SER HB3  H N N 301 
SER HG   H N N 302 
SER HXT  H N N 303 
SO4 S    S N N 304 
SO4 O1   O N N 305 
SO4 O2   O N N 306 
SO4 O3   O N N 307 
SO4 O4   O N N 308 
THR N    N N N 309 
THR CA   C N S 310 
THR C    C N N 311 
THR O    O N N 312 
THR CB   C N R 313 
THR OG1  O N N 314 
THR CG2  C N N 315 
THR OXT  O N N 316 
THR H    H N N 317 
THR H2   H N N 318 
THR HA   H N N 319 
THR HB   H N N 320 
THR HG1  H N N 321 
THR HG21 H N N 322 
THR HG22 H N N 323 
THR HG23 H N N 324 
THR HXT  H N N 325 
TRP N    N N N 326 
TRP CA   C N S 327 
TRP C    C N N 328 
TRP O    O N N 329 
TRP CB   C N N 330 
TRP CG   C Y N 331 
TRP CD1  C Y N 332 
TRP CD2  C Y N 333 
TRP NE1  N Y N 334 
TRP CE2  C Y N 335 
TRP CE3  C Y N 336 
TRP CZ2  C Y N 337 
TRP CZ3  C Y N 338 
TRP CH2  C Y N 339 
TRP OXT  O N N 340 
TRP H    H N N 341 
TRP H2   H N N 342 
TRP HA   H N N 343 
TRP HB2  H N N 344 
TRP HB3  H N N 345 
TRP HD1  H N N 346 
TRP HE1  H N N 347 
TRP HE3  H N N 348 
TRP HZ2  H N N 349 
TRP HZ3  H N N 350 
TRP HH2  H N N 351 
TRP HXT  H N N 352 
TYR N    N N N 353 
TYR CA   C N S 354 
TYR C    C N N 355 
TYR O    O N N 356 
TYR CB   C N N 357 
TYR CG   C Y N 358 
TYR CD1  C Y N 359 
TYR CD2  C Y N 360 
TYR CE1  C Y N 361 
TYR CE2  C Y N 362 
TYR CZ   C Y N 363 
TYR OH   O N N 364 
TYR OXT  O N N 365 
TYR H    H N N 366 
TYR H2   H N N 367 
TYR HA   H N N 368 
TYR HB2  H N N 369 
TYR HB3  H N N 370 
TYR HD1  H N N 371 
TYR HD2  H N N 372 
TYR HE1  H N N 373 
TYR HE2  H N N 374 
TYR HH   H N N 375 
TYR HXT  H N N 376 
VAL N    N N N 377 
VAL CA   C N S 378 
VAL C    C N N 379 
VAL O    O N N 380 
VAL CB   C N N 381 
VAL CG1  C N N 382 
VAL CG2  C N N 383 
VAL OXT  O N N 384 
VAL H    H N N 385 
VAL H2   H N N 386 
VAL HA   H N N 387 
VAL HB   H N N 388 
VAL HG11 H N N 389 
VAL HG12 H N N 390 
VAL HG13 H N N 391 
VAL HG21 H N N 392 
VAL HG22 H N N 393 
VAL HG23 H N N 394 
VAL HXT  H N N 395 
# 
loop_
_chem_comp_bond.comp_id 
_chem_comp_bond.atom_id_1 
_chem_comp_bond.atom_id_2 
_chem_comp_bond.value_order 
_chem_comp_bond.pdbx_aromatic_flag 
_chem_comp_bond.pdbx_stereo_config 
_chem_comp_bond.pdbx_ordinal 
ALA N   CA   sing N N 1   
ALA N   H    sing N N 2   
ALA N   H2   sing N N 3   
ALA CA  C    sing N N 4   
ALA CA  CB   sing N N 5   
ALA CA  HA   sing N N 6   
ALA C   O    doub N N 7   
ALA C   OXT  sing N N 8   
ALA CB  HB1  sing N N 9   
ALA CB  HB2  sing N N 10  
ALA CB  HB3  sing N N 11  
ALA OXT HXT  sing N N 12  
ARG N   CA   sing N N 13  
ARG N   H    sing N N 14  
ARG N   H2   sing N N 15  
ARG CA  C    sing N N 16  
ARG CA  CB   sing N N 17  
ARG CA  HA   sing N N 18  
ARG C   O    doub N N 19  
ARG C   OXT  sing N N 20  
ARG CB  CG   sing N N 21  
ARG CB  HB2  sing N N 22  
ARG CB  HB3  sing N N 23  
ARG CG  CD   sing N N 24  
ARG CG  HG2  sing N N 25  
ARG CG  HG3  sing N N 26  
ARG CD  NE   sing N N 27  
ARG CD  HD2  sing N N 28  
ARG CD  HD3  sing N N 29  
ARG NE  CZ   sing N N 30  
ARG NE  HE   sing N N 31  
ARG CZ  NH1  sing N N 32  
ARG CZ  NH2  doub N N 33  
ARG NH1 HH11 sing N N 34  
ARG NH1 HH12 sing N N 35  
ARG NH2 HH21 sing N N 36  
ARG NH2 HH22 sing N N 37  
ARG OXT HXT  sing N N 38  
ASN N   CA   sing N N 39  
ASN N   H    sing N N 40  
ASN N   H2   sing N N 41  
ASN CA  C    sing N N 42  
ASN CA  CB   sing N N 43  
ASN CA  HA   sing N N 44  
ASN C   O    doub N N 45  
ASN C   OXT  sing N N 46  
ASN CB  CG   sing N N 47  
ASN CB  HB2  sing N N 48  
ASN CB  HB3  sing N N 49  
ASN CG  OD1  doub N N 50  
ASN CG  ND2  sing N N 51  
ASN ND2 HD21 sing N N 52  
ASN ND2 HD22 sing N N 53  
ASN OXT HXT  sing N N 54  
ASP N   CA   sing N N 55  
ASP N   H    sing N N 56  
ASP N   H2   sing N N 57  
ASP CA  C    sing N N 58  
ASP CA  CB   sing N N 59  
ASP CA  HA   sing N N 60  
ASP C   O    doub N N 61  
ASP C   OXT  sing N N 62  
ASP CB  CG   sing N N 63  
ASP CB  HB2  sing N N 64  
ASP CB  HB3  sing N N 65  
ASP CG  OD1  doub N N 66  
ASP CG  OD2  sing N N 67  
ASP OD2 HD2  sing N N 68  
ASP OXT HXT  sing N N 69  
CYS N   CA   sing N N 70  
CYS N   H    sing N N 71  
CYS N   H2   sing N N 72  
CYS CA  C    sing N N 73  
CYS CA  CB   sing N N 74  
CYS CA  HA   sing N N 75  
CYS C   O    doub N N 76  
CYS C   OXT  sing N N 77  
CYS CB  SG   sing N N 78  
CYS CB  HB2  sing N N 79  
CYS CB  HB3  sing N N 80  
CYS SG  HG   sing N N 81  
CYS OXT HXT  sing N N 82  
GLN N   CA   sing N N 83  
GLN N   H    sing N N 84  
GLN N   H2   sing N N 85  
GLN CA  C    sing N N 86  
GLN CA  CB   sing N N 87  
GLN CA  HA   sing N N 88  
GLN C   O    doub N N 89  
GLN C   OXT  sing N N 90  
GLN CB  CG   sing N N 91  
GLN CB  HB2  sing N N 92  
GLN CB  HB3  sing N N 93  
GLN CG  CD   sing N N 94  
GLN CG  HG2  sing N N 95  
GLN CG  HG3  sing N N 96  
GLN CD  OE1  doub N N 97  
GLN CD  NE2  sing N N 98  
GLN NE2 HE21 sing N N 99  
GLN NE2 HE22 sing N N 100 
GLN OXT HXT  sing N N 101 
GLU N   CA   sing N N 102 
GLU N   H    sing N N 103 
GLU N   H2   sing N N 104 
GLU CA  C    sing N N 105 
GLU CA  CB   sing N N 106 
GLU CA  HA   sing N N 107 
GLU C   O    doub N N 108 
GLU C   OXT  sing N N 109 
GLU CB  CG   sing N N 110 
GLU CB  HB2  sing N N 111 
GLU CB  HB3  sing N N 112 
GLU CG  CD   sing N N 113 
GLU CG  HG2  sing N N 114 
GLU CG  HG3  sing N N 115 
GLU CD  OE1  doub N N 116 
GLU CD  OE2  sing N N 117 
GLU OE2 HE2  sing N N 118 
GLU OXT HXT  sing N N 119 
GLY N   CA   sing N N 120 
GLY N   H    sing N N 121 
GLY N   H2   sing N N 122 
GLY CA  C    sing N N 123 
GLY CA  HA2  sing N N 124 
GLY CA  HA3  sing N N 125 
GLY C   O    doub N N 126 
GLY C   OXT  sing N N 127 
GLY OXT HXT  sing N N 128 
HIS N   CA   sing N N 129 
HIS N   H    sing N N 130 
HIS N   H2   sing N N 131 
HIS CA  C    sing N N 132 
HIS CA  CB   sing N N 133 
HIS CA  HA   sing N N 134 
HIS C   O    doub N N 135 
HIS C   OXT  sing N N 136 
HIS CB  CG   sing N N 137 
HIS CB  HB2  sing N N 138 
HIS CB  HB3  sing N N 139 
HIS CG  ND1  sing Y N 140 
HIS CG  CD2  doub Y N 141 
HIS ND1 CE1  doub Y N 142 
HIS ND1 HD1  sing N N 143 
HIS CD2 NE2  sing Y N 144 
HIS CD2 HD2  sing N N 145 
HIS CE1 NE2  sing Y N 146 
HIS CE1 HE1  sing N N 147 
HIS NE2 HE2  sing N N 148 
HIS OXT HXT  sing N N 149 
HOH O   H1   sing N N 150 
HOH O   H2   sing N N 151 
ILE N   CA   sing N N 152 
ILE N   H    sing N N 153 
ILE N   H2   sing N N 154 
ILE CA  C    sing N N 155 
ILE CA  CB   sing N N 156 
ILE CA  HA   sing N N 157 
ILE C   O    doub N N 158 
ILE C   OXT  sing N N 159 
ILE CB  CG1  sing N N 160 
ILE CB  CG2  sing N N 161 
ILE CB  HB   sing N N 162 
ILE CG1 CD1  sing N N 163 
ILE CG1 HG12 sing N N 164 
ILE CG1 HG13 sing N N 165 
ILE CG2 HG21 sing N N 166 
ILE CG2 HG22 sing N N 167 
ILE CG2 HG23 sing N N 168 
ILE CD1 HD11 sing N N 169 
ILE CD1 HD12 sing N N 170 
ILE CD1 HD13 sing N N 171 
ILE OXT HXT  sing N N 172 
LEU N   CA   sing N N 173 
LEU N   H    sing N N 174 
LEU N   H2   sing N N 175 
LEU CA  C    sing N N 176 
LEU CA  CB   sing N N 177 
LEU CA  HA   sing N N 178 
LEU C   O    doub N N 179 
LEU C   OXT  sing N N 180 
LEU CB  CG   sing N N 181 
LEU CB  HB2  sing N N 182 
LEU CB  HB3  sing N N 183 
LEU CG  CD1  sing N N 184 
LEU CG  CD2  sing N N 185 
LEU CG  HG   sing N N 186 
LEU CD1 HD11 sing N N 187 
LEU CD1 HD12 sing N N 188 
LEU CD1 HD13 sing N N 189 
LEU CD2 HD21 sing N N 190 
LEU CD2 HD22 sing N N 191 
LEU CD2 HD23 sing N N 192 
LEU OXT HXT  sing N N 193 
LYS N   CA   sing N N 194 
LYS N   H    sing N N 195 
LYS N   H2   sing N N 196 
LYS CA  C    sing N N 197 
LYS CA  CB   sing N N 198 
LYS CA  HA   sing N N 199 
LYS C   O    doub N N 200 
LYS C   OXT  sing N N 201 
LYS CB  CG   sing N N 202 
LYS CB  HB2  sing N N 203 
LYS CB  HB3  sing N N 204 
LYS CG  CD   sing N N 205 
LYS CG  HG2  sing N N 206 
LYS CG  HG3  sing N N 207 
LYS CD  CE   sing N N 208 
LYS CD  HD2  sing N N 209 
LYS CD  HD3  sing N N 210 
LYS CE  NZ   sing N N 211 
LYS CE  HE2  sing N N 212 
LYS CE  HE3  sing N N 213 
LYS NZ  HZ1  sing N N 214 
LYS NZ  HZ2  sing N N 215 
LYS NZ  HZ3  sing N N 216 
LYS OXT HXT  sing N N 217 
MET N   CA   sing N N 218 
MET N   H    sing N N 219 
MET N   H2   sing N N 220 
MET CA  C    sing N N 221 
MET CA  CB   sing N N 222 
MET CA  HA   sing N N 223 
MET C   O    doub N N 224 
MET C   OXT  sing N N 225 
MET CB  CG   sing N N 226 
MET CB  HB2  sing N N 227 
MET CB  HB3  sing N N 228 
MET CG  SD   sing N N 229 
MET CG  HG2  sing N N 230 
MET CG  HG3  sing N N 231 
MET SD  CE   sing N N 232 
MET CE  HE1  sing N N 233 
MET CE  HE2  sing N N 234 
MET CE  HE3  sing N N 235 
MET OXT HXT  sing N N 236 
PHE N   CA   sing N N 237 
PHE N   H    sing N N 238 
PHE N   H2   sing N N 239 
PHE CA  C    sing N N 240 
PHE CA  CB   sing N N 241 
PHE CA  HA   sing N N 242 
PHE C   O    doub N N 243 
PHE C   OXT  sing N N 244 
PHE CB  CG   sing N N 245 
PHE CB  HB2  sing N N 246 
PHE CB  HB3  sing N N 247 
PHE CG  CD1  doub Y N 248 
PHE CG  CD2  sing Y N 249 
PHE CD1 CE1  sing Y N 250 
PHE CD1 HD1  sing N N 251 
PHE CD2 CE2  doub Y N 252 
PHE CD2 HD2  sing N N 253 
PHE CE1 CZ   doub Y N 254 
PHE CE1 HE1  sing N N 255 
PHE CE2 CZ   sing Y N 256 
PHE CE2 HE2  sing N N 257 
PHE CZ  HZ   sing N N 258 
PHE OXT HXT  sing N N 259 
PRO N   CA   sing N N 260 
PRO N   CD   sing N N 261 
PRO N   H    sing N N 262 
PRO CA  C    sing N N 263 
PRO CA  CB   sing N N 264 
PRO CA  HA   sing N N 265 
PRO C   O    doub N N 266 
PRO C   OXT  sing N N 267 
PRO CB  CG   sing N N 268 
PRO CB  HB2  sing N N 269 
PRO CB  HB3  sing N N 270 
PRO CG  CD   sing N N 271 
PRO CG  HG2  sing N N 272 
PRO CG  HG3  sing N N 273 
PRO CD  HD2  sing N N 274 
PRO CD  HD3  sing N N 275 
PRO OXT HXT  sing N N 276 
SER N   CA   sing N N 277 
SER N   H    sing N N 278 
SER N   H2   sing N N 279 
SER CA  C    sing N N 280 
SER CA  CB   sing N N 281 
SER CA  HA   sing N N 282 
SER C   O    doub N N 283 
SER C   OXT  sing N N 284 
SER CB  OG   sing N N 285 
SER CB  HB2  sing N N 286 
SER CB  HB3  sing N N 287 
SER OG  HG   sing N N 288 
SER OXT HXT  sing N N 289 
SO4 S   O1   doub N N 290 
SO4 S   O2   doub N N 291 
SO4 S   O3   sing N N 292 
SO4 S   O4   sing N N 293 
THR N   CA   sing N N 294 
THR N   H    sing N N 295 
THR N   H2   sing N N 296 
THR CA  C    sing N N 297 
THR CA  CB   sing N N 298 
THR CA  HA   sing N N 299 
THR C   O    doub N N 300 
THR C   OXT  sing N N 301 
THR CB  OG1  sing N N 302 
THR CB  CG2  sing N N 303 
THR CB  HB   sing N N 304 
THR OG1 HG1  sing N N 305 
THR CG2 HG21 sing N N 306 
THR CG2 HG22 sing N N 307 
THR CG2 HG23 sing N N 308 
THR OXT HXT  sing N N 309 
TRP N   CA   sing N N 310 
TRP N   H    sing N N 311 
TRP N   H2   sing N N 312 
TRP CA  C    sing N N 313 
TRP CA  CB   sing N N 314 
TRP CA  HA   sing N N 315 
TRP C   O    doub N N 316 
TRP C   OXT  sing N N 317 
TRP CB  CG   sing N N 318 
TRP CB  HB2  sing N N 319 
TRP CB  HB3  sing N N 320 
TRP CG  CD1  doub Y N 321 
TRP CG  CD2  sing Y N 322 
TRP CD1 NE1  sing Y N 323 
TRP CD1 HD1  sing N N 324 
TRP CD2 CE2  doub Y N 325 
TRP CD2 CE3  sing Y N 326 
TRP NE1 CE2  sing Y N 327 
TRP NE1 HE1  sing N N 328 
TRP CE2 CZ2  sing Y N 329 
TRP CE3 CZ3  doub Y N 330 
TRP CE3 HE3  sing N N 331 
TRP CZ2 CH2  doub Y N 332 
TRP CZ2 HZ2  sing N N 333 
TRP CZ3 CH2  sing Y N 334 
TRP CZ3 HZ3  sing N N 335 
TRP CH2 HH2  sing N N 336 
TRP OXT HXT  sing N N 337 
TYR N   CA   sing N N 338 
TYR N   H    sing N N 339 
TYR N   H2   sing N N 340 
TYR CA  C    sing N N 341 
TYR CA  CB   sing N N 342 
TYR CA  HA   sing N N 343 
TYR C   O    doub N N 344 
TYR C   OXT  sing N N 345 
TYR CB  CG   sing N N 346 
TYR CB  HB2  sing N N 347 
TYR CB  HB3  sing N N 348 
TYR CG  CD1  doub Y N 349 
TYR CG  CD2  sing Y N 350 
TYR CD1 CE1  sing Y N 351 
TYR CD1 HD1  sing N N 352 
TYR CD2 CE2  doub Y N 353 
TYR CD2 HD2  sing N N 354 
TYR CE1 CZ   doub Y N 355 
TYR CE1 HE1  sing N N 356 
TYR CE2 CZ   sing Y N 357 
TYR CE2 HE2  sing N N 358 
TYR CZ  OH   sing N N 359 
TYR OH  HH   sing N N 360 
TYR OXT HXT  sing N N 361 
VAL N   CA   sing N N 362 
VAL N   H    sing N N 363 
VAL N   H2   sing N N 364 
VAL CA  C    sing N N 365 
VAL CA  CB   sing N N 366 
VAL CA  HA   sing N N 367 
VAL C   O    doub N N 368 
VAL C   OXT  sing N N 369 
VAL CB  CG1  sing N N 370 
VAL CB  CG2  sing N N 371 
VAL CB  HB   sing N N 372 
VAL CG1 HG11 sing N N 373 
VAL CG1 HG12 sing N N 374 
VAL CG1 HG13 sing N N 375 
VAL CG2 HG21 sing N N 376 
VAL CG2 HG22 sing N N 377 
VAL CG2 HG23 sing N N 378 
VAL OXT HXT  sing N N 379 
# 
_atom_sites.entry_id                    1PA7 
_atom_sites.fract_transf_matrix[1][1]   0.03103727 
_atom_sites.fract_transf_matrix[1][2]   0.00382543 
_atom_sites.fract_transf_matrix[1][3]   -0.00793888 
_atom_sites.fract_transf_matrix[2][1]   -0.00197315 
_atom_sites.fract_transf_matrix[2][2]   -0.01440021 
_atom_sites.fract_transf_matrix[2][3]   -0.01465295 
_atom_sites.fract_transf_matrix[3][1]   -0.00060933 
_atom_sites.fract_transf_matrix[3][2]   0.01633750 
_atom_sites.fract_transf_matrix[3][3]   -0.01597364 
_atom_sites.fract_transf_vector[1]      0.338079 
_atom_sites.fract_transf_vector[2]      0.483388 
_atom_sites.fract_transf_vector[3]      0.740544 
# 
loop_
_atom_type.symbol 
C 
N 
O 
S 
# 
loop_
_atom_site.group_PDB 
_atom_site.id 
_atom_site.type_symbol 
_atom_site.label_atom_id 
_atom_site.label_alt_id 
_atom_site.label_comp_id 
_atom_site.label_asym_id 
_atom_site.label_entity_id 
_atom_site.label_seq_id 
_atom_site.pdbx_PDB_ins_code 
_atom_site.Cartn_x 
_atom_site.Cartn_y 
_atom_site.Cartn_z 
_atom_site.occupancy 
_atom_site.B_iso_or_equiv 
_atom_site.pdbx_formal_charge 
_atom_site.auth_seq_id 
_atom_site.auth_comp_id 
_atom_site.auth_asym_id 
_atom_site.auth_atom_id 
_atom_site.pdbx_PDB_model_num 
ATOM   1    N N   . MET A 1 1   ? 5.300   -12.998 11.418  1.00 21.55 ? 1   MET A N   1 
ATOM   2    C CA  . MET A 1 1   ? 4.755   -11.661 11.783  1.00 20.53 ? 1   MET A CA  1 
ATOM   3    C C   . MET A 1 1   ? 5.633   -10.484 11.333  1.00 17.92 ? 1   MET A C   1 
ATOM   4    O O   . MET A 1 1   ? 6.872   -10.499 11.387  1.00 17.70 ? 1   MET A O   1 
ATOM   5    C CB  . MET A 1 1   ? 4.462   -11.564 13.272  1.00 22.32 ? 1   MET A CB  1 
ATOM   6    C CG  . MET A 1 1   ? 3.358   -12.550 13.739  1.00 26.55 ? 1   MET A CG  1 
ATOM   7    S SD  . MET A 1 1   ? 1.765   -12.436 12.821  1.00 35.37 ? 1   MET A SD  1 
ATOM   8    C CE  . MET A 1 1   ? 0.616   -12.136 14.199  1.00 33.62 ? 1   MET A CE  1 
ATOM   9    N N   . ALA A 1 2   ? 4.945   -9.457  10.867  1.00 14.22 ? 2   ALA A N   1 
ATOM   10   C CA  . ALA A 1 2   ? 5.605   -8.274  10.343  1.00 11.81 ? 2   ALA A CA  1 
ATOM   11   C C   . ALA A 1 2   ? 6.263   -7.434  11.432  1.00 11.06 ? 2   ALA A C   1 
ATOM   12   O O   . ALA A 1 2   ? 5.902   -7.496  12.620  1.00 11.76 ? 2   ALA A O   1 
ATOM   13   C CB  . ALA A 1 2   ? 4.609   -7.453  9.591   1.00 11.26 ? 2   ALA A CB  1 
ATOM   14   N N   . VAL A 1 3   ? 7.223   -6.622  11.000  1.00 9.10  ? 3   VAL A N   1 
ATOM   15   C CA  . VAL A 1 3   ? 7.807   -5.557  11.822  1.00 8.87  ? 3   VAL A CA  1 
ATOM   16   C C   . VAL A 1 3   ? 6.873   -4.361  11.751  1.00 9.09  ? 3   VAL A C   1 
ATOM   17   O O   . VAL A 1 3   ? 6.570   -3.854  10.663  1.00 9.54  ? 3   VAL A O   1 
ATOM   18   C CB  . VAL A 1 3   ? 9.197   -5.155  11.301  1.00 9.40  ? 3   VAL A CB  1 
ATOM   19   C CG1 . VAL A 1 3   ? 9.804   -4.005  12.134  1.00 9.55  ? 3   VAL A CG1 1 
ATOM   20   C CG2 . VAL A 1 3   ? 10.160  -6.347  11.263  1.00 11.08 ? 3   VAL A CG2 1 
ATOM   21   N N   . ASN A 1 4   ? 6.376   -3.924  12.896  1.00 9.00  ? 4   ASN A N   1 
ATOM   22   C CA  . ASN A 1 4   ? 5.528   -2.746  12.979  1.00 8.39  ? 4   ASN A CA  1 
ATOM   23   C C   . ASN A 1 4   ? 6.322   -1.455  13.064  1.00 8.67  ? 4   ASN A C   1 
ATOM   24   O O   . ASN A 1 4   ? 7.475   -1.439  13.510  1.00 10.46 ? 4   ASN A O   1 
ATOM   25   C CB  . ASN A 1 4   ? 4.549   -2.871  14.144  1.00 8.68  ? 4   ASN A CB  1 
ATOM   26   C CG  . ASN A 1 4   ? 3.442   -3.826  13.831  1.00 9.04  ? 4   ASN A CG  1 
ATOM   27   O OD1 . ASN A 1 4   ? 2.696   -3.625  12.878  1.00 11.06 ? 4   ASN A OD1 1 
ATOM   28   N ND2 . ASN A 1 4   ? 3.329   -4.885  14.605  1.00 11.36 ? 4   ASN A ND2 1 
ATOM   29   N N   . VAL A 1 5   ? 5.704   -0.406  12.550  1.00 8.55  ? 5   VAL A N   1 
ATOM   30   C CA  . VAL A 1 5   ? 6.295   0.925   12.518  1.00 8.74  ? 5   VAL A CA  1 
ATOM   31   C C   . VAL A 1 5   ? 5.346   1.899   13.218  1.00 8.58  ? 5   VAL A C   1 
ATOM   32   O O   . VAL A 1 5   ? 4.164   1.968   12.923  1.00 8.51  ? 5   VAL A O   1 
ATOM   33   C CB  . VAL A 1 5   ? 6.599   1.381   11.083  1.00 8.51  ? 5   VAL A CB  1 
ATOM   34   C CG1 . VAL A 1 5   ? 7.094   2.825   11.067  1.00 9.65  ? 5   VAL A CG1 1 
ATOM   35   C CG2 . VAL A 1 5   ? 7.627   0.470   10.484  1.00 9.93  ? 5   VAL A CG2 1 
ATOM   36   N N   . TYR A 1 6   ? 5.901   2.611   14.198  1.00 8.26  ? 6   TYR A N   1 
ATOM   37   C CA  . TYR A 1 6   ? 5.183   3.557   15.030  1.00 8.16  ? 6   TYR A CA  1 
ATOM   38   C C   . TYR A 1 6   ? 5.721   4.959   14.816  1.00 7.71  ? 6   TYR A C   1 
ATOM   39   O O   . TYR A 1 6   ? 6.801   5.148   14.256  1.00 7.60  ? 6   TYR A O   1 
ATOM   40   C CB  . TYR A 1 6   ? 5.327   3.134   16.501  1.00 8.43  ? 6   TYR A CB  1 
ATOM   41   C CG  . TYR A 1 6   ? 4.894   1.713   16.713  1.00 7.50  ? 6   TYR A CG  1 
ATOM   42   C CD1 . TYR A 1 6   ? 3.555   1.427   16.889  1.00 6.92  ? 6   TYR A CD1 1 
ATOM   43   C CD2 . TYR A 1 6   ? 5.794   0.653   16.724  1.00 7.50  ? 6   TYR A CD2 1 
ATOM   44   C CE1 . TYR A 1 6   ? 3.096   0.120   17.042  1.00 9.24  ? 6   TYR A CE1 1 
ATOM   45   C CE2 . TYR A 1 6   ? 5.327   -0.675  16.890  1.00 8.94  ? 6   TYR A CE2 1 
ATOM   46   C CZ  . TYR A 1 6   ? 3.997   -0.902  17.070  1.00 8.87  ? 6   TYR A CZ  1 
ATOM   47   O OH  . TYR A 1 6   ? 3.524   -2.198  17.227  1.00 12.29 ? 6   TYR A OH  1 
ATOM   48   N N   . SER A 1 7   ? 4.998   5.942   15.325  1.00 9.18  ? 7   SER A N   1 
ATOM   49   C CA  . SER A 1 7   ? 5.495   7.304   15.286  1.00 9.60  ? 7   SER A CA  1 
ATOM   50   C C   . SER A 1 7   ? 6.827   7.484   16.044  1.00 8.75  ? 7   SER A C   1 
ATOM   51   O O   . SER A 1 7   ? 7.609   8.361   15.715  1.00 10.36 ? 7   SER A O   1 
ATOM   52   C CB  . SER A 1 7   ? 4.440   8.283   15.821  1.00 10.41 ? 7   SER A CB  1 
ATOM   53   O OG  . SER A 1 7   ? 3.306   8.312   14.959  1.00 17.64 ? 7   SER A OG  1 
ATOM   54   N N   . THR A 1 8   ? 7.087   6.634   17.039  1.00 6.87  ? 8   THR A N   1 
ATOM   55   C CA  . THR A 1 8   ? 8.337   6.665   17.783  1.00 7.37  ? 8   THR A CA  1 
ATOM   56   C C   . THR A 1 8   ? 9.460   5.846   17.149  1.00 7.21  ? 8   THR A C   1 
ATOM   57   O O   . THR A 1 8   ? 10.587  5.888   17.613  1.00 7.91  ? 8   THR A O   1 
ATOM   58   C CB  . THR A 1 8   ? 8.101   6.157   19.203  1.00 6.94  ? 8   THR A CB  1 
ATOM   59   O OG1 . THR A 1 8   ? 7.460   4.871   19.171  1.00 6.64  ? 8   THR A OG1 1 
ATOM   60   C CG2 . THR A 1 8   ? 7.209   7.126   20.003  1.00 6.78  ? 8   THR A CG2 1 
ATOM   61   N N   . SER A 1 9   ? 9.162   5.073   16.113  1.00 7.66  ? 9   SER A N   1 
ATOM   62   C CA  . SER A 1 9   ? 10.217  4.360   15.388  1.00 7.97  ? 9   SER A CA  1 
ATOM   63   C C   . SER A 1 9   ? 11.179  5.340   14.705  1.00 8.86  ? 9   SER A C   1 
ATOM   64   O O   . SER A 1 9   ? 10.767  6.385   14.200  1.00 9.87  ? 9   SER A O   1 
ATOM   65   C CB  . SER A 1 9   ? 9.605   3.449   14.329  1.00 8.72  ? 9   SER A CB  1 
ATOM   66   O OG  . SER A 1 9   ? 8.737   2.507   14.904  1.00 8.67  ? 9   SER A OG  1 
ATOM   67   N N   . VAL A 1 10  ? 12.452  4.987   14.687  1.00 9.46  ? 10  VAL A N   1 
ATOM   68   C CA  . VAL A 1 10  ? 13.471  5.720   13.946  1.00 10.27 ? 10  VAL A CA  1 
ATOM   69   C C   . VAL A 1 10  ? 13.432  5.164   12.532  1.00 10.35 ? 10  VAL A C   1 
ATOM   70   O O   . VAL A 1 10  ? 13.586  3.966   12.329  1.00 11.71 ? 10  VAL A O   1 
ATOM   71   C CB  . VAL A 1 10  ? 14.862  5.531   14.573  1.00 11.29 ? 10  VAL A CB  1 
ATOM   72   C CG1 . VAL A 1 10  ? 15.946  6.136   13.695  1.00 12.73 ? 10  VAL A CG1 1 
ATOM   73   C CG2 . VAL A 1 10  ? 14.899  6.148   15.953  1.00 13.07 ? 10  VAL A CG2 1 
ATOM   74   N N   . THR A 1 11  ? 13.161  6.035   11.580  1.00 9.36  ? 11  THR A N   1 
ATOM   75   C CA  . THR A 1 11  ? 13.006  5.637   10.179  1.00 9.78  ? 11  THR A CA  1 
ATOM   76   C C   . THR A 1 11  ? 13.780  6.566   9.266   1.00 10.07 ? 11  THR A C   1 
ATOM   77   O O   . THR A 1 11  ? 14.292  7.623   9.671   1.00 11.31 ? 11  THR A O   1 
ATOM   78   C CB  . THR A 1 11  ? 11.526  5.679   9.768   1.00 9.04  ? 11  THR A CB  1 
ATOM   79   O OG1 . THR A 1 11  ? 11.097  7.030   9.770   1.00 9.99  ? 11  THR A OG1 1 
ATOM   80   C CG2 . THR A 1 11  ? 10.619  4.920   10.751  1.00 10.42 ? 11  THR A CG2 1 
ATOM   81   N N   . SER A 1 12  ? 13.860  6.165   8.003   1.00 10.82 ? 12  SER A N   1 
ATOM   82   C CA  . SER A 1 12  ? 14.381  7.047   6.963   1.00 11.43 ? 12  SER A CA  1 
ATOM   83   C C   . SER A 1 12  ? 13.540  8.305   6.869   1.00 11.47 ? 12  SER A C   1 
ATOM   84   O O   . SER A 1 12  ? 12.394  8.378   7.324   1.00 11.78 ? 12  SER A O   1 
ATOM   85   C CB  . SER A 1 12  ? 14.389  6.333   5.610   1.00 11.18 ? 12  SER A CB  1 
ATOM   86   O OG  . SER A 1 12  ? 15.195  5.190   5.678   1.00 14.20 ? 12  SER A OG  1 
ATOM   87   N N   . ASP A 1 13  ? 14.115  9.303   6.217   1.00 13.08 ? 13  ASP A N   1 
ATOM   88   C CA  . ASP A 1 13  ? 13.391  10.522  5.964   1.00 14.20 ? 13  ASP A CA  1 
ATOM   89   C C   . ASP A 1 13  ? 12.177  10.264  5.056   1.00 13.10 ? 13  ASP A C   1 
ATOM   90   O O   . ASP A 1 13  ? 12.188  9.355   4.210   1.00 12.99 ? 13  ASP A O   1 
ATOM   91   C CB  . ASP A 1 13  ? 14.298  11.533  5.245   1.00 15.60 ? 13  ASP A CB  1 
ATOM   92   C CG  . ASP A 1 13  ? 15.449  12.007  6.092   1.00 19.08 ? 13  ASP A CG  1 
ATOM   93   O OD1 . ASP A 1 13  ? 16.400  12.558  5.495   1.00 24.45 ? 13  ASP A OD1 1 
ATOM   94   O OD2 . ASP A 1 13  ? 15.477  11.879  7.326   1.00 22.48 ? 13  ASP A OD2 1 
ATOM   95   N N   . ASN A 1 14  ? 11.160  11.099  5.229   1.00 13.20 ? 14  ASN A N   1 
ATOM   96   C CA  . ASN A 1 14  ? 10.033  11.152  4.317   1.00 13.20 ? 14  ASN A CA  1 
ATOM   97   C C   . ASN A 1 14  ? 10.491  11.420  2.888   1.00 12.94 ? 14  ASN A C   1 
ATOM   98   O O   . ASN A 1 14  ? 11.523  12.041  2.648   1.00 13.50 ? 14  ASN A O   1 
ATOM   99   C CB  . ASN A 1 14  ? 9.016   12.215  4.726   1.00 13.73 ? 14  ASN A CB  1 
ATOM   100  C CG  . ASN A 1 14  ? 8.091   11.757  5.844   1.00 17.25 ? 14  ASN A CG  1 
ATOM   101  O OD1 . ASN A 1 14  ? 8.403   10.834  6.612   1.00 16.19 ? 14  ASN A OD1 1 
ATOM   102  N ND2 . ASN A 1 14  ? 6.926   12.396  5.937   1.00 20.40 ? 14  ASN A ND2 1 
ATOM   103  N N   . LEU A 1 15  ? 9.739   10.891  1.940   1.00 11.54 ? 15  LEU A N   1 
ATOM   104  C CA  . LEU A 1 15  ? 9.986   11.133  0.523   1.00 10.84 ? 15  LEU A CA  1 
ATOM   105  C C   . LEU A 1 15  ? 9.167   12.288  -0.014  1.00 11.51 ? 15  LEU A C   1 
ATOM   106  O O   . LEU A 1 15  ? 8.058   12.547  0.426   1.00 11.49 ? 15  LEU A O   1 
ATOM   107  C CB  . LEU A 1 15  ? 9.628   9.895   -0.286  1.00 11.29 ? 15  LEU A CB  1 
ATOM   108  C CG  . LEU A 1 15  ? 10.445  8.625   -0.025  1.00 12.68 ? 15  LEU A CG  1 
ATOM   109  C CD1 . LEU A 1 15  ? 10.110  7.570   -1.054  1.00 11.48 ? 15  LEU A CD1 1 
ATOM   110  C CD2 . LEU A 1 15  ? 11.921  8.918   -0.019  1.00 16.53 ? 15  LEU A CD2 1 
ATOM   111  N N   . SER A 1 16  ? 9.718   12.938  -1.006  1.00 11.30 ? 16  SER A N   1 
ATOM   112  C CA  . SER A 1 16  ? 8.943   13.824  -1.844  1.00 12.09 ? 16  SER A CA  1 
ATOM   113  C C   . SER A 1 16  ? 7.846   13.021  -2.567  1.00 11.99 ? 16  SER A C   1 
ATOM   114  O O   . SER A 1 16  ? 7.924   11.817  -2.729  1.00 11.37 ? 16  SER A O   1 
ATOM   115  C CB  . SER A 1 16  ? 9.836   14.528  -2.860  1.00 12.17 ? 16  SER A CB  1 
ATOM   116  O OG  . SER A 1 16  ? 10.538  13.673  -3.729  1.00 12.45 ? 16  SER A OG  1 
ATOM   117  N N   . ARG A 1 17  ? 6.862   13.815  -3.004  1.00 11.95 ? 17  ARG A N   1 
ATOM   118  C CA  . ARG A 1 17  ? 5.780   13.196  -3.801  1.00 12.42 ? 17  ARG A CA  1 
ATOM   119  C C   . ARG A 1 17  ? 6.399   12.566  -5.029  1.00 11.99 ? 17  ARG A C   1 
ATOM   120  O O   . ARG A 1 17  ? 6.039   11.435  -5.394  1.00 11.30 ? 17  ARG A O   1 
ATOM   121  C CB  . ARG A 1 17  ? 4.696   14.194  -4.065  1.00 12.45 ? 17  ARG A CB  1 
ATOM   122  C CG  . ARG A 1 17  ? 3.700   13.882  -5.185  1.00 14.78 ? 17  ARG A CG  1 
ATOM   123  C CD  . ARG A 1 17  ? 3.449   15.116  -5.981  1.00 29.91 ? 17  ARG A CD  1 
ATOM   124  N NE  . ARG A 1 17  ? 4.483   15.720  -6.725  1.00 44.71 ? 17  ARG A NE  1 
ATOM   125  C CZ  . ARG A 1 17  ? 4.673   16.254  -7.890  1.00 45.02 ? 17  ARG A CZ  1 
ATOM   126  N NH1 . ARG A 1 17  ? 5.789   17.040  -7.971  1.00 45.14 ? 17  ARG A NH1 1 
ATOM   127  N NH2 . ARG A 1 17  ? 3.801   16.153  -8.844  1.00 35.52 ? 17  ARG A NH2 1 
ATOM   128  N N   . HIS A 1 18  ? 7.296   13.282  -5.679  1.00 12.17 ? 18  HIS A N   1 
ATOM   129  C CA  . HIS A 1 18  ? 7.945   12.753  -6.889  1.00 12.85 ? 18  HIS A CA  1 
ATOM   130  C C   . HIS A 1 18  ? 8.629   11.419  -6.606  1.00 11.54 ? 18  HIS A C   1 
ATOM   131  O O   . HIS A 1 18  ? 8.426   10.425  -7.328  1.00 11.61 ? 18  HIS A O   1 
ATOM   132  C CB  . HIS A 1 18  ? 8.900   13.792  -7.441  1.00 13.26 ? 18  HIS A CB  1 
ATOM   133  C CG  . HIS A 1 18  ? 9.728   13.351  -8.572  1.00 19.22 ? 18  HIS A CG  1 
ATOM   134  N ND1 . HIS A 1 18  ? 9.453   13.497  -9.925  1.00 24.08 ? 18  HIS A ND1 1 
ATOM   135  C CD2 . HIS A 1 18  ? 10.811  12.499  -8.576  1.00 23.56 ? 18  HIS A CD2 1 
ATOM   136  C CE1 . HIS A 1 18  ? 10.375  12.931  -10.660 1.00 24.89 ? 18  HIS A CE1 1 
ATOM   137  N NE2 . HIS A 1 18  ? 11.191  12.279  -9.864  1.00 25.24 ? 18  HIS A NE2 1 
ATOM   138  N N   . ASP A 1 19  ? 9.407   11.354  -5.535  1.00 10.91 ? 19  ASP A N   1 
ATOM   139  C CA  . ASP A 1 19  ? 10.154  10.128  -5.258  1.00 10.52 ? 19  ASP A CA  1 
ATOM   140  C C   . ASP A 1 19  ? 9.216   9.000   -4.805  1.00 9.50  ? 19  ASP A C   1 
ATOM   141  O O   . ASP A 1 19  ? 9.456   7.832   -5.084  1.00 10.06 ? 19  ASP A O   1 
ATOM   142  C CB  . ASP A 1 19  ? 11.232  10.351  -4.204  1.00 10.14 ? 19  ASP A CB  1 
ATOM   143  C CG  . ASP A 1 19  ? 12.421  11.136  -4.710  1.00 13.19 ? 19  ASP A CG  1 
ATOM   144  O OD1 . ASP A 1 19  ? 12.582  11.313  -5.930  1.00 17.57 ? 19  ASP A OD1 1 
ATOM   145  O OD2 . ASP A 1 19  ? 13.254  11.588  -3.888  1.00 19.91 ? 19  ASP A OD2 1 
ATOM   146  N N   . MET A 1 20  ? 8.137   9.362   -4.121  1.00 9.11  ? 20  MET A N   1 
ATOM   147  C CA  . MET A 1 20  ? 7.147   8.377   -3.685  1.00 8.65  ? 20  MET A CA  1 
ATOM   148  C C   . MET A 1 20  ? 6.424   7.751   -4.879  1.00 9.14  ? 20  MET A C   1 
ATOM   149  O O   . MET A 1 20  ? 6.272   6.547   -4.983  1.00 8.27  ? 20  MET A O   1 
ATOM   150  C CB  . MET A 1 20  ? 6.134   9.009   -2.726  1.00 9.01  ? 20  MET A CB  1 
ATOM   151  C CG  . MET A 1 20  ? 5.194   7.952   -2.015  1.00 8.14  ? 20  MET A CG  1 
ATOM   152  S SD  . MET A 1 20  ? 6.104   6.871   -0.865  1.00 9.11  ? 20  MET A SD  1 
ATOM   153  C CE  . MET A 1 20  ? 6.190   7.896   0.505   1.00 10.55 ? 20  MET A CE  1 
ATOM   154  N N   . LEU A 1 21  ? 5.998   8.572   -5.831  1.00 9.14  ? 21  LEU A N   1 
ATOM   155  C CA  . LEU A 1 21  ? 5.396   8.049   -7.059  1.00 9.23  ? 21  LEU A CA  1 
ATOM   156  C C   . LEU A 1 21  ? 6.378   7.206   -7.865  1.00 8.54  ? 21  LEU A C   1 
ATOM   157  O O   . LEU A 1 21  ? 5.993   6.195   -8.432  1.00 9.03  ? 21  LEU A O   1 
ATOM   158  C CB  . LEU A 1 21  ? 4.834   9.179   -7.925  1.00 9.87  ? 21  LEU A CB  1 
ATOM   159  C CG  . LEU A 1 21  ? 3.561   9.846   -7.393  1.00 10.95 ? 21  LEU A CG  1 
ATOM   160  C CD1 . LEU A 1 21  ? 3.265   11.103  -8.210  1.00 13.53 ? 21  LEU A CD1 1 
ATOM   161  C CD2 . LEU A 1 21  ? 2.390   8.912   -7.410  1.00 11.39 ? 21  LEU A CD2 1 
ATOM   162  N N   . ALA A 1 22  ? 7.652   7.612   -7.910  1.00 8.91  ? 22  ALA A N   1 
ATOM   163  C CA  . ALA A 1 22  ? 8.662   6.817   -8.585  1.00 9.31  ? 22  ALA A CA  1 
ATOM   164  C C   . ALA A 1 22  ? 8.780   5.435   -7.949  1.00 8.28  ? 22  ALA A C   1 
ATOM   165  O O   . ALA A 1 22  ? 8.879   4.431   -8.653  1.00 9.65  ? 22  ALA A O   1 
ATOM   166  C CB  . ALA A 1 22  ? 10.019  7.527   -8.597  1.00 9.72  ? 22  ALA A CB  1 
ATOM   167  N N   . TRP A 1 23  ? 8.737   5.374   -6.617  1.00 9.13  ? 23  TRP A N   1 
ATOM   168  C CA  . TRP A 1 23  ? 8.857   4.099   -5.915  1.00 8.62  ? 23  TRP A CA  1 
ATOM   169  C C   . TRP A 1 23  ? 7.683   3.207   -6.258  1.00 8.66  ? 23  TRP A C   1 
ATOM   170  O O   . TRP A 1 23  ? 7.852   2.038   -6.590  1.00 9.45  ? 23  TRP A O   1 
ATOM   171  C CB  . TRP A 1 23  ? 8.935   4.322   -4.400  1.00 9.46  ? 23  TRP A CB  1 
ATOM   172  C CG  . TRP A 1 23  ? 8.741   3.054   -3.584  1.00 8.63  ? 23  TRP A CG  1 
ATOM   173  C CD1 . TRP A 1 23  ? 9.518   1.919   -3.609  1.00 8.86  ? 23  TRP A CD1 1 
ATOM   174  C CD2 . TRP A 1 23  ? 7.665   2.777   -2.695  1.00 8.07  ? 23  TRP A CD2 1 
ATOM   175  N NE1 . TRP A 1 23  ? 8.981   0.968   -2.776  1.00 10.24 ? 23  TRP A NE1 1 
ATOM   176  C CE2 . TRP A 1 23  ? 7.848   1.463   -2.194  1.00 9.05  ? 23  TRP A CE2 1 
ATOM   177  C CE3 . TRP A 1 23  ? 6.564   3.493   -2.263  1.00 8.50  ? 23  TRP A CE3 1 
ATOM   178  C CZ2 . TRP A 1 23  ? 6.972   0.880   -1.279  1.00 8.89  ? 23  TRP A CZ2 1 
ATOM   179  C CZ3 . TRP A 1 23  ? 5.689   2.918   -1.356  1.00 9.23  ? 23  TRP A CZ3 1 
ATOM   180  C CH2 . TRP A 1 23  ? 5.909   1.624   -0.859  1.00 8.86  ? 23  TRP A CH2 1 
ATOM   181  N N   . ILE A 1 24  ? 6.463   3.745   -6.169  1.00 8.68  ? 24  ILE A N   1 
ATOM   182  C CA  . ILE A 1 24  ? 5.264   2.995   -6.517  1.00 8.47  ? 24  ILE A CA  1 
ATOM   183  C C   . ILE A 1 24  ? 5.314   2.501   -7.963  1.00 7.76  ? 24  ILE A C   1 
ATOM   184  O O   . ILE A 1 24  ? 5.119   1.335   -8.244  1.00 8.12  ? 24  ILE A O   1 
ATOM   185  C CB  . ILE A 1 24  ? 3.994   3.842   -6.299  1.00 8.34  ? 24  ILE A CB  1 
ATOM   186  C CG1 . ILE A 1 24  ? 3.815   4.171   -4.810  1.00 9.07  ? 24  ILE A CG1 1 
ATOM   187  C CG2 . ILE A 1 24  ? 2.754   3.123   -6.807  1.00 9.17  ? 24  ILE A CG2 1 
ATOM   188  C CD1 . ILE A 1 24  ? 3.066   5.461   -4.571  1.00 8.91  ? 24  ILE A CD1 1 
ATOM   189  N N   . ASN A 1 25  ? 5.600   3.429   -8.872  1.00 8.24  ? 25  ASN A N   1 
ATOM   190  C CA  . ASN A 1 25  ? 5.503   3.158   -10.293 1.00 8.62  ? 25  ASN A CA  1 
ATOM   191  C C   . ASN A 1 25  ? 6.564   2.190   -10.774 1.00 8.23  ? 25  ASN A C   1 
ATOM   192  O O   . ASN A 1 25  ? 6.286   1.252   -11.523 1.00 8.89  ? 25  ASN A O   1 
ATOM   193  C CB  . ASN A 1 25  ? 5.562   4.482   -11.076 1.00 8.13  ? 25  ASN A CB  1 
ATOM   194  C CG  . ASN A 1 25  ? 4.247   5.217   -11.048 1.00 9.34  ? 25  ASN A CG  1 
ATOM   195  O OD1 . ASN A 1 25  ? 3.199   4.621   -10.787 1.00 9.65  ? 25  ASN A OD1 1 
ATOM   196  N ND2 . ASN A 1 25  ? 4.296   6.518   -11.261 1.00 10.52 ? 25  ASN A ND2 1 
ATOM   197  N N   . GLU A 1 26  ? 7.774   2.339   -10.260 1.00 8.73  ? 26  GLU A N   1 
ATOM   198  C CA  . GLU A 1 26  ? 8.871   1.475   -10.673 1.00 9.81  ? 26  GLU A CA  1 
ATOM   199  C C   . GLU A 1 26  ? 8.790   0.105   -10.037 1.00 9.99  ? 26  GLU A C   1 
ATOM   200  O O   . GLU A 1 26  ? 9.093   -0.897  -10.678 1.00 12.08 ? 26  GLU A O   1 
ATOM   201  C CB  . GLU A 1 26  ? 10.197  2.177   -10.383 1.00 10.25 ? 26  GLU A CB  1 
ATOM   202  C CG  . GLU A 1 26  ? 10.335  3.461   -11.206 1.00 13.40 ? 26  GLU A CG  1 
ATOM   203  C CD  . GLU A 1 26  ? 11.446  4.400   -10.764 1.00 16.90 ? 26  GLU A CD  1 
ATOM   204  O OE1 . GLU A 1 26  ? 12.209  4.037   -9.842  1.00 15.48 ? 26  GLU A OE1 1 
ATOM   205  O OE2 . GLU A 1 26  ? 11.569  5.501   -11.392 1.00 16.74 ? 26  GLU A OE2 1 
ATOM   206  N N   . SER A 1 27  ? 8.297   0.042   -8.805  1.00 10.01 ? 27  SER A N   1 
ATOM   207  C CA  . SER A 1 27  ? 8.270   -1.231  -8.088  1.00 9.37  ? 27  SER A CA  1 
ATOM   208  C C   . SER A 1 27  ? 7.111   -2.096  -8.553  1.00 9.51  ? 27  SER A C   1 
ATOM   209  O O   . SER A 1 27  ? 7.223   -3.330  -8.601  1.00 10.53 ? 27  SER A O   1 
ATOM   210  C CB  . SER A 1 27  ? 8.184   -1.002  -6.588  1.00 9.24  ? 27  SER A CB  1 
ATOM   211  O OG  . SER A 1 27  ? 9.263   -0.229  -6.121  1.00 10.33 ? 27  SER A OG  1 
ATOM   212  N N   . LEU A 1 28  ? 5.984   -1.467  -8.877  1.00 9.39  ? 28  LEU A N   1 
ATOM   213  C CA  . LEU A 1 28  ? 4.776   -2.198  -9.251  1.00 9.66  ? 28  LEU A CA  1 
ATOM   214  C C   . LEU A 1 28  ? 4.475   -2.103  -10.743 1.00 9.91  ? 28  LEU A C   1 
ATOM   215  O O   . LEU A 1 28  ? 3.495   -2.657  -11.205 1.00 9.36  ? 28  LEU A O   1 
ATOM   216  C CB  . LEU A 1 28  ? 3.584   -1.711  -8.421  1.00 9.82  ? 28  LEU A CB  1 
ATOM   217  C CG  . LEU A 1 28  ? 3.681   -1.974  -6.904  1.00 9.65  ? 28  LEU A CG  1 
ATOM   218  C CD1 . LEU A 1 28  ? 2.403   -1.483  -6.240  1.00 10.38 ? 28  LEU A CD1 1 
ATOM   219  C CD2 . LEU A 1 28  ? 3.926   -3.446  -6.620  1.00 11.39 ? 28  LEU A CD2 1 
ATOM   220  N N   . GLN A 1 29  ? 5.364   -1.471  -11.504 1.00 10.00 ? 29  GLN A N   1 
ATOM   221  C CA  . GLN A 1 29  ? 5.132   -1.259  -12.953 1.00 11.13 ? 29  GLN A CA  1 
ATOM   222  C C   . GLN A 1 29  ? 3.761   -0.615  -13.211 1.00 11.37 ? 29  GLN A C   1 
ATOM   223  O O   . GLN A 1 29  ? 2.909   -1.154  -13.896 1.00 10.79 ? 29  GLN A O   1 
ATOM   224  C CB  . GLN A 1 29  ? 5.355   -2.562  -13.727 1.00 12.50 ? 29  GLN A CB  1 
ATOM   225  C CG  . GLN A 1 29  ? 6.758   -3.092  -13.498 1.00 15.76 ? 29  GLN A CG  1 
ATOM   226  C CD  . GLN A 1 29  ? 7.225   -3.995  -14.594 1.00 21.90 ? 29  GLN A CD  1 
ATOM   227  O OE1 . GLN A 1 29  ? 6.575   -4.993  -14.893 1.00 26.91 ? 29  GLN A OE1 1 
ATOM   228  N NE2 . GLN A 1 29  ? 8.346   -3.642  -15.219 1.00 25.41 ? 29  GLN A NE2 1 
ATOM   229  N N   . LEU A 1 30  ? 3.580   0.540   -12.587 1.00 10.83 ? 30  LEU A N   1 
ATOM   230  C CA  . LEU A 1 30  ? 2.368   1.346   -12.678 1.00 10.41 ? 30  LEU A CA  1 
ATOM   231  C C   . LEU A 1 30  ? 2.711   2.701   -13.252 1.00 11.16 ? 30  LEU A C   1 
ATOM   232  O O   . LEU A 1 30  ? 3.886   3.025   -13.478 1.00 11.29 ? 30  LEU A O   1 
ATOM   233  C CB  . LEU A 1 30  ? 1.725   1.514   -11.295 1.00 11.35 ? 30  LEU A CB  1 
ATOM   234  C CG  . LEU A 1 30  ? 1.188   0.231   -10.677 1.00 10.79 ? 30  LEU A CG  1 
ATOM   235  C CD1 . LEU A 1 30  ? 0.752   0.500   -9.246  1.00 12.63 ? 30  LEU A CD1 1 
ATOM   236  C CD2 . LEU A 1 30  ? 0.011   -0.356  -11.474 1.00 12.36 ? 30  LEU A CD2 1 
ATOM   237  N N   . ASN A 1 31  ? 1.661   3.496   -13.486 1.00 12.65 ? 31  ASN A N   1 
ATOM   238  C CA  . ASN A 1 31  ? 1.804   4.844   -14.017 1.00 14.70 ? 31  ASN A CA  1 
ATOM   239  C C   . ASN A 1 31  ? 0.872   5.823   -13.301 1.00 14.48 ? 31  ASN A C   1 
ATOM   240  O O   . ASN A 1 31  ? 0.131   6.589   -13.934 1.00 15.67 ? 31  ASN A O   1 
ATOM   241  C CB  . ASN A 1 31  ? 1.543   4.863   -15.529 1.00 16.14 ? 31  ASN A CB  1 
ATOM   242  C CG  . ASN A 1 31  ? 1.862   6.199   -16.165 1.00 20.06 ? 31  ASN A CG  1 
ATOM   243  O OD1 . ASN A 1 31  ? 1.348   6.693   -17.100 1.00 34.14 ? 31  ASN A OD1 1 
ATOM   244  N ND2 . ASN A 1 31  ? 2.827   6.928   -15.612 1.00 24.74 ? 31  ASN A ND2 1 
ATOM   245  N N   . LEU A 1 32  ? 0.890   5.793   -11.977 1.00 13.56 ? 32  LEU A N   1 
ATOM   246  C CA  . LEU A 1 32  ? 0.179   6.794   -11.197 1.00 12.49 ? 32  LEU A CA  1 
ATOM   247  C C   . LEU A 1 32  ? 0.797   8.144   -11.479 1.00 12.73 ? 32  LEU A C   1 
ATOM   248  O O   . LEU A 1 32  ? 2.021   8.270   -11.598 1.00 12.71 ? 32  LEU A O   1 
ATOM   249  C CB  . LEU A 1 32  ? 0.255   6.513   -9.697  1.00 12.82 ? 32  LEU A CB  1 
ATOM   250  C CG  . LEU A 1 32  ? -0.677  5.455   -9.116  1.00 14.97 ? 32  LEU A CG  1 
ATOM   251  C CD1 . LEU A 1 32  ? -0.300  4.092   -9.572  1.00 16.30 ? 32  LEU A CD1 1 
ATOM   252  C CD2 . LEU A 1 32  ? -0.651  5.546   -7.601  1.00 13.94 ? 32  LEU A CD2 1 
ATOM   253  N N   . THR A 1 33  ? -0.050  9.166   -11.617 1.00 13.17 ? 33  THR A N   1 
ATOM   254  C CA  . THR A 1 33  ? 0.433   10.540  -11.767 1.00 13.51 ? 33  THR A CA  1 
ATOM   255  C C   . THR A 1 33  ? 0.170   11.396  -10.535 1.00 12.09 ? 33  THR A C   1 
ATOM   256  O O   . THR A 1 33  ? 0.727   12.478  -10.396 1.00 13.81 ? 33  THR A O   1 
ATOM   257  C CB  . THR A 1 33  ? -0.233  11.197  -12.970 1.00 13.72 ? 33  THR A CB  1 
ATOM   258  O OG1 . THR A 1 33  ? -1.650  11.015  -12.891 1.00 16.87 ? 33  THR A OG1 1 
ATOM   259  C CG2 . THR A 1 33  ? 0.222   10.516  -14.257 1.00 15.99 ? 33  THR A CG2 1 
ATOM   260  N N   . LYS A 1 34  ? -0.668  10.890  -9.632  1.00 11.13 ? 34  LYS A N   1 
ATOM   261  C CA  . LYS A 1 34  ? -1.084  11.623  -8.443  1.00 11.23 ? 34  LYS A CA  1 
ATOM   262  C C   . LYS A 1 34  ? -1.148  10.684  -7.237  1.00 10.84 ? 34  LYS A C   1 
ATOM   263  O O   . LYS A 1 34  ? -1.618  9.559   -7.345  1.00 11.00 ? 34  LYS A O   1 
ATOM   264  C CB  . LYS A 1 34  ? -2.463  12.258  -8.639  1.00 11.46 ? 34  LYS A CB  1 
ATOM   265  C CG  . LYS A 1 34  ? -2.557  13.263  -9.781  1.00 14.16 ? 34  LYS A CG  1 
ATOM   266  C CD  . LYS A 1 34  ? -3.931  13.897  -9.848  1.00 16.14 ? 34  LYS A CD  1 
ATOM   267  C CE  . LYS A 1 34  ? -5.062  13.179  -9.280  1.00 28.14 ? 34  LYS A CE  1 
ATOM   268  N NZ  . LYS A 1 34  ? -6.299  14.154  -9.033  1.00 31.64 ? 34  LYS A NZ  1 
ATOM   269  N N   . ILE A 1 35  ? -0.650  11.162  -6.107  1.00 10.78 ? 35  ILE A N   1 
ATOM   270  C CA  . ILE A 1 35  ? -0.683  10.397  -4.850  1.00 11.23 ? 35  ILE A CA  1 
ATOM   271  C C   . ILE A 1 35  ? -2.091  9.969   -4.478  1.00 11.55 ? 35  ILE A C   1 
ATOM   272  O O   . ILE A 1 35  ? -2.321  8.879   -3.953  1.00 10.95 ? 35  ILE A O   1 
ATOM   273  C CB  . ILE A 1 35  ? -0.037  11.238  -3.738  1.00 11.89 ? 35  ILE A CB  1 
ATOM   274  C CG1 . ILE A 1 35  ? 1.476   11.282  -3.951  1.00 13.25 ? 35  ILE A CG1 1 
ATOM   275  C CG2 . ILE A 1 35  ? -0.363  10.718  -2.330  1.00 13.27 ? 35  ILE A CG2 1 
ATOM   276  C CD1 . ILE A 1 35  ? 2.178   9.966   -3.719  1.00 12.85 ? 35  ILE A CD1 1 
ATOM   277  N N   . GLU A 1 36  ? -3.073  10.797  -4.796  1.00 11.93 ? 36  GLU A N   1 
ATOM   278  C CA  . GLU A 1 36  ? -4.435  10.442  -4.406  1.00 12.87 ? 36  GLU A CA  1 
ATOM   279  C C   . GLU A 1 36  ? -4.992  9.243   -5.128  1.00 11.47 ? 36  GLU A C   1 
ATOM   280  O O   . GLU A 1 36  ? -5.980  8.683   -4.664  1.00 11.55 ? 36  GLU A O   1 
ATOM   281  C CB  . GLU A 1 36  ? -5.390  11.626  -4.535  1.00 14.47 ? 36  GLU A CB  1 
ATOM   282  C CG  . GLU A 1 36  ? -5.441  12.255  -5.890  1.00 16.85 ? 36  GLU A CG  1 
ATOM   283  C CD  . GLU A 1 36  ? -4.585  13.518  -5.976  1.00 17.71 ? 36  GLU A CD  1 
ATOM   284  O OE1 . GLU A 1 36  ? -5.097  14.513  -6.516  1.00 24.01 ? 36  GLU A OE1 1 
ATOM   285  O OE2 . GLU A 1 36  ? -3.409  13.525  -5.522  1.00 15.18 ? 36  GLU A OE2 1 
ATOM   286  N N   . GLN A 1 37  ? -4.350  8.809   -6.214  1.00 9.87  ? 37  GLN A N   1 
ATOM   287  C CA  . GLN A 1 37  ? -4.739  7.571   -6.890  1.00 9.49  ? 37  GLN A CA  1 
ATOM   288  C C   . GLN A 1 37  ? -4.520  6.308   -6.047  1.00 9.54  ? 37  GLN A C   1 
ATOM   289  O O   . GLN A 1 37  ? -5.048  5.260   -6.375  1.00 9.98  ? 37  GLN A O   1 
ATOM   290  C CB  . GLN A 1 37  ? -4.050  7.451   -8.234  1.00 9.64  ? 37  GLN A CB  1 
ATOM   291  C CG  . GLN A 1 37  ? -4.536  8.504   -9.202  1.00 10.78 ? 37  GLN A CG  1 
ATOM   292  C CD  . GLN A 1 37  ? -3.800  8.485   -10.503 1.00 14.49 ? 37  GLN A CD  1 
ATOM   293  O OE1 . GLN A 1 37  ? -2.577  8.526   -10.556 1.00 12.93 ? 37  GLN A OE1 1 
ATOM   294  N NE2 . GLN A 1 37  ? -4.502  8.305   -11.615 1.00 28.75 ? 37  GLN A NE2 1 
ATOM   295  N N   . LEU A 1 38  ? -3.736  6.435   -4.974  1.00 9.41  ? 38  LEU A N   1 
ATOM   296  C CA  . LEU A 1 38  ? -3.591  5.352   -3.976  1.00 9.37  ? 38  LEU A CA  1 
ATOM   297  C C   . LEU A 1 38  ? -4.876  5.065   -3.225  1.00 10.10 ? 38  LEU A C   1 
ATOM   298  O O   . LEU A 1 38  ? -4.979  4.060   -2.536  1.00 9.73  ? 38  LEU A O   1 
ATOM   299  C CB  . LEU A 1 38  ? -2.491  5.706   -2.979  1.00 9.04  ? 38  LEU A CB  1 
ATOM   300  C CG  . LEU A 1 38  ? -1.090  5.721   -3.584  1.00 9.21  ? 38  LEU A CG  1 
ATOM   301  C CD1 . LEU A 1 38  ? -0.111  6.443   -2.637  1.00 10.42 ? 38  LEU A CD1 1 
ATOM   302  C CD2 . LEU A 1 38  ? -0.605  4.352   -3.884  1.00 9.49  ? 38  LEU A CD2 1 
ATOM   303  N N   . CYS A 1 39  ? -5.869  5.941   -3.389  1.00 9.83  ? 39  CYS A N   1 
ATOM   304  C CA  . CYS A 1 39  ? -7.200  5.774   -2.783  1.00 10.39 ? 39  CYS A CA  1 
ATOM   305  C C   . CYS A 1 39  ? -7.867  4.476   -3.169  1.00 9.64  ? 39  CYS A C   1 
ATOM   306  O O   . CYS A 1 39  ? -8.811  4.070   -2.493  1.00 9.05  ? 39  CYS A O   1 
ATOM   307  C CB  . CYS A 1 39  ? -8.144  6.919   -3.166  1.00 11.89 ? 39  CYS A CB  1 
ATOM   308  S SG  . CYS A 1 39  ? -8.565  7.037   -4.917  1.00 13.29 ? 39  CYS A SG  1 
ATOM   309  N N   . SER A 1 40  ? -7.451  3.842   -4.269  1.00 9.17  ? 40  SER A N   1 
ATOM   310  C CA  . SER A 1 40  ? -8.100  2.601   -4.695  1.00 8.64  ? 40  SER A CA  1 
ATOM   311  C C   . SER A 1 40  ? -7.715  1.387   -3.856  1.00 8.51  ? 40  SER A C   1 
ATOM   312  O O   . SER A 1 40  ? -8.380  0.379   -3.910  1.00 9.81  ? 40  SER A O   1 
ATOM   313  C CB  . SER A 1 40  ? -7.828  2.271   -6.143  1.00 9.02  ? 40  SER A CB  1 
ATOM   314  O OG  . SER A 1 40  ? -6.497  1.764   -6.328  1.00 10.56 ? 40  SER A OG  1 
ATOM   315  N N   . GLY A 1 41  ? -6.622  1.481   -3.116  1.00 8.63  ? 41  GLY A N   1 
ATOM   316  C CA  . GLY A 1 41  ? -6.120  0.400   -2.275  1.00 8.50  ? 41  GLY A CA  1 
ATOM   317  C C   . GLY A 1 41  ? -5.371  -0.705  -3.000  1.00 8.50  ? 41  GLY A C   1 
ATOM   318  O O   . GLY A 1 41  ? -4.758  -1.550  -2.356  1.00 7.88  ? 41  GLY A O   1 
ATOM   319  N N   . ALA A 1 42  ? -5.371  -0.710  -4.328  1.00 8.97  ? 42  ALA A N   1 
ATOM   320  C CA  . ALA A 1 42  ? -4.804  -1.823  -5.098  1.00 8.44  ? 42  ALA A CA  1 
ATOM   321  C C   . ALA A 1 42  ? -3.283  -1.875  -4.995  1.00 7.83  ? 42  ALA A C   1 
ATOM   322  O O   . ALA A 1 42  ? -2.725  -2.959  -4.835  1.00 7.69  ? 42  ALA A O   1 
ATOM   323  C CB  . ALA A 1 42  ? -5.251  -1.757  -6.568  1.00 9.09  ? 42  ALA A CB  1 
ATOM   324  N N   . ALA A 1 43  ? -2.621  -0.735  -5.046  1.00 8.16  ? 43  ALA A N   1 
ATOM   325  C CA  . ALA A 1 43  ? -1.149  -0.735  -4.892  1.00 7.80  ? 43  ALA A CA  1 
ATOM   326  C C   . ALA A 1 43  ? -0.740  -1.259  -3.520  1.00 7.43  ? 43  ALA A C   1 
ATOM   327  O O   . ALA A 1 43  ? 0.186   -2.054  -3.405  1.00 7.62  ? 43  ALA A O   1 
ATOM   328  C CB  . ALA A 1 43  ? -0.599  0.634   -5.120  1.00 8.46  ? 43  ALA A CB  1 
ATOM   329  N N   . TYR A 1 44  ? -1.426  -0.831  -2.461  1.00 7.45  ? 44  TYR A N   1 
ATOM   330  C CA  . TYR A 1 44  ? -1.101  -1.353  -1.130  1.00 7.25  ? 44  TYR A CA  1 
ATOM   331  C C   . TYR A 1 44  ? -1.288  -2.837  -1.061  1.00 7.19  ? 44  TYR A C   1 
ATOM   332  O O   . TYR A 1 44  ? -0.468  -3.536  -0.483  1.00 7.13  ? 44  TYR A O   1 
ATOM   333  C CB  . TYR A 1 44  ? -1.941  -0.675  -0.033  1.00 7.77  ? 44  TYR A CB  1 
ATOM   334  C CG  . TYR A 1 44  ? -1.669  0.800   0.098   1.00 7.50  ? 44  TYR A CG  1 
ATOM   335  C CD1 . TYR A 1 44  ? -0.369  1.272   0.187   1.00 8.69  ? 44  TYR A CD1 1 
ATOM   336  C CD2 . TYR A 1 44  ? -2.697  1.736   0.100   1.00 8.12  ? 44  TYR A CD2 1 
ATOM   337  C CE1 . TYR A 1 44  ? -0.081  2.611   0.296   1.00 9.61  ? 44  TYR A CE1 1 
ATOM   338  C CE2 . TYR A 1 44  ? -2.416  3.101   0.208   1.00 8.06  ? 44  TYR A CE2 1 
ATOM   339  C CZ  . TYR A 1 44  ? -1.100  3.517   0.318   1.00 7.33  ? 44  TYR A CZ  1 
ATOM   340  O OH  . TYR A 1 44  ? -0.785  4.849   0.413   1.00 9.72  ? 44  TYR A OH  1 
ATOM   341  N N   . CYS A 1 45  ? -2.355  -3.353  -1.658  1.00 6.96  ? 45  CYS A N   1 
ATOM   342  C CA  . CYS A 1 45  ? -2.575  -4.796  -1.653  1.00 7.80  ? 45  CYS A CA  1 
ATOM   343  C C   . CYS A 1 45  ? -1.417  -5.512  -2.332  1.00 8.29  ? 45  CYS A C   1 
ATOM   344  O O   . CYS A 1 45  ? -0.904  -6.504  -1.832  1.00 8.55  ? 45  CYS A O   1 
ATOM   345  C CB  . CYS A 1 45  ? -3.876  -5.135  -2.378  1.00 7.98  ? 45  CYS A CB  1 
ATOM   346  S SG  . CYS A 1 45  ? -5.381  -4.790  -1.405  1.00 8.91  ? 45  CYS A SG  1 
ATOM   347  N N   . GLN A 1 46  ? -0.946  -4.976  -3.449  1.00 7.73  ? 46  GLN A N   1 
ATOM   348  C CA  . GLN A 1 46  ? 0.142   -5.615  -4.164  1.00 8.54  ? 46  GLN A CA  1 
ATOM   349  C C   . GLN A 1 46  ? 1.446   -5.524  -3.391  1.00 7.85  ? 46  GLN A C   1 
ATOM   350  O O   . GLN A 1 46  ? 2.228   -6.481  -3.378  1.00 7.24  ? 46  GLN A O   1 
ATOM   351  C CB  . GLN A 1 46  ? 0.291   -5.016  -5.568  1.00 9.49  ? 46  GLN A CB  1 
ATOM   352  C CG  . GLN A 1 46  ? -0.319  -5.905  -6.609  1.00 15.79 ? 46  GLN A CG  1 
ATOM   353  C CD  . GLN A 1 46  ? 0.445   -5.838  -7.921  1.00 15.72 ? 46  GLN A CD  1 
ATOM   354  O OE1 . GLN A 1 46  ? 0.318   -4.857  -8.569  1.00 20.11 ? 46  GLN A OE1 1 
ATOM   355  N NE2 . GLN A 1 46  ? 1.245   -6.864  -8.262  1.00 18.15 ? 46  GLN A NE2 1 
ATOM   356  N N   . PHE A 1 47  ? 1.707   -4.399  -2.740  1.00 6.85  ? 47  PHE A N   1 
ATOM   357  C CA  . PHE A 1 47  ? 2.923   -4.278  -1.934  1.00 6.93  ? 47  PHE A CA  1 
ATOM   358  C C   . PHE A 1 47  ? 2.913   -5.296  -0.786  1.00 6.73  ? 47  PHE A C   1 
ATOM   359  O O   . PHE A 1 47  ? 3.951   -5.798  -0.421  1.00 5.95  ? 47  PHE A O   1 
ATOM   360  C CB  . PHE A 1 47  ? 3.098   -2.867  -1.378  1.00 7.48  ? 47  PHE A CB  1 
ATOM   361  C CG  . PHE A 1 47  ? 3.789   -1.901  -2.300  1.00 8.51  ? 47  PHE A CG  1 
ATOM   362  C CD1 . PHE A 1 47  ? 3.225   -0.656  -2.561  1.00 10.03 ? 47  PHE A CD1 1 
ATOM   363  C CD2 . PHE A 1 47  ? 5.020   -2.205  -2.869  1.00 9.11  ? 47  PHE A CD2 1 
ATOM   364  C CE1 . PHE A 1 47  ? 3.883   0.246   -3.400  1.00 10.11 ? 47  PHE A CE1 1 
ATOM   365  C CE2 . PHE A 1 47  ? 5.681   -1.287  -3.706  1.00 10.22 ? 47  PHE A CE2 1 
ATOM   366  C CZ  . PHE A 1 47  ? 5.090   -0.066  -3.958  1.00 12.18 ? 47  PHE A CZ  1 
ATOM   367  N N   . MET A 1 48  ? 1.745   -5.569  -0.195  1.00 8.63  ? 48  MET A N   1 
ATOM   368  C CA  . MET A 1 48  ? 1.661   -6.589  0.835   1.00 9.18  ? 48  MET A CA  1 
ATOM   369  C C   . MET A 1 48  ? 2.010   -7.957  0.285   1.00 9.30  ? 48  MET A C   1 
ATOM   370  O O   . MET A 1 48  ? 2.699   -8.746  0.948   1.00 8.81  ? 48  MET A O   1 
ATOM   371  C CB  . MET A 1 48  ? 0.249   -6.658  1.449   1.00 10.86 ? 48  MET A CB  1 
ATOM   372  C CG  . MET A 1 48  ? 0.059   -5.818  2.632   1.00 13.56 ? 48  MET A CG  1 
ATOM   373  S SD  . MET A 1 48  ? 1.166   -6.152  4.029   1.00 10.53 ? 48  MET A SD  1 
ATOM   374  C CE  . MET A 1 48  ? 0.367   -7.460  4.951   1.00 12.80 ? 48  MET A CE  1 
ATOM   375  N N   . ASP A 1 49  ? 1.565   -8.287  -0.910  1.00 9.12  ? 49  ASP A N   1 
ATOM   376  C CA  . ASP A 1 49  ? 1.931   -9.564  -1.547  1.00 9.84  ? 49  ASP A CA  1 
ATOM   377  C C   . ASP A 1 49  ? 3.442   -9.606  -1.830  1.00 9.10  ? 49  ASP A C   1 
ATOM   378  O O   . ASP A 1 49  ? 4.098   -10.638 -1.685  1.00 10.94 ? 49  ASP A O   1 
ATOM   379  C CB  . ASP A 1 49  ? 1.118   -9.771  -2.842  1.00 10.84 ? 49  ASP A CB  1 
ATOM   380  C CG  . ASP A 1 49  ? 1.489   -11.041 -3.614  1.00 11.87 ? 49  ASP A CG  1 
ATOM   381  O OD1 . ASP A 1 49  ? 1.279   -12.127 -3.081  1.00 15.29 ? 49  ASP A OD1 1 
ATOM   382  O OD2 . ASP A 1 49  ? 1.948   -11.015 -4.778  1.00 15.35 ? 49  ASP A OD2 1 
ATOM   383  N N   . MET A 1 50  ? 4.019   -8.480  -2.243  1.00 8.23  ? 50  MET A N   1 
ATOM   384  C CA  . MET A 1 50  ? 5.445   -8.421  -2.531  1.00 8.01  ? 50  MET A CA  1 
ATOM   385  C C   . MET A 1 50  ? 6.246   -8.631  -1.237  1.00 7.17  ? 50  MET A C   1 
ATOM   386  O O   . MET A 1 50  ? 7.248   -9.342  -1.234  1.00 7.01  ? 50  MET A O   1 
ATOM   387  C CB  . MET A 1 50  ? 5.787   -7.070  -3.139  1.00 8.23  ? 50  MET A CB  1 
ATOM   388  C CG  . MET A 1 50  ? 7.253   -6.884  -3.423  1.00 9.64  ? 50  MET A CG  1 
ATOM   389  S SD  . MET A 1 50  ? 7.597   -5.228  -4.084  1.00 13.16 ? 50  MET A SD  1 
ATOM   390  C CE  . MET A 1 50  ? 7.194   -5.329  -5.347  1.00 14.65 ? 50  MET A CE  1 
ATOM   391  N N   . LEU A 1 51  ? 5.802   -8.046  -0.122  1.00 5.69  ? 51  LEU A N   1 
ATOM   392  C CA  . LEU A 1 51  ? 6.459   -8.242  1.160   1.00 6.27  ? 51  LEU A CA  1 
ATOM   393  C C   . LEU A 1 51  ? 6.324   -9.676  1.667   1.00 6.15  ? 51  LEU A C   1 
ATOM   394  O O   . LEU A 1 51  ? 7.279   -10.292 2.106   1.00 6.28  ? 51  LEU A O   1 
ATOM   395  C CB  . LEU A 1 51  ? 5.863   -7.302  2.208   1.00 6.00  ? 51  LEU A CB  1 
ATOM   396  C CG  . LEU A 1 51  ? 6.175   -5.806  2.077   1.00 6.96  ? 51  LEU A CG  1 
ATOM   397  C CD1 . LEU A 1 51  ? 5.393   -5.016  3.126   1.00 7.01  ? 51  LEU A CD1 1 
ATOM   398  C CD2 . LEU A 1 51  ? 7.667   -5.546  2.242   1.00 6.98  ? 51  LEU A CD2 1 
ATOM   399  N N   . PHE A 1 52  ? 5.098   -10.167 1.605   1.00 6.46  ? 52  PHE A N   1 
ATOM   400  C CA  . PHE A 1 52  ? 4.695   -11.446 2.215   1.00 6.59  ? 52  PHE A CA  1 
ATOM   401  C C   . PHE A 1 52  ? 3.814   -12.219 1.229   1.00 6.94  ? 52  PHE A C   1 
ATOM   402  O O   . PHE A 1 52  ? 2.582   -12.209 1.340   1.00 7.47  ? 52  PHE A O   1 
ATOM   403  C CB  . PHE A 1 52  ? 3.944   -11.207 3.526   1.00 7.45  ? 52  PHE A CB  1 
ATOM   404  C CG  . PHE A 1 52  ? 4.671   -10.322 4.499   1.00 7.94  ? 52  PHE A CG  1 
ATOM   405  C CD1 . PHE A 1 52  ? 4.172   -9.056  4.817   1.00 8.61  ? 52  PHE A CD1 1 
ATOM   406  C CD2 . PHE A 1 52  ? 5.832   -10.759 5.123   1.00 9.32  ? 52  PHE A CD2 1 
ATOM   407  C CE1 . PHE A 1 52  ? 4.855   -8.234  5.724   1.00 10.55 ? 52  PHE A CE1 1 
ATOM   408  C CE2 . PHE A 1 52  ? 6.494   -9.935  6.039   1.00 12.24 ? 52  PHE A CE2 1 
ATOM   409  C CZ  . PHE A 1 52  ? 5.994   -8.682  6.313   1.00 10.68 ? 52  PHE A CZ  1 
ATOM   410  N N   . PRO A 1 53  ? 4.421   -12.869 0.240   1.00 7.00  ? 53  PRO A N   1 
ATOM   411  C CA  . PRO A 1 53  ? 3.614   -13.539 -0.794  1.00 8.26  ? 53  PRO A CA  1 
ATOM   412  C C   . PRO A 1 53  ? 2.622   -14.527 -0.219  1.00 7.91  ? 53  PRO A C   1 
ATOM   413  O O   . PRO A 1 53  ? 2.982   -15.380 0.566   1.00 8.82  ? 53  PRO A O   1 
ATOM   414  C CB  . PRO A 1 53  ? 4.662   -14.234 -1.648  1.00 8.02  ? 53  PRO A CB  1 
ATOM   415  C CG  . PRO A 1 53  ? 5.923   -13.413 -1.461  1.00 8.70  ? 53  PRO A CG  1 
ATOM   416  C CD  . PRO A 1 53  ? 5.863   -12.868 -0.065  1.00 7.04  ? 53  PRO A CD  1 
ATOM   417  N N   . GLY A 1 54  ? 1.373   -14.377 -0.627  1.00 9.77  ? 54  GLY A N   1 
ATOM   418  C CA  . GLY A 1 54  ? 0.275   -15.172 -0.105  1.00 9.96  ? 54  GLY A CA  1 
ATOM   419  C C   . GLY A 1 54  ? -0.482  -14.544 1.055   1.00 10.90 ? 54  GLY A C   1 
ATOM   420  O O   . GLY A 1 54  ? -1.454  -15.122 1.523   1.00 12.91 ? 54  GLY A O   1 
ATOM   421  N N   . SER A 1 55  ? -0.062  -13.375 1.529   1.00 10.31 ? 55  SER A N   1 
ATOM   422  C CA  . SER A 1 55  ? -0.755  -12.714 2.648   1.00 10.64 ? 55  SER A CA  1 
ATOM   423  C C   . SER A 1 55  ? -2.075  -12.079 2.254   1.00 12.51 ? 55  SER A C   1 
ATOM   424  O O   . SER A 1 55  ? -2.868  -11.756 3.152   1.00 14.40 ? 55  SER A O   1 
ATOM   425  C CB  . SER A 1 55  ? 0.181   -11.665 3.295   1.00 9.98  ? 55  SER A CB  1 
ATOM   426  O OG  . SER A 1 55  ? 0.492   -10.580 2.411   1.00 9.48  ? 55  SER A OG  1 
ATOM   427  N N   . ILE A 1 56  ? -2.263  -11.845 0.950   1.00 12.63 ? 56  ILE A N   1 
ATOM   428  C CA  . ILE A 1 56  ? -3.365  -11.048 0.383   1.00 14.29 ? 56  ILE A CA  1 
ATOM   429  C C   . ILE A 1 56  ? -4.171  -11.929 -0.565  1.00 15.56 ? 56  ILE A C   1 
ATOM   430  O O   . ILE A 1 56  ? -3.578  -12.745 -1.275  1.00 15.28 ? 56  ILE A O   1 
ATOM   431  C CB  . ILE A 1 56  ? -2.758  -9.825  -0.444  1.00 13.68 ? 56  ILE A CB  1 
ATOM   432  C CG1 . ILE A 1 56  ? -2.130  -8.771  0.467   1.00 15.26 ? 56  ILE A CG1 1 
ATOM   433  C CG2 . ILE A 1 56  ? -3.792  -9.161  -1.338  1.00 16.76 ? 56  ILE A CG2 1 
ATOM   434  C CD1 . ILE A 1 56  ? -3.140  -8.063  1.373   1.00 14.13 ? 56  ILE A CD1 1 
ATOM   435  N N   . ALA A 1 57  ? -5.497  -11.742 -0.583  1.00 16.15 ? 57  ALA A N   1 
ATOM   436  C CA  . ALA A 1 57  ? -6.363  -12.373 -1.603  1.00 16.74 ? 57  ALA A CA  1 
ATOM   437  C C   . ALA A 1 57  ? -6.292  -11.608 -2.935  1.00 17.33 ? 57  ALA A C   1 
ATOM   438  O O   . ALA A 1 57  ? -7.203  -10.857 -3.250  1.00 16.98 ? 57  ALA A O   1 
ATOM   439  C CB  . ALA A 1 57  ? -7.818  -12.433 -1.107  1.00 17.21 ? 57  ALA A CB  1 
ATOM   440  N N   . LEU A 1 58  ? -5.212  -11.781 -3.731  1.00 18.37 ? 58  LEU A N   1 
ATOM   441  C CA  . LEU A 1 58  ? -4.908  -10.971 -4.918  1.00 19.95 ? 58  LEU A CA  1 
ATOM   442  C C   . LEU A 1 58  ? -5.959  -11.108 -6.006  1.00 20.15 ? 58  LEU A C   1 
ATOM   443  O O   . LEU A 1 58  ? -6.413  -10.072 -6.543  1.00 19.69 ? 58  LEU A O   1 
ATOM   444  C CB  . LEU A 1 58  ? -3.558  -11.339 -5.506  1.00 20.74 ? 58  LEU A CB  1 
ATOM   445  C CG  . LEU A 1 58  ? -2.291  -10.708 -4.949  1.00 22.44 ? 58  LEU A CG  1 
ATOM   446  C CD1 . LEU A 1 58  ? -1.099  -11.226 -5.776  1.00 24.57 ? 58  LEU A CD1 1 
ATOM   447  C CD2 . LEU A 1 58  ? -2.372  -9.187  -5.178  1.00 22.95 ? 58  LEU A CD2 1 
ATOM   448  N N   . LYS A 1 59  ? -6.456  -12.297 -6.224  1.00 20.85 ? 59  LYS A N   1 
ATOM   449  C CA  . LYS A 1 59  ? -7.568  -12.655 -7.062  1.00 20.64 ? 59  LYS A CA  1 
ATOM   450  C C   . LYS A 1 59  ? -8.876  -11.968 -6.747  1.00 19.99 ? 59  LYS A C   1 
ATOM   451  O O   . LYS A 1 59  ? -9.668  -11.735 -7.690  1.00 20.48 ? 59  LYS A O   1 
ATOM   452  C CB  . LYS A 1 59  ? -7.789  -14.158 -7.158  1.00 21.04 ? 59  LYS A CB  1 
ATOM   453  C CG  . LYS A 1 59  ? -8.443  -14.855 -5.992  1.00 21.56 ? 59  LYS A CG  1 
ATOM   454  C CD  . LYS A 1 59  ? -7.974  -16.258 -5.768  1.00 29.64 ? 59  LYS A CD  1 
ATOM   455  C CE  . LYS A 1 59  ? -8.899  -17.349 -6.221  1.00 41.94 ? 59  LYS A CE  1 
ATOM   456  N NZ  . LYS A 1 59  ? -8.357  -18.704 -5.879  1.00 41.82 ? 59  LYS A NZ  1 
ATOM   457  N N   . LYS A 1 60  ? -9.042  -11.421 -5.562  1.00 18.43 ? 60  LYS A N   1 
ATOM   458  C CA  . LYS A 1 60  ? -10.170 -10.591 -5.199  1.00 17.26 ? 60  LYS A CA  1 
ATOM   459  C C   . LYS A 1 60  ? -9.940  -9.103  -5.380  1.00 14.91 ? 60  LYS A C   1 
ATOM   460  O O   . LYS A 1 60  ? -10.873 -8.288  -5.329  1.00 14.71 ? 60  LYS A O   1 
ATOM   461  C CB  . LYS A 1 60  ? -10.607 -10.939 -3.775  1.00 18.22 ? 60  LYS A CB  1 
ATOM   462  C CG  . LYS A 1 60  ? -11.689 -11.986 -3.742  1.00 19.93 ? 60  LYS A CG  1 
ATOM   463  C CD  . LYS A 1 60  ? -11.502 -13.124 -2.791  1.00 31.76 ? 60  LYS A CD  1 
ATOM   464  C CE  . LYS A 1 60  ? -11.540 -12.800 -1.330  1.00 29.32 ? 60  LYS A CE  1 
ATOM   465  N NZ  . LYS A 1 60  ? -11.391 -14.048 -0.507  1.00 22.97 ? 60  LYS A NZ  1 
ATOM   466  N N   . VAL A 1 61  ? -8.689  -8.665  -5.572  1.00 13.14 ? 61  VAL A N   1 
ATOM   467  C CA  . VAL A 1 61  ? -8.379  -7.243  -5.689  1.00 12.73 ? 61  VAL A CA  1 
ATOM   468  C C   . VAL A 1 61  ? -8.897  -6.694  -7.010  1.00 12.84 ? 61  VAL A C   1 
ATOM   469  O O   . VAL A 1 61  ? -8.737  -7.341  -8.058  1.00 13.65 ? 61  VAL A O   1 
ATOM   470  C CB  . VAL A 1 61  ? -6.866  -6.985  -5.539  1.00 12.18 ? 61  VAL A CB  1 
ATOM   471  C CG1 . VAL A 1 61  ? -6.521  -5.538  -5.799  1.00 11.73 ? 61  VAL A CG1 1 
ATOM   472  C CG2 . VAL A 1 61  ? -6.418  -7.405  -4.141  1.00 12.20 ? 61  VAL A CG2 1 
ATOM   473  N N   . LYS A 1 62  ? -9.523  -5.521  -6.976  1.00 12.23 ? 62  LYS A N   1 
ATOM   474  C CA  . LYS A 1 62  ? -10.013 -4.854  -8.176  1.00 12.72 ? 62  LYS A CA  1 
ATOM   475  C C   . LYS A 1 62  ? -8.945  -3.839  -8.606  1.00 12.36 ? 62  LYS A C   1 
ATOM   476  O O   . LYS A 1 62  ? -8.876  -2.711  -8.112  1.00 12.60 ? 62  LYS A O   1 
ATOM   477  C CB  . LYS A 1 62  ? -11.375 -4.215  -7.925  1.00 12.41 ? 62  LYS A CB  1 
ATOM   478  C CG  . LYS A 1 62  ? -12.456 -5.284  -7.736  1.00 16.54 ? 62  LYS A CG  1 
ATOM   479  C CD  . LYS A 1 62  ? -13.744 -4.772  -7.151  1.00 19.05 ? 62  LYS A CD  1 
ATOM   480  C CE  . LYS A 1 62  ? -14.817 -5.892  -7.165  1.00 20.58 ? 62  LYS A CE  1 
ATOM   481  N NZ  . LYS A 1 62  ? -14.324 -7.291  -6.515  1.00 28.67 ? 62  LYS A NZ  1 
ATOM   482  N N   . PHE A 1 63  ? -8.077  -4.276  -9.520  1.00 12.99 ? 63  PHE A N   1 
ATOM   483  C CA  . PHE A 1 63  ? -6.942  -3.465  -9.979  1.00 13.48 ? 63  PHE A CA  1 
ATOM   484  C C   . PHE A 1 63  ? -7.341  -2.294  -10.871 1.00 14.58 ? 63  PHE A C   1 
ATOM   485  O O   . PHE A 1 63  ? -6.613  -1.300  -10.965 1.00 16.71 ? 63  PHE A O   1 
ATOM   486  C CB  . PHE A 1 63  ? -5.914  -4.339  -10.709 1.00 13.83 ? 63  PHE A CB  1 
ATOM   487  C CG  . PHE A 1 63  ? -5.204  -5.259  -9.799  1.00 12.55 ? 63  PHE A CG  1 
ATOM   488  C CD1 . PHE A 1 63  ? -4.274  -4.755  -8.900  1.00 13.41 ? 63  PHE A CD1 1 
ATOM   489  C CD2 . PHE A 1 63  ? -5.530  -6.597  -9.752  1.00 13.61 ? 63  PHE A CD2 1 
ATOM   490  C CE1 . PHE A 1 63  ? -3.652  -5.579  -7.999  1.00 13.46 ? 63  PHE A CE1 1 
ATOM   491  C CE2 . PHE A 1 63  ? -4.905  -7.425  -8.850  1.00 14.80 ? 63  PHE A CE2 1 
ATOM   492  C CZ  . PHE A 1 63  ? -3.966  -6.914  -7.972  1.00 14.01 ? 63  PHE A CZ  1 
ATOM   493  N N   . GLN A 1 64  ? -8.514  -2.399  -11.483 1.00 15.98 ? 64  GLN A N   1 
ATOM   494  C CA  . GLN A 1 64  ? -9.051  -1.303  -12.296 1.00 17.46 ? 64  GLN A CA  1 
ATOM   495  C C   . GLN A 1 64  ? -10.255 -0.606  -11.643 1.00 17.88 ? 64  GLN A C   1 
ATOM   496  O O   . GLN A 1 64  ? -11.129 -0.062  -12.342 1.00 18.86 ? 64  GLN A O   1 
ATOM   497  C CB  . GLN A 1 64  ? -9.432  -1.828  -13.684 1.00 18.23 ? 64  GLN A CB  1 
ATOM   498  C CG  . GLN A 1 64  ? -8.269  -2.515  -14.407 1.00 20.67 ? 64  GLN A CG  1 
ATOM   499  C CD  . GLN A 1 64  ? -7.088  -1.596  -14.590 1.00 23.95 ? 64  GLN A CD  1 
ATOM   500  O OE1 . GLN A 1 64  ? -7.255  -0.425  -14.939 1.00 29.85 ? 64  GLN A OE1 1 
ATOM   501  N NE2 . GLN A 1 64  ? -5.886  -2.113  -14.347 1.00 26.21 ? 64  GLN A NE2 1 
ATOM   502  N N   . ALA A 1 65  ? -10.288 -0.600  -10.312 1.00 17.24 ? 65  ALA A N   1 
ATOM   503  C CA  . ALA A 1 65  ? -11.366 0.074   -9.572  1.00 17.31 ? 65  ALA A CA  1 
ATOM   504  C C   . ALA A 1 65  ? -11.442 1.577   -9.883  1.00 17.57 ? 65  ALA A C   1 
ATOM   505  O O   . ALA A 1 65  ? -10.422 2.257   -9.971  1.00 17.97 ? 65  ALA A O   1 
ATOM   506  C CB  . ALA A 1 65  ? -11.179 -0.137  -8.076  1.00 16.69 ? 65  ALA A CB  1 
ATOM   507  N N   . LYS A 1 66  ? -12.662 2.099   -10.030 1.00 18.54 ? 66  LYS A N   1 
ATOM   508  C CA  . LYS A 1 66  ? -12.888 3.532   -10.234 1.00 19.69 ? 66  LYS A CA  1 
ATOM   509  C C   . LYS A 1 66  ? -13.956 4.152   -9.325  1.00 19.03 ? 66  LYS A C   1 
ATOM   510  O O   . LYS A 1 66  ? -14.171 5.353   -9.361  1.00 20.48 ? 66  LYS A O   1 
ATOM   511  C CB  . LYS A 1 66  ? -13.272 3.787   -11.691 1.00 20.74 ? 66  LYS A CB  1 
ATOM   512  C CG  . LYS A 1 66  ? -12.070 3.959   -12.611 1.00 23.79 ? 66  LYS A CG  1 
ATOM   513  C CD  . LYS A 1 66  ? -12.113 2.971   -13.756 1.00 27.61 ? 66  LYS A CD  1 
ATOM   514  C CE  . LYS A 1 66  ? -10.886 3.101   -14.647 1.00 28.70 ? 66  LYS A CE  1 
ATOM   515  N NZ  . LYS A 1 66  ? -9.617  2.732   -13.953 1.00 30.09 ? 66  LYS A NZ  1 
ATOM   516  N N   . LEU A 1 67  ? -14.592 3.336   -8.497  1.00 17.70 ? 67  LEU A N   1 
ATOM   517  C CA  . LEU A 1 67  ? -15.719 3.761   -7.668  1.00 17.21 ? 67  LEU A CA  1 
ATOM   518  C C   . LEU A 1 67  ? -15.351 3.556   -6.212  1.00 16.06 ? 67  LEU A C   1 
ATOM   519  O O   . LEU A 1 67  ? -14.682 2.571   -5.864  1.00 15.10 ? 67  LEU A O   1 
ATOM   520  C CB  . LEU A 1 67  ? -16.955 2.935   -8.005  1.00 17.37 ? 67  LEU A CB  1 
ATOM   521  C CG  . LEU A 1 67  ? -17.272 2.897   -9.501  1.00 18.49 ? 67  LEU A CG  1 
ATOM   522  C CD1 . LEU A 1 67  ? -18.360 1.886   -9.776  1.00 18.30 ? 67  LEU A CD1 1 
ATOM   523  C CD2 . LEU A 1 67  ? -17.660 4.270   -10.006 1.00 19.47 ? 67  LEU A CD2 1 
ATOM   524  N N   . GLU A 1 68  ? -15.801 4.474   -5.368  1.00 14.99 ? 68  GLU A N   1 
ATOM   525  C CA  . GLU A 1 68  ? -15.478 4.416   -3.947  1.00 14.69 ? 68  GLU A CA  1 
ATOM   526  C C   . GLU A 1 68  ? -15.827 3.073   -3.318  1.00 14.01 ? 68  GLU A C   1 
ATOM   527  O O   . GLU A 1 68  ? -15.069 2.578   -2.503  1.00 12.43 ? 68  GLU A O   1 
ATOM   528  C CB  . GLU A 1 68  ? -16.120 5.572   -3.179  1.00 15.08 ? 68  GLU A CB  1 
ATOM   529  C CG  . GLU A 1 68  ? -15.622 5.697   -1.743  1.00 18.69 ? 68  GLU A CG  1 
ATOM   530  C CD  . GLU A 1 68  ? -16.110 6.955   -1.046  1.00 21.16 ? 68  GLU A CD  1 
ATOM   531  O OE1 . GLU A 1 68  ? -16.511 6.855   0.132   1.00 26.84 ? 68  GLU A OE1 1 
ATOM   532  O OE2 . GLU A 1 68  ? -16.079 8.036   -1.673  1.00 24.29 ? 68  GLU A OE2 1 
ATOM   533  N N   . HIS A 1 69  ? -16.931 2.443   -3.688  1.00 13.42 ? 69  HIS A N   1 
ATOM   534  C CA  . HIS A 1 69  ? -17.286 1.177   -3.038  1.00 13.56 ? 69  HIS A CA  1 
ATOM   535  C C   . HIS A 1 69  ? -16.281 0.064   -3.355  1.00 13.64 ? 69  HIS A C   1 
ATOM   536  O O   . HIS A 1 69  ? -16.001 -0.779  -2.516  1.00 13.17 ? 69  HIS A O   1 
ATOM   537  C CB  . HIS A 1 69  ? -18.751 0.816   -3.301  1.00 14.32 ? 69  HIS A CB  1 
ATOM   538  C CG  . HIS A 1 69  ? -19.003 0.248   -4.652  1.00 16.35 ? 69  HIS A CG  1 
ATOM   539  N ND1 . HIS A 1 69  ? -19.305 1.029   -5.747  1.00 19.17 ? 69  HIS A ND1 1 
ATOM   540  C CD2 . HIS A 1 69  ? -19.037 -1.035  -5.080  1.00 18.02 ? 69  HIS A CD2 1 
ATOM   541  C CE1 . HIS A 1 69  ? -19.475 0.252   -6.800  1.00 19.48 ? 69  HIS A CE1 1 
ATOM   542  N NE2 . HIS A 1 69  ? -19.330 -1.005  -6.419  1.00 20.07 ? 69  HIS A NE2 1 
ATOM   543  N N   . GLU A 1 70  ? -15.714 0.084   -4.554  1.00 13.13 ? 70  GLU A N   1 
ATOM   544  C CA  . GLU A 1 70  ? -14.656 -0.855  -4.929  1.00 13.23 ? 70  GLU A CA  1 
ATOM   545  C C   . GLU A 1 70  ? -13.368 -0.597  -4.153  1.00 11.81 ? 70  GLU A C   1 
ATOM   546  O O   . GLU A 1 70  ? -12.655 -1.527  -3.794  1.00 11.43 ? 70  GLU A O   1 
ATOM   547  C CB  . GLU A 1 70  ? -14.361 -0.763  -6.420  1.00 13.83 ? 70  GLU A CB  1 
ATOM   548  C CG  . GLU A 1 70  ? -15.533 -1.123  -7.321  1.00 16.09 ? 70  GLU A CG  1 
ATOM   549  C CD  . GLU A 1 70  ? -15.209 -0.880  -8.777  1.00 16.44 ? 70  GLU A CD  1 
ATOM   550  O OE1 . GLU A 1 70  ? -15.340 -1.826  -9.570  1.00 24.10 ? 70  GLU A OE1 1 
ATOM   551  O OE2 . GLU A 1 70  ? -14.823 0.254   -9.127  1.00 17.34 ? 70  GLU A OE2 1 
ATOM   552  N N   . TYR A 1 71  ? -13.062 0.664   -3.942  1.00 11.00 ? 71  TYR A N   1 
ATOM   553  C CA  . TYR A 1 71  ? -11.900 1.040   -3.155  1.00 10.55 ? 71  TYR A CA  1 
ATOM   554  C C   . TYR A 1 71  ? -12.055 0.436   -1.764  1.00 10.89 ? 71  TYR A C   1 
ATOM   555  O O   . TYR A 1 71  ? -11.101 -0.096  -1.190  1.00 10.17 ? 71  TYR A O   1 
ATOM   556  C CB  . TYR A 1 71  ? -11.790 2.550   -3.017  1.00 10.90 ? 71  TYR A CB  1 
ATOM   557  C CG  . TYR A 1 71  ? -11.689 3.357   -4.320  1.00 11.41 ? 71  TYR A CG  1 
ATOM   558  C CD1 . TYR A 1 71  ? -11.362 2.760   -5.543  1.00 11.37 ? 71  TYR A CD1 1 
ATOM   559  C CD2 . TYR A 1 71  ? -11.872 4.730   -4.301  1.00 12.06 ? 71  TYR A CD2 1 
ATOM   560  C CE1 . TYR A 1 71  ? -11.267 3.515   -6.702  1.00 13.44 ? 71  TYR A CE1 1 
ATOM   561  C CE2 . TYR A 1 71  ? -11.797 5.517   -5.479  1.00 14.65 ? 71  TYR A CE2 1 
ATOM   562  C CZ  . TYR A 1 71  ? -11.474 4.896   -6.663  1.00 14.73 ? 71  TYR A CZ  1 
ATOM   563  O OH  . TYR A 1 71  ? -11.379 5.629   -7.840  1.00 17.08 ? 71  TYR A OH  1 
ATOM   564  N N   . ILE A 1 72  ? -13.255 0.509   -1.207  1.00 11.08 ? 72  ILE A N   1 
ATOM   565  C CA  . ILE A 1 72  ? -13.500 -0.042  0.120   1.00 11.51 ? 72  ILE A CA  1 
ATOM   566  C C   . ILE A 1 72  ? -13.283 -1.544  0.129   1.00 11.16 ? 72  ILE A C   1 
ATOM   567  O O   . ILE A 1 72  ? -12.685 -2.082  1.043   1.00 10.11 ? 72  ILE A O   1 
ATOM   568  C CB  . ILE A 1 72  ? -14.928 0.299   0.587   1.00 11.81 ? 72  ILE A CB  1 
ATOM   569  C CG1 . ILE A 1 72  ? -14.966 1.768   1.001   1.00 14.37 ? 72  ILE A CG1 1 
ATOM   570  C CG2 . ILE A 1 72  ? -15.349 -0.564  1.787   1.00 11.58 ? 72  ILE A CG2 1 
ATOM   571  C CD1 . ILE A 1 72  ? -16.311 2.316   1.265   1.00 17.61 ? 72  ILE A CD1 1 
ATOM   572  N N   . GLN A 1 73  ? -13.734 -2.230  -0.910  1.00 11.10 ? 73  GLN A N   1 
ATOM   573  C CA  . GLN A 1 73  ? -13.476 -3.663  -1.011  1.00 10.84 ? 73  GLN A CA  1 
ATOM   574  C C   . GLN A 1 73  ? -11.971 -3.970  -1.002  1.00 10.59 ? 73  GLN A C   1 
ATOM   575  O O   . GLN A 1 73  ? -11.516 -4.892  -0.326  1.00 10.50 ? 73  GLN A O   1 
ATOM   576  C CB  . GLN A 1 73  ? -14.118 -4.233  -2.273  1.00 11.34 ? 73  GLN A CB  1 
ATOM   577  C CG  . GLN A 1 73  ? -15.637 -4.205  -2.228  1.00 11.32 ? 73  GLN A CG  1 
ATOM   578  C CD  . GLN A 1 73  ? -16.248 -4.820  -3.462  1.00 15.40 ? 73  GLN A CD  1 
ATOM   579  O OE1 . GLN A 1 73  ? -16.799 -5.910  -3.402  1.00 17.14 ? 73  GLN A OE1 1 
ATOM   580  N NE2 . GLN A 1 73  ? -16.141 -4.128  -4.578  1.00 16.63 ? 73  GLN A NE2 1 
ATOM   581  N N   . ASN A 1 74  ? -11.196 -3.199  -1.754  1.00 9.70  ? 74  ASN A N   1 
ATOM   582  C CA  . ASN A 1 74  ? -9.747  -3.400  -1.785  1.00 9.47  ? 74  ASN A CA  1 
ATOM   583  C C   . ASN A 1 74  ? -9.115  -3.162  -0.416  1.00 8.11  ? 74  ASN A C   1 
ATOM   584  O O   . ASN A 1 74  ? -8.253  -3.910  0.020   1.00 7.60  ? 74  ASN A O   1 
ATOM   585  C CB  . ASN A 1 74  ? -9.092  -2.499  -2.826  1.00 9.23  ? 74  ASN A CB  1 
ATOM   586  C CG  . ASN A 1 74  ? -9.338  -2.956  -4.260  1.00 9.71  ? 74  ASN A CG  1 
ATOM   587  O OD1 . ASN A 1 74  ? -9.746  -4.102  -4.509  1.00 10.85 ? 74  ASN A OD1 1 
ATOM   588  N ND2 . ASN A 1 74  ? -9.038  -2.075  -5.207  1.00 10.54 ? 74  ASN A ND2 1 
ATOM   589  N N   . PHE A 1 75  ? -9.539  -2.110  0.271   1.00 8.38  ? 75  PHE A N   1 
ATOM   590  C CA  . PHE A 1 75  ? -8.998  -1.822  1.585   1.00 8.66  ? 75  PHE A CA  1 
ATOM   591  C C   . PHE A 1 75  ? -9.367  -2.886  2.597   1.00 8.90  ? 75  PHE A C   1 
ATOM   592  O O   . PHE A 1 75  ? -8.588  -3.152  3.520   1.00 8.54  ? 75  PHE A O   1 
ATOM   593  C CB  . PHE A 1 75  ? -9.398  -0.429  2.040   1.00 8.91  ? 75  PHE A CB  1 
ATOM   594  C CG  . PHE A 1 75  ? -8.428  0.626   1.611   1.00 8.49  ? 75  PHE A CG  1 
ATOM   595  C CD1 . PHE A 1 75  ? -7.188  0.702   2.229   1.00 9.06  ? 75  PHE A CD1 1 
ATOM   596  C CD2 . PHE A 1 75  ? -8.715  1.532   0.597   1.00 10.28 ? 75  PHE A CD2 1 
ATOM   597  C CE1 . PHE A 1 75  ? -6.267  1.665   1.859   1.00 9.58  ? 75  PHE A CE1 1 
ATOM   598  C CE2 . PHE A 1 75  ? -7.788  2.496   0.233   1.00 10.92 ? 75  PHE A CE2 1 
ATOM   599  C CZ  . PHE A 1 75  ? -6.575  2.546   0.854   1.00 9.70  ? 75  PHE A CZ  1 
ATOM   600  N N   . LYS A 1 76  ? -10.527 -3.515  2.457   1.00 8.14  ? 76  LYS A N   1 
ATOM   601  C CA  . LYS A 1 76  ? -10.859 -4.627  3.359   1.00 8.29  ? 76  LYS A CA  1 
ATOM   602  C C   . LYS A 1 76  ? -9.950  -5.818  3.113   1.00 8.43  ? 76  LYS A C   1 
ATOM   603  O O   . LYS A 1 76  ? -9.516  -6.469  4.048   1.00 8.86  ? 76  LYS A O   1 
ATOM   604  C CB  . LYS A 1 76  ? -12.335 -4.990  3.238   1.00 8.41  ? 76  LYS A CB  1 
ATOM   605  C CG  . LYS A 1 76  ? -13.232 -3.965  3.857   1.00 9.59  ? 76  LYS A CG  1 
ATOM   606  C CD  . LYS A 1 76  ? -14.707 -4.359  3.751   1.00 11.29 ? 76  LYS A CD  1 
ATOM   607  C CE  . LYS A 1 76  ? -15.642 -3.292  4.312   1.00 12.32 ? 76  LYS A CE  1 
ATOM   608  N NZ  . LYS A 1 76  ? -15.478 -3.148  5.760   1.00 13.83 ? 76  LYS A NZ  1 
ATOM   609  N N   . ILE A 1 77  ? -9.605  -6.076  1.856   1.00 8.11  ? 77  ILE A N   1 
ATOM   610  C CA  . ILE A 1 77  ? -8.601  -7.076  1.562   1.00 8.49  ? 77  ILE A CA  1 
ATOM   611  C C   . ILE A 1 77  ? -7.248  -6.735  2.190   1.00 8.07  ? 77  ILE A C   1 
ATOM   612  O O   . ILE A 1 77  ? -6.591  -7.601  2.770   1.00 7.93  ? 77  ILE A O   1 
ATOM   613  C CB  . ILE A 1 77  ? -8.469  -7.245  0.039   1.00 9.07  ? 77  ILE A CB  1 
ATOM   614  C CG1 . ILE A 1 77  ? -9.714  -7.940  -0.521  1.00 10.42 ? 77  ILE A CG1 1 
ATOM   615  C CG2 . ILE A 1 77  ? -7.224  -8.058  -0.327  1.00 10.16 ? 77  ILE A CG2 1 
ATOM   616  C CD1 . ILE A 1 77  ? -9.867  -7.737  -1.999  1.00 12.85 ? 77  ILE A CD1 1 
ATOM   617  N N   . LEU A 1 78  ? -6.831  -5.483  2.105   1.00 7.72  ? 78  LEU A N   1 
ATOM   618  C CA  . LEU A 1 78  ? -5.606  -5.031  2.767   1.00 8.02  ? 78  LEU A CA  1 
ATOM   619  C C   . LEU A 1 78  ? -5.662  -5.238  4.280   1.00 7.79  ? 78  LEU A C   1 
ATOM   620  O O   . LEU A 1 78  ? -4.722  -5.740  4.877   1.00 7.71  ? 78  LEU A O   1 
ATOM   621  C CB  . LEU A 1 78  ? -5.336  -3.557  2.448   1.00 8.04  ? 78  LEU A CB  1 
ATOM   622  C CG  . LEU A 1 78  ? -4.024  -2.987  2.999   1.00 8.01  ? 78  LEU A CG  1 
ATOM   623  C CD1 . LEU A 1 78  ? -2.807  -3.665  2.384   1.00 10.06 ? 78  LEU A CD1 1 
ATOM   624  C CD2 . LEU A 1 78  ? -3.981  -1.526  2.757   1.00 9.08  ? 78  LEU A CD2 1 
ATOM   625  N N   . GLN A 1 79  ? -6.786  -4.896  4.887   1.00 7.92  ? 79  GLN A N   1 
ATOM   626  C CA  . GLN A 1 79  ? -6.961  -5.037  6.335   1.00 7.93  ? 79  GLN A CA  1 
ATOM   627  C C   . GLN A 1 79  ? -6.827  -6.501  6.765   1.00 7.82  ? 79  GLN A C   1 
ATOM   628  O O   . GLN A 1 79  ? -6.194  -6.808  7.787   1.00 8.62  ? 79  GLN A O   1 
ATOM   629  C CB  . GLN A 1 79  ? -8.322  -4.460  6.749   1.00 8.03  ? 79  GLN A CB  1 
ATOM   630  C CG  . GLN A 1 79  ? -8.345  -2.928  6.748   1.00 8.87  ? 79  GLN A CG  1 
ATOM   631  C CD  . GLN A 1 79  ? -9.677  -2.335  7.142   1.00 11.12 ? 79  GLN A CD  1 
ATOM   632  O OE1 . GLN A 1 79  ? -9.747  -1.488  8.062   1.00 13.56 ? 79  GLN A OE1 1 
ATOM   633  N NE2 . GLN A 1 79  ? -10.732 -2.761  6.467   1.00 8.73  ? 79  GLN A NE2 1 
ATOM   634  N N   . ALA A 1 80  ? -7.386  -7.404  5.967   1.00 7.66  ? 80  ALA A N   1 
ATOM   635  C CA  . ALA A 1 80  ? -7.264  -8.822  6.249   1.00 8.37  ? 80  ALA A CA  1 
ATOM   636  C C   . ALA A 1 80  ? -5.816  -9.280  6.168   1.00 8.46  ? 80  ALA A C   1 
ATOM   637  O O   . ALA A 1 80  ? -5.390  -10.094 6.964   1.00 9.14  ? 80  ALA A O   1 
ATOM   638  C CB  . ALA A 1 80  ? -8.174  -9.639  5.340   1.00 9.05  ? 80  ALA A CB  1 
ATOM   639  N N   . GLY A 1 81  ? -5.044  -8.729  5.243   1.00 7.95  ? 81  GLY A N   1 
ATOM   640  C CA  . GLY A 1 81  ? -3.627  -9.000  5.175   1.00 8.77  ? 81  GLY A CA  1 
ATOM   641  C C   . GLY A 1 81  ? -2.855  -8.481  6.371   1.00 7.80  ? 81  GLY A C   1 
ATOM   642  O O   . GLY A 1 81  ? -1.967  -9.151  6.925   1.00 7.76  ? 81  GLY A O   1 
ATOM   643  N N   . PHE A 1 82  ? -3.185  -7.264  6.803   1.00 8.50  ? 82  PHE A N   1 
ATOM   644  C CA  . PHE A 1 82  ? -2.572  -6.686  7.990   1.00 8.99  ? 82  PHE A CA  1 
ATOM   645  C C   . PHE A 1 82  ? -2.841  -7.580  9.194   1.00 8.70  ? 82  PHE A C   1 
ATOM   646  O O   . PHE A 1 82  ? -1.943  -7.879  9.963   1.00 8.65  ? 82  PHE A O   1 
ATOM   647  C CB  . PHE A 1 82  ? -3.097  -5.275  8.252   1.00 9.06  ? 82  PHE A CB  1 
ATOM   648  C CG  . PHE A 1 82  ? -2.354  -4.176  7.520   1.00 7.90  ? 82  PHE A CG  1 
ATOM   649  C CD1 . PHE A 1 82  ? -2.435  -2.890  8.008   1.00 7.92  ? 82  PHE A CD1 1 
ATOM   650  C CD2 . PHE A 1 82  ? -1.612  -4.404  6.359   1.00 8.56  ? 82  PHE A CD2 1 
ATOM   651  C CE1 . PHE A 1 82  ? -1.786  -1.846  7.388   1.00 8.25  ? 82  PHE A CE1 1 
ATOM   652  C CE2 . PHE A 1 82  ? -0.930  -3.357  5.741   1.00 9.30  ? 82  PHE A CE2 1 
ATOM   653  C CZ  . PHE A 1 82  ? -1.028  -2.086  6.251   1.00 9.36  ? 82  PHE A CZ  1 
ATOM   654  N N   . LYS A 1 83  ? -4.086  -8.060  9.318   1.00 8.66  ? 83  LYS A N   1 
ATOM   655  C CA  . LYS A 1 83  ? -4.445  -8.905  10.466  1.00 10.50 ? 83  LYS A CA  1 
ATOM   656  C C   . LYS A 1 83  ? -3.666  -10.224 10.421  1.00 9.76  ? 83  LYS A C   1 
ATOM   657  O O   . LYS A 1 83  ? -3.114  -10.659 11.428  1.00 10.78 ? 83  LYS A O   1 
ATOM   658  C CB  . LYS A 1 83  ? -5.949  -9.155  10.532  1.00 10.76 ? 83  LYS A CB  1 
ATOM   659  C CG  . LYS A 1 83  ? -6.382  -10.008 11.742  1.00 13.61 ? 83  LYS A CG  1 
ATOM   660  C CD  . LYS A 1 83  ? -7.883  -10.160 11.803  1.00 18.41 ? 83  LYS A CD  1 
ATOM   661  C CE  . LYS A 1 83  ? -8.308  -10.972 13.017  1.00 21.00 ? 83  LYS A CE  1 
ATOM   662  N NZ  . LYS A 1 83  ? -9.793  -11.191 13.048  1.00 24.48 ? 83  LYS A NZ  1 
ATOM   663  N N   . ARG A 1 84  ? -3.586  -10.842 9.246   1.00 9.64  ? 84  ARG A N   1 
ATOM   664  C CA  . ARG A 1 84  ? -2.863  -12.103 9.071   1.00 10.85 ? 84  ARG A CA  1 
ATOM   665  C C   . ARG A 1 84  ? -1.398  -11.980 9.484   1.00 11.32 ? 84  ARG A C   1 
ATOM   666  O O   . ARG A 1 84  ? -0.821  -12.904 10.044  1.00 11.72 ? 84  ARG A O   1 
ATOM   667  C CB  . ARG A 1 84  ? -2.973  -12.526 7.615   1.00 12.24 ? 84  ARG A CB  1 
ATOM   668  C CG  . ARG A 1 84  ? -2.187  -13.750 7.254   1.00 14.66 ? 84  ARG A CG  1 
ATOM   669  C CD  . ARG A 1 84  ? -2.657  -14.378 5.972   1.00 18.90 ? 84  ARG A CD  1 
ATOM   670  N NE  . ARG A 1 84  ? -3.622  -15.102 5.903   1.00 28.57 ? 84  ARG A NE  1 
ATOM   671  C CZ  . ARG A 1 84  ? -4.275  -15.622 4.890   1.00 33.42 ? 84  ARG A CZ  1 
ATOM   672  N NH1 . ARG A 1 84  ? -3.645  -15.479 3.567   1.00 30.22 ? 84  ARG A NH1 1 
ATOM   673  N NH2 . ARG A 1 84  ? -5.316  -16.425 5.164   1.00 31.92 ? 84  ARG A NH2 1 
ATOM   674  N N   . MET A 1 85  ? -0.803  -10.821 9.218   1.00 10.19 ? 85  MET A N   1 
ATOM   675  C CA  . MET A 1 85  ? 0.608   -10.576 9.453   1.00 9.50  ? 85  MET A CA  1 
ATOM   676  C C   . MET A 1 85  ? 0.927   -9.865  10.742  1.00 9.36  ? 85  MET A C   1 
ATOM   677  O O   . MET A 1 85  ? 2.090   -9.570  11.014  1.00 10.26 ? 85  MET A O   1 
ATOM   678  C CB  . MET A 1 85  ? 1.184   -9.771  8.281   1.00 9.95  ? 85  MET A CB  1 
ATOM   679  C CG  . MET A 1 85  ? 1.185   -10.505 6.944   1.00 10.40 ? 85  MET A CG  1 
ATOM   680  S SD  . MET A 1 85  ? 1.857   -12.181 6.942   1.00 15.69 ? 85  MET A SD  1 
ATOM   681  C CE  . MET A 1 85  ? 3.257   -12.026 7.547   1.00 15.51 ? 85  MET A CE  1 
ATOM   682  N N   . GLY A 1 86  ? -0.065  -9.594  11.571  1.00 9.33  ? 86  GLY A N   1 
ATOM   683  C CA  . GLY A 1 86  ? 0.229   -8.997  12.862  1.00 9.55  ? 86  GLY A CA  1 
ATOM   684  C C   . GLY A 1 86  ? 0.570   -7.521  12.758  1.00 9.43  ? 86  GLY A C   1 
ATOM   685  O O   . GLY A 1 86  ? 1.231   -6.983  13.644  1.00 11.67 ? 86  GLY A O   1 
ATOM   686  N N   . VAL A 1 87  ? 0.101   -6.869  11.705  1.00 9.07  ? 87  VAL A N   1 
ATOM   687  C CA  . VAL A 1 87  ? 0.366   -5.440  11.514  1.00 9.23  ? 87  VAL A CA  1 
ATOM   688  C C   . VAL A 1 87  ? -0.675  -4.678  12.325  1.00 9.97  ? 87  VAL A C   1 
ATOM   689  O O   . VAL A 1 87  ? -1.881  -4.874  12.115  1.00 10.85 ? 87  VAL A O   1 
ATOM   690  C CB  . VAL A 1 87  ? 0.247   -5.031  10.040  1.00 8.83  ? 87  VAL A CB  1 
ATOM   691  C CG1 . VAL A 1 87  ? 0.607   -3.556  9.863   1.00 8.72  ? 87  VAL A CG1 1 
ATOM   692  C CG2 . VAL A 1 87  ? 1.116   -5.870  9.134   1.00 8.96  ? 87  VAL A CG2 1 
ATOM   693  N N   . ASP A 1 88  ? -0.244  -3.833  13.258  1.00 11.55 ? 88  ASP A N   1 
ATOM   694  C CA  . ASP A 1 88  ? -1.225  -3.198  14.167  1.00 12.40 ? 88  ASP A CA  1 
ATOM   695  C C   . ASP A 1 88  ? -1.644  -1.768  13.813  1.00 12.81 ? 88  ASP A C   1 
ATOM   696  O O   . ASP A 1 88  ? -2.418  -1.133  14.539  1.00 14.35 ? 88  ASP A O   1 
ATOM   697  C CB  . ASP A 1 88  ? -0.783  -3.289  15.620  1.00 14.15 ? 88  ASP A CB  1 
ATOM   698  C CG  . ASP A 1 88  ? 0.503   -2.600  15.882  1.00 14.98 ? 88  ASP A CG  1 
ATOM   699  O OD1 . ASP A 1 88  ? 1.026   -1.862  15.001  1.00 16.36 ? 88  ASP A OD1 1 
ATOM   700  O OD2 . ASP A 1 88  ? 1.080   -2.734  16.993  1.00 18.39 ? 88  ASP A OD2 1 
ATOM   701  N N   . LYS A 1 89  ? -1.210  -1.284  12.677  1.00 10.74 ? 89  LYS A N   1 
ATOM   702  C CA  . LYS A 1 89  ? -1.624  0.006   12.175  1.00 10.16 ? 89  LYS A CA  1 
ATOM   703  C C   . LYS A 1 89  ? -3.094  0.026   11.800  1.00 10.72 ? 89  LYS A C   1 
ATOM   704  O O   . LYS A 1 89  ? -3.568  -0.843  11.069  1.00 11.64 ? 89  LYS A O   1 
ATOM   705  C CB  . LYS A 1 89  ? -0.786  0.333   10.937  1.00 9.80  ? 89  LYS A CB  1 
ATOM   706  C CG  . LYS A 1 89  ? -1.102  1.665   10.253  1.00 11.00 ? 89  LYS A CG  1 
ATOM   707  C CD  . LYS A 1 89  ? -0.587  2.840   11.047  1.00 10.64 ? 89  LYS A CD  1 
ATOM   708  C CE  . LYS A 1 89  ? -0.740  4.136   10.294  1.00 11.80 ? 89  LYS A CE  1 
ATOM   709  N NZ  . LYS A 1 89  ? -0.070  5.240   11.053  1.00 14.62 ? 89  LYS A NZ  1 
ATOM   710  N N   . ILE A 1 90  ? -3.824  1.034   12.273  1.00 10.58 ? 90  ILE A N   1 
ATOM   711  C CA  . ILE A 1 90  ? -5.217  1.207   11.895  1.00 11.36 ? 90  ILE A CA  1 
ATOM   712  C C   . ILE A 1 90  ? -5.212  1.974   10.595  1.00 11.13 ? 90  ILE A C   1 
ATOM   713  O O   . ILE A 1 90  ? -4.617  3.052   10.520  1.00 11.38 ? 90  ILE A O   1 
ATOM   714  C CB  . ILE A 1 90  ? -6.011  1.997   12.980  1.00 12.02 ? 90  ILE A CB  1 
ATOM   715  C CG1 . ILE A 1 90  ? -6.059  1.223   14.280  1.00 13.29 ? 90  ILE A CG1 1 
ATOM   716  C CG2 . ILE A 1 90  ? -7.398  2.322   12.479  1.00 13.21 ? 90  ILE A CG2 1 
ATOM   717  C CD1 . ILE A 1 90  ? -6.783  1.980   15.387  1.00 17.31 ? 90  ILE A CD1 1 
ATOM   718  N N   . ILE A 1 91  ? -5.859  1.426   9.572   1.00 11.06 ? 91  ILE A N   1 
ATOM   719  C CA  . ILE A 1 91  ? -5.902  2.097   8.273   1.00 11.19 ? 91  ILE A CA  1 
ATOM   720  C C   . ILE A 1 91  ? -7.125  3.020   8.283   1.00 11.04 ? 91  ILE A C   1 
ATOM   721  O O   . ILE A 1 91  ? -8.236  2.545   8.522   1.00 11.68 ? 91  ILE A O   1 
ATOM   722  C CB  . ILE A 1 91  ? -6.020  1.099   7.143   1.00 11.34 ? 91  ILE A CB  1 
ATOM   723  C CG1 . ILE A 1 91  ? -4.877  0.076   7.204   1.00 10.89 ? 91  ILE A CG1 1 
ATOM   724  C CG2 . ILE A 1 91  ? -6.054  1.848   5.819   1.00 11.62 ? 91  ILE A CG2 1 
ATOM   725  C CD1 . ILE A 1 91  ? -4.988  -1.042  6.203   1.00 13.52 ? 91  ILE A CD1 1 
ATOM   726  N N   . PRO A 1 92  ? -6.957  4.318   8.025   1.00 11.50 ? 92  PRO A N   1 
ATOM   727  C CA  . PRO A 1 92  ? -8.107  5.235   7.984   1.00 11.44 ? 92  PRO A CA  1 
ATOM   728  C C   . PRO A 1 92  ? -8.855  5.144   6.651   1.00 10.84 ? 92  PRO A C   1 
ATOM   729  O O   . PRO A 1 92  ? -8.873  6.081   5.865   1.00 10.39 ? 92  PRO A O   1 
ATOM   730  C CB  . PRO A 1 92  ? -7.452  6.595   8.197   1.00 11.66 ? 92  PRO A CB  1 
ATOM   731  C CG  . PRO A 1 92  ? -6.129  6.446   7.492   1.00 12.18 ? 92  PRO A CG  1 
ATOM   732  C CD  . PRO A 1 92  ? -5.692  5.047   7.812   1.00 11.69 ? 92  PRO A CD  1 
ATOM   733  N N   . VAL A 1 93  ? -9.504  4.002   6.440   1.00 10.29 ? 93  VAL A N   1 
ATOM   734  C CA  . VAL A 1 93  ? -10.109 3.656   5.149   1.00 10.89 ? 93  VAL A CA  1 
ATOM   735  C C   . VAL A 1 93  ? -11.088 4.727   4.668   1.00 11.20 ? 93  VAL A C   1 
ATOM   736  O O   . VAL A 1 93  ? -11.013 5.173   3.522   1.00 11.13 ? 93  VAL A O   1 
ATOM   737  C CB  . VAL A 1 93  ? -10.806 2.283   5.200   1.00 10.89 ? 93  VAL A CB  1 
ATOM   738  C CG1 . VAL A 1 93  ? -11.550 1.987   3.893   1.00 11.19 ? 93  VAL A CG1 1 
ATOM   739  C CG2 . VAL A 1 93  ? -9.773  1.206   5.491   1.00 11.96 ? 93  VAL A CG2 1 
ATOM   740  N N   . ASP A 1 94  ? -12.009 5.125   5.548   1.00 12.25 ? 94  ASP A N   1 
ATOM   741  C CA  . ASP A 1 94  ? -13.034 6.108   5.191   1.00 13.38 ? 94  ASP A CA  1 
ATOM   742  C C   . ASP A 1 94  ? -12.452 7.384   4.613   1.00 13.37 ? 94  ASP A C   1 
ATOM   743  O O   . ASP A 1 94  ? -12.995 7.946   3.653   1.00 15.33 ? 94  ASP A O   1 
ATOM   744  C CB  . ASP A 1 94  ? -13.967 6.409   6.375   1.00 14.22 ? 94  ASP A CB  1 
ATOM   745  C CG  . ASP A 1 94  ? -13.244 6.966   7.602   1.00 18.01 ? 94  ASP A CG  1 
ATOM   746  O OD1 . ASP A 1 94  ? -13.955 7.519   8.481   1.00 23.09 ? 94  ASP A OD1 1 
ATOM   747  O OD2 . ASP A 1 94  ? -11.999 6.903   7.797   1.00 21.74 ? 94  ASP A OD2 1 
ATOM   748  N N   . LYS A 1 95  ? -11.329 7.825   5.164   1.00 13.00 ? 95  LYS A N   1 
ATOM   749  C CA  . LYS A 1 95  ? -10.653 9.006   4.676   1.00 13.16 ? 95  LYS A CA  1 
ATOM   750  C C   . LYS A 1 95  ? -9.945  8.743   3.357   1.00 12.70 ? 95  LYS A C   1 
ATOM   751  O O   . LYS A 1 95  ? -10.092 9.495   2.410   1.00 12.81 ? 95  LYS A O   1 
ATOM   752  C CB  . LYS A 1 95  ? -9.672  9.522   5.715   1.00 14.17 ? 95  LYS A CB  1 
ATOM   753  C CG  . LYS A 1 95  ? -10.357 10.125  6.943   1.00 16.66 ? 95  LYS A CG  1 
ATOM   754  C CD  . LYS A 1 95  ? -9.386  10.605  7.998   1.00 19.49 ? 95  LYS A CD  1 
ATOM   755  C CE  . LYS A 1 95  ? -9.824  11.277  9.182   1.00 32.07 ? 95  LYS A CE  1 
ATOM   756  N NZ  . LYS A 1 95  ? -10.739 12.412  8.804   1.00 33.05 ? 95  LYS A NZ  1 
ATOM   757  N N   . LEU A 1 96  ? -9.192  7.662   3.292   1.00 11.36 ? 96  LEU A N   1 
ATOM   758  C CA  . LEU A 1 96  ? -8.347  7.421   2.126   1.00 11.13 ? 96  LEU A CA  1 
ATOM   759  C C   . LEU A 1 96  ? -9.157  7.274   0.852   1.00 11.02 ? 96  LEU A C   1 
ATOM   760  O O   . LEU A 1 96  ? -8.767  7.794   -0.191  1.00 10.67 ? 96  LEU A O   1 
ATOM   761  C CB  . LEU A 1 96  ? -7.462  6.197   2.313   1.00 11.17 ? 96  LEU A CB  1 
ATOM   762  C CG  . LEU A 1 96  ? -6.488  6.239   3.468   1.00 10.24 ? 96  LEU A CG  1 
ATOM   763  C CD1 . LEU A 1 96  ? -5.694  4.928   3.551   1.00 10.72 ? 96  LEU A CD1 1 
ATOM   764  C CD2 . LEU A 1 96  ? -5.570  7.437   3.408   1.00 11.60 ? 96  LEU A CD2 1 
ATOM   765  N N   . VAL A 1 97  ? -10.300 6.597   0.928   1.00 10.66 ? 97  VAL A N   1 
ATOM   766  C CA  . VAL A 1 97  ? -11.085 6.326   -0.272  1.00 11.28 ? 97  VAL A CA  1 
ATOM   767  C C   . VAL A 1 97  ? -11.705 7.568   -0.910  1.00 12.16 ? 97  VAL A C   1 
ATOM   768  O O   . VAL A 1 97  ? -12.114 7.496   -2.055  1.00 12.79 ? 97  VAL A O   1 
ATOM   769  C CB  . VAL A 1 97  ? -12.164 5.243   -0.041  1.00 11.31 ? 97  VAL A CB  1 
ATOM   770  C CG1 . VAL A 1 97  ? -11.532 3.932   0.346   1.00 11.49 ? 97  VAL A CG1 1 
ATOM   771  C CG2 . VAL A 1 97  ? -13.219 5.678   0.990   1.00 12.93 ? 97  VAL A CG2 1 
ATOM   772  N N   . LYS A 1 98  ? -11.715 8.696   -0.206  1.00 12.04 ? 98  LYS A N   1 
ATOM   773  C CA  . LYS A 1 98  ? -12.233 9.961   -0.756  1.00 13.01 ? 98  LYS A CA  1 
ATOM   774  C C   . LYS A 1 98  ? -11.321 10.570  -1.805  1.00 13.81 ? 98  LYS A C   1 
ATOM   775  O O   . LYS A 1 98  ? -11.735 11.452  -2.552  1.00 14.33 ? 98  LYS A O   1 
ATOM   776  C CB  . LYS A 1 98  ? -12.480 10.975  0.364   1.00 13.64 ? 98  LYS A CB  1 
ATOM   777  C CG  . LYS A 1 98  ? -13.339 10.476  1.504   1.00 15.22 ? 98  LYS A CG  1 
ATOM   778  C CD  . LYS A 1 98  ? -14.748 10.153  1.075   1.00 17.21 ? 98  LYS A CD  1 
ATOM   779  C CE  . LYS A 1 98  ? -15.639 9.805   2.287   1.00 18.79 ? 98  LYS A CE  1 
ATOM   780  N NZ  . LYS A 1 98  ? -16.538 9.155   2.559   1.00 28.06 ? 98  LYS A NZ  1 
ATOM   781  N N   . GLY A 1 99  ? -10.073 10.115  -1.872  1.00 13.72 ? 99  GLY A N   1 
ATOM   782  C CA  . GLY A 1 99  ? -9.212  10.494  -2.972  1.00 14.05 ? 99  GLY A CA  1 
ATOM   783  C C   . GLY A 1 99  ? -8.653  11.896  -2.881  1.00 14.18 ? 99  GLY A C   1 
ATOM   784  O O   . GLY A 1 99  ? -8.464  12.535  -3.913  1.00 14.55 ? 99  GLY A O   1 
ATOM   785  N N   . LYS A 1 100 ? -8.398  12.358  -1.663  1.00 13.79 ? 100 LYS A N   1 
ATOM   786  C CA  . LYS A 1 100 ? -7.769  13.664  -1.439  1.00 14.94 ? 100 LYS A CA  1 
ATOM   787  C C   . LYS A 1 100 ? -6.283  13.476  -1.131  1.00 14.73 ? 100 LYS A C   1 
ATOM   788  O O   . LYS A 1 100 ? -5.842  12.439  -0.596  1.00 13.83 ? 100 LYS A O   1 
ATOM   789  C CB  . LYS A 1 100 ? -8.453  14.425  -0.298  1.00 15.36 ? 100 LYS A CB  1 
ATOM   790  C CG  . LYS A 1 100 ? -9.980  14.498  -0.371  1.00 18.03 ? 100 LYS A CG  1 
ATOM   791  C CD  . LYS A 1 100 ? -10.441 14.997  -1.700  1.00 19.93 ? 100 LYS A CD  1 
ATOM   792  C CE  . LYS A 1 100 ? -11.914 15.362  -2.036  1.00 34.97 ? 100 LYS A CE  1 
ATOM   793  N NZ  . LYS A 1 100 ? -12.031 15.940  -3.503  1.00 31.09 ? 100 LYS A NZ  1 
ATOM   794  N N   . PHE A 1 101 ? -5.512  14.504  -1.446  1.00 14.27 ? 101 PHE A N   1 
ATOM   795  C CA  . PHE A 1 101 ? -4.061  14.408  -1.410  1.00 14.21 ? 101 PHE A CA  1 
ATOM   796  C C   . PHE A 1 101 ? -3.490  14.243  0.002   1.00 14.59 ? 101 PHE A C   1 
ATOM   797  O O   . PHE A 1 101 ? -2.697  13.332  0.228   1.00 13.57 ? 101 PHE A O   1 
ATOM   798  C CB  . PHE A 1 101 ? -3.412  15.611  -2.104  1.00 14.85 ? 101 PHE A CB  1 
ATOM   799  C CG  . PHE A 1 101 ? -1.895  15.583  -2.047  1.00 13.32 ? 101 PHE A CG  1 
ATOM   800  C CD1 . PHE A 1 101 ? -1.217  16.230  -1.027  1.00 15.15 ? 101 PHE A CD1 1 
ATOM   801  C CD2 . PHE A 1 101 ? -1.170  14.896  -3.003  1.00 15.10 ? 101 PHE A CD2 1 
ATOM   802  C CE1 . PHE A 1 101 ? 0.173   16.154  -0.955  1.00 13.29 ? 101 PHE A CE1 1 
ATOM   803  C CE2 . PHE A 1 101 ? 0.205   14.842  -2.941  1.00 13.51 ? 101 PHE A CE2 1 
ATOM   804  C CZ  . PHE A 1 101 ? 0.870   15.477  -1.936  1.00 12.60 ? 101 PHE A CZ  1 
ATOM   805  N N   . GLN A 1 102 ? -3.862  15.083  0.963   1.00 14.78 ? 102 GLN A N   1 
ATOM   806  C CA  . GLN A 1 102 ? -3.128  15.134  2.236   1.00 15.17 ? 102 GLN A CA  1 
ATOM   807  C C   . GLN A 1 102 ? -3.259  13.829  3.024   1.00 14.55 ? 102 GLN A C   1 
ATOM   808  O O   . GLN A 1 102 ? -2.251  13.292  3.491   1.00 14.11 ? 102 GLN A O   1 
ATOM   809  C CB  . GLN A 1 102 ? -3.519  16.360  3.106   1.00 15.99 ? 102 GLN A CB  1 
ATOM   810  C CG  . GLN A 1 102 ? -3.164  17.739  2.473   1.00 17.89 ? 102 GLN A CG  1 
ATOM   811  C CD  . GLN A 1 102 ? -1.687  18.154  2.603   1.00 19.43 ? 102 GLN A CD  1 
ATOM   812  O OE1 . GLN A 1 102 ? -1.346  19.055  3.375   1.00 17.82 ? 102 GLN A OE1 1 
ATOM   813  N NE2 . GLN A 1 102 ? -0.828  17.546  1.802   1.00 21.56 ? 102 GLN A NE2 1 
ATOM   814  N N   . ASP A 1 103 ? -4.480  13.314  3.176   1.00 13.57 ? 103 ASP A N   1 
ATOM   815  C CA  . ASP A 1 103 ? -4.687  12.050  3.884   1.00 13.36 ? 103 ASP A CA  1 
ATOM   816  C C   . ASP A 1 103 ? -3.965  10.887  3.180   1.00 11.44 ? 103 ASP A C   1 
ATOM   817  O O   . ASP A 1 103 ? -3.391  10.022  3.839   1.00 10.60 ? 103 ASP A O   1 
ATOM   818  C CB  . ASP A 1 103 ? -6.180  11.717  4.011   1.00 14.13 ? 103 ASP A CB  1 
ATOM   819  C CG  . ASP A 1 103 ? -6.884  12.523  5.102   1.00 17.63 ? 103 ASP A CG  1 
ATOM   820  O OD1 . ASP A 1 103 ? -6.230  12.943  6.074   1.00 22.14 ? 103 ASP A OD1 1 
ATOM   821  O OD2 . ASP A 1 103 ? -8.104  12.740  5.071   1.00 20.10 ? 103 ASP A OD2 1 
ATOM   822  N N   . ASN A 1 104 ? -4.041  10.844  1.858   1.00 11.40 ? 104 ASN A N   1 
ATOM   823  C CA  . ASN A 1 104 ? -3.388  9.791   1.110   1.00 10.64 ? 104 ASN A CA  1 
ATOM   824  C C   . ASN A 1 104 ? -1.864  9.890   1.211   1.00 10.16 ? 104 ASN A C   1 
ATOM   825  O O   . ASN A 1 104 ? -1.172  8.872   1.331   1.00 9.83  ? 104 ASN A O   1 
ATOM   826  C CB  . ASN A 1 104 ? -3.877  9.716   -0.343  1.00 10.36 ? 104 ASN A CB  1 
ATOM   827  C CG  . ASN A 1 104 ? -5.125  8.875   -0.459  1.00 10.53 ? 104 ASN A CG  1 
ATOM   828  O OD1 . ASN A 1 104 ? -5.040  7.654   -0.408  1.00 10.75 ? 104 ASN A OD1 1 
ATOM   829  N ND2 . ASN A 1 104 ? -6.291  9.508   -0.499  1.00 9.62  ? 104 ASN A ND2 1 
ATOM   830  N N   . PHE A 1 105 ? -1.317  11.090  1.178   1.00 10.51 ? 105 PHE A N   1 
ATOM   831  C CA  . PHE A 1 105 ? 0.120   11.250  1.301   1.00 10.07 ? 105 PHE A CA  1 
ATOM   832  C C   . PHE A 1 105 ? 0.600   10.877  2.718   1.00 9.76  ? 105 PHE A C   1 
ATOM   833  O O   . PHE A 1 105 ? 1.649   10.245  2.874   1.00 9.83  ? 105 PHE A O   1 
ATOM   834  C CB  . PHE A 1 105 ? 0.496   12.682  0.925   1.00 10.52 ? 105 PHE A CB  1 
ATOM   835  C CG  . PHE A 1 105 ? 1.960   12.873  0.569   1.00 11.10 ? 105 PHE A CG  1 
ATOM   836  C CD1 . PHE A 1 105 ? 2.645   13.976  1.031   1.00 13.39 ? 105 PHE A CD1 1 
ATOM   837  C CD2 . PHE A 1 105 ? 2.638   11.969  -0.247  1.00 14.25 ? 105 PHE A CD2 1 
ATOM   838  C CE1 . PHE A 1 105 ? 3.991   14.182  0.685   1.00 13.98 ? 105 PHE A CE1 1 
ATOM   839  C CE2 . PHE A 1 105 ? 3.973   12.164  -0.584  1.00 15.74 ? 105 PHE A CE2 1 
ATOM   840  C CZ  . PHE A 1 105 ? 4.641   13.276  -0.126  1.00 15.60 ? 105 PHE A CZ  1 
ATOM   841  N N   . GLU A 1 106 ? -0.129  11.260  3.763   1.00 9.23  ? 106 GLU A N   1 
ATOM   842  C CA  . GLU A 1 106 ? 0.208   10.873  5.121   1.00 9.36  ? 106 GLU A CA  1 
ATOM   843  C C   . GLU A 1 106 ? 0.284   9.340   5.272   1.00 8.67  ? 106 GLU A C   1 
ATOM   844  O O   . GLU A 1 106 ? 1.238   8.803   5.820   1.00 9.39  ? 106 GLU A O   1 
ATOM   845  C CB  . GLU A 1 106 ? -0.788  11.463  6.131   1.00 10.52 ? 106 GLU A CB  1 
ATOM   846  C CG  . GLU A 1 106 ? -0.518  11.069  7.570   1.00 12.57 ? 106 GLU A CG  1 
ATOM   847  C CD  . GLU A 1 106 ? -1.489  11.656  8.583   1.00 18.53 ? 106 GLU A CD  1 
ATOM   848  O OE1 . GLU A 1 106 ? -2.529  12.225  8.200   1.00 23.71 ? 106 GLU A OE1 1 
ATOM   849  O OE2 . GLU A 1 106 ? -1.193  11.522  9.789   1.00 22.32 ? 106 GLU A OE2 1 
ATOM   850  N N   . PHE A 1 107 ? -0.708  8.625   4.769   1.00 8.20  ? 107 PHE A N   1 
ATOM   851  C CA  . PHE A 1 107 ? -0.706  7.176   4.948   1.00 7.92  ? 107 PHE A CA  1 
ATOM   852  C C   . PHE A 1 107 ? 0.422   6.550   4.143   1.00 7.28  ? 107 PHE A C   1 
ATOM   853  O O   . PHE A 1 107 ? 1.085   5.628   4.618   1.00 7.60  ? 107 PHE A O   1 
ATOM   854  C CB  . PHE A 1 107 ? -2.040  6.540   4.561   1.00 7.32  ? 107 PHE A CB  1 
ATOM   855  C CG  . PHE A 1 107 ? -2.094  5.070   4.806   1.00 7.60  ? 107 PHE A CG  1 
ATOM   856  C CD1 . PHE A 1 107 ? -2.251  4.556   6.072   1.00 7.83  ? 107 PHE A CD1 1 
ATOM   857  C CD2 . PHE A 1 107 ? -1.980  4.185   3.749   1.00 7.82  ? 107 PHE A CD2 1 
ATOM   858  C CE1 . PHE A 1 107 ? -2.274  3.181   6.285   1.00 8.37  ? 107 PHE A CE1 1 
ATOM   859  C CE2 . PHE A 1 107 ? -2.010  2.820   3.962   1.00 9.21  ? 107 PHE A CE2 1 
ATOM   860  C CZ  . PHE A 1 107 ? -2.151  2.320   5.211   1.00 9.00  ? 107 PHE A CZ  1 
ATOM   861  N N   . VAL A 1 108 ? 0.673   7.025   2.927   1.00 6.78  ? 108 VAL A N   1 
ATOM   862  C CA  . VAL A 1 108 ? 1.710   6.400   2.113   1.00 7.85  ? 108 VAL A CA  1 
ATOM   863  C C   . VAL A 1 108 ? 3.088   6.639   2.729   1.00 7.57  ? 108 VAL A C   1 
ATOM   864  O O   . VAL A 1 108 ? 3.985   5.794   2.610   1.00 7.10  ? 108 VAL A O   1 
ATOM   865  C CB  . VAL A 1 108 ? 1.665   6.782   0.594   1.00 8.09  ? 108 VAL A CB  1 
ATOM   866  C CG1 . VAL A 1 108 ? 2.183   8.153   0.350   1.00 10.46 ? 108 VAL A CG1 1 
ATOM   867  C CG2 . VAL A 1 108 ? 2.440   5.767   -0.217  1.00 8.90  ? 108 VAL A CG2 1 
ATOM   868  N N   . GLN A 1 109 ? 3.289   7.760   3.410   1.00 7.78  ? 109 GLN A N   1 
ATOM   869  C CA  . GLN A 1 109 ? 4.573   7.970   4.075   1.00 7.97  ? 109 GLN A CA  1 
ATOM   870  C C   . GLN A 1 109 ? 4.804   6.902   5.153   1.00 7.08  ? 109 GLN A C   1 
ATOM   871  O O   . GLN A 1 109 ? 5.911   6.360   5.302   1.00 7.11  ? 109 GLN A O   1 
ATOM   872  C CB  . GLN A 1 109 ? 4.661   9.368   4.699   1.00 8.55  ? 109 GLN A CB  1 
ATOM   873  C CG  . GLN A 1 109 ? 4.713   10.510  3.693   1.00 11.03 ? 109 GLN A CG  1 
ATOM   874  C CD  . GLN A 1 109 ? 6.042   10.675  2.950   1.00 11.99 ? 109 GLN A CD  1 
ATOM   875  O OE1 . GLN A 1 109 ? 7.041   9.971   3.177   1.00 11.05 ? 109 GLN A OE1 1 
ATOM   876  N NE2 . GLN A 1 109 ? 6.039   11.610  2.012   1.00 15.75 ? 109 GLN A NE2 1 
ATOM   877  N N   . TRP A 1 110 ? 3.763   6.573   5.915   1.00 5.78  ? 110 TRP A N   1 
ATOM   878  C CA  . TRP A 1 110 ? 3.828   5.489   6.872   1.00 6.78  ? 110 TRP A CA  1 
ATOM   879  C C   . TRP A 1 110 ? 4.042   4.143   6.172   1.00 5.90  ? 110 TRP A C   1 
ATOM   880  O O   . TRP A 1 110 ? 4.892   3.350   6.579   1.00 6.55  ? 110 TRP A O   1 
ATOM   881  C CB  . TRP A 1 110 ? 2.576   5.440   7.772   1.00 6.92  ? 110 TRP A CB  1 
ATOM   882  C CG  . TRP A 1 110 ? 2.615   4.175   8.599   1.00 7.06  ? 110 TRP A CG  1 
ATOM   883  C CD1 . TRP A 1 110 ? 3.303   3.977   9.749   1.00 8.31  ? 110 TRP A CD1 1 
ATOM   884  C CD2 . TRP A 1 110 ? 2.098   2.899   8.225   1.00 7.18  ? 110 TRP A CD2 1 
ATOM   885  N NE1 . TRP A 1 110 ? 3.194   2.668   10.160  1.00 8.90  ? 110 TRP A NE1 1 
ATOM   886  C CE2 . TRP A 1 110 ? 2.453   1.983   9.232   1.00 6.10  ? 110 TRP A CE2 1 
ATOM   887  C CE3 . TRP A 1 110 ? 1.295   2.447   7.174   1.00 7.76  ? 110 TRP A CE3 1 
ATOM   888  C CZ2 . TRP A 1 110 ? 2.104   0.638   9.169   1.00 7.64  ? 110 TRP A CZ2 1 
ATOM   889  C CZ3 . TRP A 1 110 ? 0.935   1.109   7.119   1.00 8.71  ? 110 TRP A CZ3 1 
ATOM   890  C CH2 . TRP A 1 110 ? 1.334   0.227   8.110   1.00 7.06  ? 110 TRP A CH2 1 
ATOM   891  N N   . PHE A 1 111 ? 3.284   3.909   5.109   1.00 5.70  ? 111 PHE A N   1 
ATOM   892  C CA  . PHE A 1 111 ? 3.350   2.641   4.412   1.00 6.14  ? 111 PHE A CA  1 
ATOM   893  C C   . PHE A 1 111 ? 4.740   2.358   3.855   1.00 5.87  ? 111 PHE A C   1 
ATOM   894  O O   . PHE A 1 111 ? 5.239   1.226   3.926   1.00 6.51  ? 111 PHE A O   1 
ATOM   895  C CB  . PHE A 1 111 ? 2.272   2.529   3.317   1.00 7.35  ? 111 PHE A CB  1 
ATOM   896  C CG  . PHE A 1 111 ? 2.159   1.135   2.774   1.00 6.74  ? 111 PHE A CG  1 
ATOM   897  C CD1 . PHE A 1 111 ? 2.971   0.716   1.759   1.00 6.66  ? 111 PHE A CD1 1 
ATOM   898  C CD2 . PHE A 1 111 ? 1.243   0.240   3.283   1.00 9.50  ? 111 PHE A CD2 1 
ATOM   899  C CE1 . PHE A 1 111 ? 2.913   -0.568  1.260   1.00 8.19  ? 111 PHE A CE1 1 
ATOM   900  C CE2 . PHE A 1 111 ? 1.180   -1.073  2.795   1.00 8.62  ? 111 PHE A CE2 1 
ATOM   901  C CZ  . PHE A 1 111 ? 2.019   -1.475  1.784   1.00 9.13  ? 111 PHE A CZ  1 
ATOM   902  N N   . LYS A 1 112 ? 5.382   3.377   3.304   1.00 5.47  ? 112 LYS A N   1 
ATOM   903  C CA  . LYS A 1 112 ? 6.730   3.227   2.759   1.00 5.47  ? 112 LYS A CA  1 
ATOM   904  C C   . LYS A 1 112 ? 7.711   2.841   3.884   1.00 5.71  ? 112 LYS A C   1 
ATOM   905  O O   . LYS A 1 112 ? 8.594   1.995   3.692   1.00 6.15  ? 112 LYS A O   1 
ATOM   906  C CB  . LYS A 1 112 ? 7.159   4.505   2.033   1.00 6.68  ? 112 LYS A CB  1 
ATOM   907  C CG  . LYS A 1 112 ? 8.610   4.515   1.579   1.00 7.90  ? 112 LYS A CG  1 
ATOM   908  C CD  . LYS A 1 112 ? 8.906   3.373   0.653   1.00 8.94  ? 112 LYS A CD  1 
ATOM   909  C CE  . LYS A 1 112 ? 10.108  3.666   -0.212  1.00 12.58 ? 112 LYS A CE  1 
ATOM   910  N NZ  . LYS A 1 112 ? 11.378  3.568   0.524   1.00 18.43 ? 112 LYS A NZ  1 
ATOM   911  N N   . LYS A 1 113 ? 7.553   3.440   5.066   1.00 5.32  ? 113 LYS A N   1 
ATOM   912  C CA  . LYS A 1 113 ? 8.412   3.073   6.208   1.00 6.12  ? 113 LYS A CA  1 
ATOM   913  C C   . LYS A 1 113 ? 8.159   1.617   6.631   1.00 6.68  ? 113 LYS A C   1 
ATOM   914  O O   . LYS A 1 113 ? 9.096   0.864   6.919   1.00 6.82  ? 113 LYS A O   1 
ATOM   915  C CB  . LYS A 1 113 ? 8.207   4.034   7.378   1.00 6.79  ? 113 LYS A CB  1 
ATOM   916  C CG  . LYS A 1 113 ? 8.615   5.467   7.060   1.00 6.70  ? 113 LYS A CG  1 
ATOM   917  C CD  . LYS A 1 113 ? 8.005   6.461   8.045   1.00 7.59  ? 113 LYS A CD  1 
ATOM   918  C CE  . LYS A 1 113 ? 8.246   7.882   7.624   1.00 10.02 ? 113 LYS A CE  1 
ATOM   919  N NZ  . LYS A 1 113 ? 7.629   8.857   8.549   1.00 16.01 ? 113 LYS A NZ  1 
ATOM   920  N N   . PHE A 1 114 ? 6.892   1.211   6.643   1.00 5.89  ? 114 PHE A N   1 
ATOM   921  C CA  . PHE A 1 114 ? 6.514   -0.161  6.945   1.00 6.38  ? 114 PHE A CA  1 
ATOM   922  C C   . PHE A 1 114 ? 7.126   -1.112  5.918   1.00 6.29  ? 114 PHE A C   1 
ATOM   923  O O   . PHE A 1 114 ? 7.738   -2.127  6.266   1.00 6.12  ? 114 PHE A O   1 
ATOM   924  C CB  . PHE A 1 114 ? 5.001   -0.267  6.958   1.00 6.33  ? 114 PHE A CB  1 
ATOM   925  C CG  . PHE A 1 114 ? 4.504   -1.672  7.009   1.00 7.18  ? 114 PHE A CG  1 
ATOM   926  C CD1 . PHE A 1 114 ? 3.946   -2.261  5.892   1.00 7.39  ? 114 PHE A CD1 1 
ATOM   927  C CD2 . PHE A 1 114 ? 4.571   -2.394  8.175   1.00 8.02  ? 114 PHE A CD2 1 
ATOM   928  C CE1 . PHE A 1 114 ? 3.489   -3.584  5.943   1.00 8.17  ? 114 PHE A CE1 1 
ATOM   929  C CE2 . PHE A 1 114 ? 4.114   -3.711  8.225   1.00 8.91  ? 114 PHE A CE2 1 
ATOM   930  C CZ  . PHE A 1 114 ? 3.597   -4.298  7.103   1.00 9.17  ? 114 PHE A CZ  1 
ATOM   931  N N   . PHE A 1 115 ? 6.986   -0.779  4.648   1.00 5.88  ? 115 PHE A N   1 
ATOM   932  C CA  . PHE A 1 115 ? 7.569   -1.542  3.575   1.00 6.58  ? 115 PHE A CA  1 
ATOM   933  C C   . PHE A 1 115 ? 9.085   -1.673  3.749   1.00 6.67  ? 115 PHE A C   1 
ATOM   934  O O   . PHE A 1 115 ? 9.614   -2.793  3.707   1.00 6.17  ? 115 PHE A O   1 
ATOM   935  C CB  . PHE A 1 115 ? 7.212   -0.912  2.216   1.00 6.12  ? 115 PHE A CB  1 
ATOM   936  C CG  . PHE A 1 115 ? 7.758   -1.689  1.045   1.00 5.76  ? 115 PHE A CG  1 
ATOM   937  C CD1 . PHE A 1 115 ? 9.041   -1.443  0.581   1.00 6.44  ? 115 PHE A CD1 1 
ATOM   938  C CD2 . PHE A 1 115 ? 7.001   -2.670  0.418   1.00 7.61  ? 115 PHE A CD2 1 
ATOM   939  C CE1 . PHE A 1 115 ? 9.578   -2.168  -0.478  1.00 8.15  ? 115 PHE A CE1 1 
ATOM   940  C CE2 . PHE A 1 115 ? 7.530   -3.374  -0.653  1.00 8.56  ? 115 PHE A CE2 1 
ATOM   941  C CZ  . PHE A 1 115 ? 8.819   -3.116  -1.090  1.00 8.71  ? 115 PHE A CZ  1 
ATOM   942  N N   . ASP A 1 116 ? 9.781   -0.562  3.962   1.00 6.74  ? 116 ASP A N   1 
ATOM   943  C CA  . ASP A 1 116 ? 11.228  -0.594  4.081   1.00 6.83  ? 116 ASP A CA  1 
ATOM   944  C C   . ASP A 1 116 ? 11.672  -1.452  5.264   1.00 6.82  ? 116 ASP A C   1 
ATOM   945  O O   . ASP A 1 116 ? 12.716  -2.117  5.184   1.00 8.58  ? 116 ASP A O   1 
ATOM   946  C CB  . ASP A 1 116 ? 11.773  0.841   4.200   1.00 7.08  ? 116 ASP A CB  1 
ATOM   947  C CG  . ASP A 1 116 ? 11.715  1.572   2.907   1.00 8.62  ? 116 ASP A CG  1 
ATOM   948  O OD1 . ASP A 1 116 ? 11.429  0.948   1.858   1.00 9.22  ? 116 ASP A OD1 1 
ATOM   949  O OD2 . ASP A 1 116 ? 11.950  2.798   2.838   1.00 13.12 ? 116 ASP A OD2 1 
ATOM   950  N N   . ALA A 1 117 ? 10.900  -1.462  6.354   1.00 6.22  ? 117 ALA A N   1 
ATOM   951  C CA  . ALA A 1 117 ? 11.225  -2.286  7.535   1.00 6.81  ? 117 ALA A CA  1 
ATOM   952  C C   . ALA A 1 117 ? 11.048  -3.776  7.322   1.00 7.56  ? 117 ALA A C   1 
ATOM   953  O O   . ALA A 1 117 ? 11.593  -4.575  8.096   1.00 9.11  ? 117 ALA A O   1 
ATOM   954  C CB  . ALA A 1 117 ? 10.401  -1.877  8.705   1.00 7.32  ? 117 ALA A CB  1 
ATOM   955  N N   . ASN A 1 118 ? 10.272  -4.159  6.303   1.00 6.76  ? 118 ASN A N   1 
ATOM   956  C CA  . ASN A 1 118 ? 9.915   -5.560  6.064   1.00 5.90  ? 118 ASN A CA  1 
ATOM   957  C C   . ASN A 1 118 ? 10.406  -6.172  4.774   1.00 6.81  ? 118 ASN A C   1 
ATOM   958  O O   . ASN A 1 118 ? 10.375  -7.384  4.630   1.00 6.92  ? 118 ASN A O   1 
ATOM   959  C CB  . ASN A 1 118 ? 8.384   -5.667  6.122   1.00 6.47  ? 118 ASN A CB  1 
ATOM   960  C CG  . ASN A 1 118 ? 7.856   -5.519  7.519   1.00 6.58  ? 118 ASN A CG  1 
ATOM   961  O OD1 . ASN A 1 118 ? 7.370   -4.419  7.928   1.00 8.66  ? 118 ASN A OD1 1 
ATOM   962  N ND2 . ASN A 1 118 ? 7.937   -6.588  8.276   1.00 4.53  ? 118 ASN A ND2 1 
ATOM   963  N N   . TYR A 1 119 ? 10.798  -5.361  3.816   1.00 6.06  ? 119 TYR A N   1 
ATOM   964  C CA  . TYR A 1 119 ? 11.168  -5.873  2.509   1.00 6.61  ? 119 TYR A CA  1 
ATOM   965  C C   . TYR A 1 119 ? 12.480  -6.662  2.566   1.00 6.65  ? 119 TYR A C   1 
ATOM   966  O O   . TYR A 1 119 ? 13.484  -6.173  3.084   1.00 7.86  ? 119 TYR A O   1 
ATOM   967  C CB  . TYR A 1 119 ? 11.271  -4.730  1.512   1.00 7.17  ? 119 TYR A CB  1 
ATOM   968  C CG  . TYR A 1 119 ? 11.629  -5.153  0.105   1.00 5.16  ? 119 TYR A CG  1 
ATOM   969  C CD1 . TYR A 1 119 ? 10.973  -6.215  -0.531  1.00 7.14  ? 119 TYR A CD1 1 
ATOM   970  C CD2 . TYR A 1 119 ? 12.626  -4.479  -0.598  1.00 6.73  ? 119 TYR A CD2 1 
ATOM   971  C CE1 . TYR A 1 119 ? 11.307  -6.589  -1.830  1.00 8.50  ? 119 TYR A CE1 1 
ATOM   972  C CE2 . TYR A 1 119 ? 12.964  -4.854  -1.873  1.00 9.24  ? 119 TYR A CE2 1 
ATOM   973  C CZ  . TYR A 1 119 ? 12.308  -5.917  -2.471  1.00 9.34  ? 119 TYR A CZ  1 
ATOM   974  O OH  . TYR A 1 119 ? 12.678  -6.271  -3.753  1.00 11.95 ? 119 TYR A OH  1 
ATOM   975  N N   . ASP A 1 120 ? 12.475  -7.855  1.982   1.00 6.48  ? 120 ASP A N   1 
ATOM   976  C CA  . ASP A 1 120 ? 13.627  -8.781  2.002   1.00 6.59  ? 120 ASP A CA  1 
ATOM   977  C C   . ASP A 1 120 ? 14.504  -8.731  0.735   1.00 7.44  ? 120 ASP A C   1 
ATOM   978  O O   . ASP A 1 120 ? 15.498  -9.426  0.653   1.00 9.00  ? 120 ASP A O   1 
ATOM   979  C CB  . ASP A 1 120 ? 13.179  -10.215 2.294   1.00 6.73  ? 120 ASP A CB  1 
ATOM   980  C CG  . ASP A 1 120 ? 12.261  -10.777 1.248   1.00 6.32  ? 120 ASP A CG  1 
ATOM   981  O OD1 . ASP A 1 120 ? 11.917  -10.049 0.266   1.00 6.27  ? 120 ASP A OD1 1 
ATOM   982  O OD2 . ASP A 1 120 ? 11.845  -11.962 1.368   1.00 8.09  ? 120 ASP A OD2 1 
ATOM   983  N N   . GLY A 1 121 ? 14.134  -7.906  -0.240  1.00 7.81  ? 121 GLY A N   1 
ATOM   984  C CA  . GLY A 1 121 ? 14.902  -7.833  -1.467  1.00 7.89  ? 121 GLY A CA  1 
ATOM   985  C C   . GLY A 1 121 ? 14.479  -8.792  -2.549  1.00 8.94  ? 121 GLY A C   1 
ATOM   986  O O   . GLY A 1 121 ? 15.107  -8.817  -3.596  1.00 10.86 ? 121 GLY A O   1 
ATOM   987  N N   . LYS A 1 122 ? 13.419  -9.559  -2.353  1.00 7.88  ? 122 LYS A N   1 
ATOM   988  C CA  . LYS A 1 122 ? 13.036  -10.553 -3.339  1.00 9.12  ? 122 LYS A CA  1 
ATOM   989  C C   . LYS A 1 122 ? 12.664  -9.890  -4.654  1.00 9.89  ? 122 LYS A C   1 
ATOM   990  O O   . LYS A 1 122 ? 12.112  -8.793  -4.721  1.00 9.92  ? 122 LYS A O   1 
ATOM   991  C CB  . LYS A 1 122 ? 11.884  -11.433 -2.848  1.00 9.19  ? 122 LYS A CB  1 
ATOM   992  C CG  . LYS A 1 122 ? 10.520  -10.707 -2.791  1.00 7.14  ? 122 LYS A CG  1 
ATOM   993  C CD  . LYS A 1 122 ? 9.366   -11.648 -2.433  1.00 7.57  ? 122 LYS A CD  1 
ATOM   994  C CE  . LYS A 1 122 ? 9.408   -12.110 -1.034  1.00 6.97  ? 122 LYS A CE  1 
ATOM   995  N NZ  . LYS A 1 122 ? 9.296   -10.968 -0.058  1.00 6.17  ? 122 LYS A NZ  1 
ATOM   996  N N   . ASP A 1 123 ? 12.976  -10.612 -5.726  1.00 12.41 ? 123 ASP A N   1 
ATOM   997  C CA  . ASP A 1 123 ? 12.427  -10.263 -7.019  1.00 13.82 ? 123 ASP A CA  1 
ATOM   998  C C   . ASP A 1 123 ? 10.918  -10.471 -7.015  1.00 14.24 ? 123 ASP A C   1 
ATOM   999  O O   . ASP A 1 123 ? 10.415  -11.362 -6.365  1.00 15.84 ? 123 ASP A O   1 
ATOM   1000 C CB  . ASP A 1 123 ? 13.116  -11.073 -8.130  1.00 14.67 ? 123 ASP A CB  1 
ATOM   1001 C CG  . ASP A 1 123 ? 14.520  -10.571 -8.381  1.00 16.21 ? 123 ASP A CG  1 
ATOM   1002 O OD1 . ASP A 1 123 ? 15.457  -11.385 -8.481  1.00 25.36 ? 123 ASP A OD1 1 
ATOM   1003 O OD2 . ASP A 1 123 ? 14.773  -9.360  -8.459  1.00 20.25 ? 123 ASP A OD2 1 
ATOM   1004 N N   . TYR A 1 124 ? 10.222  -9.627  -7.754  1.00 14.92 ? 124 TYR A N   1 
ATOM   1005 C CA  . TYR A 1 124 ? 8.766   -9.680  -7.814  1.00 15.51 ? 124 TYR A CA  1 
ATOM   1006 C C   . TYR A 1 124 ? 8.316   -9.165  -9.156  1.00 16.49 ? 124 TYR A C   1 
ATOM   1007 O O   . TYR A 1 124 ? 8.723   -8.086  -9.575  1.00 19.03 ? 124 TYR A O   1 
ATOM   1008 C CB  . TYR A 1 124 ? 8.206   -8.764  -6.722  1.00 16.18 ? 124 TYR A CB  1 
ATOM   1009 C CG  . TYR A 1 124 ? 6.707   -8.795  -6.574  1.00 14.68 ? 124 TYR A CG  1 
ATOM   1010 C CD1 . TYR A 1 124 ? 6.090   -9.892  -6.019  1.00 14.30 ? 124 TYR A CD1 1 
ATOM   1011 C CD2 . TYR A 1 124 ? 5.913   -7.733  -7.004  1.00 14.51 ? 124 TYR A CD2 1 
ATOM   1012 C CE1 . TYR A 1 124 ? 4.688   -9.928  -5.864  1.00 14.57 ? 124 TYR A CE1 1 
ATOM   1013 C CE2 . TYR A 1 124 ? 4.539   -7.757  -6.856  1.00 14.42 ? 124 TYR A CE2 1 
ATOM   1014 C CZ  . TYR A 1 124 ? 3.940   -8.867  -6.287  1.00 12.82 ? 124 TYR A CZ  1 
ATOM   1015 O OH  . TYR A 1 124 ? 2.584   -8.938  -6.118  1.00 16.68 ? 124 TYR A OH  1 
ATOM   1016 N N   . ASP A 1 125 ? 7.472   -9.930  -9.834  1.00 16.34 ? 125 ASP A N   1 
ATOM   1017 C CA  . ASP A 1 125 ? 6.913   -9.493  -11.107 1.00 16.58 ? 125 ASP A CA  1 
ATOM   1018 C C   . ASP A 1 125 ? 5.519   -8.995  -10.807 1.00 15.99 ? 125 ASP A C   1 
ATOM   1019 O O   . ASP A 1 125 ? 4.619   -9.794  -10.621 1.00 15.78 ? 125 ASP A O   1 
ATOM   1020 C CB  . ASP A 1 125 ? 6.898   -10.626 -12.139 1.00 17.08 ? 125 ASP A CB  1 
ATOM   1021 C CG  . ASP A 1 125 ? 6.416   -10.162 -13.493 1.00 19.71 ? 125 ASP A CG  1 
ATOM   1022 O OD1 . ASP A 1 125 ? 5.877   -9.028  -13.572 1.00 21.18 ? 125 ASP A OD1 1 
ATOM   1023 O OD2 . ASP A 1 125 ? 6.536   -10.852 -14.534 1.00 23.56 ? 125 ASP A OD2 1 
ATOM   1024 N N   . PRO A 1 126 ? 5.341   -7.674  -10.684 1.00 15.29 ? 126 PRO A N   1 
ATOM   1025 C CA  . PRO A 1 126 ? 4.045   -7.123  -10.282 1.00 15.28 ? 126 PRO A CA  1 
ATOM   1026 C C   . PRO A 1 126 ? 3.004   -7.213  -11.381 1.00 16.13 ? 126 PRO A C   1 
ATOM   1027 O O   . PRO A 1 126 ? 1.825   -7.239  -11.088 1.00 15.79 ? 126 PRO A O   1 
ATOM   1028 C CB  . PRO A 1 126 ? 4.364   -5.668  -9.979  1.00 14.92 ? 126 PRO A CB  1 
ATOM   1029 C CG  . PRO A 1 126 ? 5.517   -5.346  -10.839 1.00 14.64 ? 126 PRO A CG  1 
ATOM   1030 C CD  . PRO A 1 126 ? 6.333   -6.604  -10.914 1.00 15.01 ? 126 PRO A CD  1 
ATOM   1031 N N   . VAL A 1 127 ? 3.437   -7.261  -12.637 1.00 17.59 ? 127 VAL A N   1 
ATOM   1032 C CA  . VAL A 1 127 ? 2.507   -7.405  -13.739 1.00 18.72 ? 127 VAL A CA  1 
ATOM   1033 C C   . VAL A 1 127 ? 1.977   -8.826  -13.746 1.00 19.67 ? 127 VAL A C   1 
ATOM   1034 O O   . VAL A 1 127 ? 0.778   -9.039  -13.790 1.00 20.25 ? 127 VAL A O   1 
ATOM   1035 C CB  . VAL A 1 127 ? 3.151   -7.072  -15.096 1.00 18.26 ? 127 VAL A CB  1 
ATOM   1036 C CG1 . VAL A 1 127 ? 2.149   -7.226  -16.233 1.00 19.57 ? 127 VAL A CG1 1 
ATOM   1037 C CG2 . VAL A 1 127 ? 3.701   -5.643  -15.106 1.00 18.33 ? 127 VAL A CG2 1 
ATOM   1038 N N   . ALA A 1 128 ? 2.874   -9.804  -13.663 1.00 21.83 ? 128 ALA A N   1 
ATOM   1039 C CA  . ALA A 1 128 ? 2.465   -11.212 -13.682 1.00 22.65 ? 128 ALA A CA  1 
ATOM   1040 C C   . ALA A 1 128 ? 1.538   -11.526 -12.516 1.00 23.81 ? 128 ALA A C   1 
ATOM   1041 O O   . ALA A 1 128 ? 0.663   -12.366 -12.623 1.00 24.69 ? 128 ALA A O   1 
ATOM   1042 C CB  . ALA A 1 128 ? 3.674   -12.111 -13.666 1.00 22.94 ? 128 ALA A CB  1 
ATOM   1043 N N   . ALA A 1 129 ? 1.703   -10.804 -11.410 1.00 24.77 ? 129 ALA A N   1 
ATOM   1044 C CA  . ALA A 1 129 ? 0.875   -10.997 -10.219 1.00 25.14 ? 129 ALA A CA  1 
ATOM   1045 C C   . ALA A 1 129 ? -0.553  -10.451 -10.375 1.00 25.62 ? 129 ALA A C   1 
ATOM   1046 O O   . ALA A 1 129 ? -1.465  -10.833 -9.623  1.00 26.14 ? 129 ALA A O   1 
ATOM   1047 C CB  . ALA A 1 129 ? 1.553   -10.349 -9.040  1.00 24.82 ? 129 ALA A CB  1 
ATOM   1048 N N   . ARG A 1 130 ? -0.751  -9.548  -11.334 1.00 26.00 ? 130 ARG A N   1 
ATOM   1049 C CA  . ARG A 1 130 ? -2.050  -8.890  -11.549 1.00 25.88 ? 130 ARG A CA  1 
ATOM   1050 C C   . ARG A 1 130 ? -2.934  -9.678  -12.504 1.00 26.66 ? 130 ARG A C   1 
ATOM   1051 O O   . ARG A 1 130 ? -3.943  -9.156  -12.990 1.00 27.50 ? 130 ARG A O   1 
ATOM   1052 C CB  . ARG A 1 130 ? -1.859  -7.463  -12.094 1.00 25.70 ? 130 ARG A CB  1 
ATOM   1053 C CG  . ARG A 1 130 ? -1.460  -6.442  -11.062 1.00 22.89 ? 130 ARG A CG  1 
ATOM   1054 C CD  . ARG A 1 130 ? -1.715  -4.999  -11.465 1.00 17.98 ? 130 ARG A CD  1 
ATOM   1055 N NE  . ARG A 1 130 ? -0.807  -4.485  -12.507 1.00 16.27 ? 130 ARG A NE  1 
ATOM   1056 C CZ  . ARG A 1 130 ? 0.414   -3.980  -12.310 1.00 13.04 ? 130 ARG A CZ  1 
ATOM   1057 N NH1 . ARG A 1 130 ? 0.952   -3.894  -11.092 1.00 11.94 ? 130 ARG A NH1 1 
ATOM   1058 N NH2 . ARG A 1 130 ? 1.093   -3.529  -13.350 1.00 14.12 ? 130 ARG A NH2 1 
HETATM 1059 S S   . SO4 B 2 .   ? 7.113   17.289  -4.169  1.00 21.24 ? 200 SO4 A S   1 
HETATM 1060 O O1  . SO4 B 2 .   ? 7.513   16.248  -5.141  1.00 18.50 ? 200 SO4 A O1  1 
HETATM 1061 O O2  . SO4 B 2 .   ? 5.889   17.903  -4.679  1.00 22.04 ? 200 SO4 A O2  1 
HETATM 1062 O O3  . SO4 B 2 .   ? 6.873   16.744  -2.828  1.00 23.65 ? 200 SO4 A O3  1 
HETATM 1063 O O4  . SO4 B 2 .   ? 8.157   18.309  -4.036  1.00 23.77 ? 200 SO4 A O4  1 
HETATM 1064 S S   . SO4 C 2 .   ? 1.268   5.317   16.212  1.00 23.75 ? 201 SO4 A S   1 
HETATM 1065 O O1  . SO4 C 2 .   ? 0.858   6.676   15.882  1.00 29.70 ? 201 SO4 A O1  1 
HETATM 1066 O O2  . SO4 C 2 .   ? 2.686   5.263   16.467  1.00 25.05 ? 201 SO4 A O2  1 
HETATM 1067 O O3  . SO4 C 2 .   ? 0.570   4.800   17.376  1.00 32.26 ? 201 SO4 A O3  1 
HETATM 1068 O O4  . SO4 C 2 .   ? 1.005   4.455   15.064  1.00 31.52 ? 201 SO4 A O4  1 
HETATM 1069 O O   . HOH D 3 .   ? -3.239  1.576   -2.932  1.00 9.05  ? 202 HOH A O   1 
HETATM 1070 O O   . HOH D 3 .   ? -3.750  2.032   -5.681  1.00 11.33 ? 203 HOH A O   1 
HETATM 1071 O O   . HOH D 3 .   ? 9.723   -9.014  2.394   1.00 7.37  ? 204 HOH A O   1 
HETATM 1072 O O   . HOH D 3 .   ? 11.227  1.840   8.507   1.00 11.66 ? 205 HOH A O   1 
HETATM 1073 O O   . HOH D 3 .   ? 12.655  3.712   7.108   1.00 10.99 ? 206 HOH A O   1 
HETATM 1074 O O   . HOH D 3 .   ? 2.944   -1.068  11.896  1.00 11.42 ? 207 HOH A O   1 
HETATM 1075 O O   . HOH D 3 .   ? -6.802  -10.398 2.055   1.00 12.99 ? 208 HOH A O   1 
HETATM 1076 O O   . HOH D 3 .   ? -2.733  6.610   0.747   1.00 11.28 ? 209 HOH A O   1 
HETATM 1077 O O   . HOH D 3 .   ? 2.742   9.647   7.986   1.00 15.01 ? 210 HOH A O   1 
HETATM 1078 O O   . HOH D 3 .   ? 5.047   8.221   8.676   1.00 15.82 ? 211 HOH A O   1 
HETATM 1079 O O   . HOH D 3 .   ? 8.050   7.468   3.851   1.00 9.97  ? 212 HOH A O   1 
HETATM 1080 O O   . HOH D 3 .   ? 11.252  4.408   4.927   1.00 10.13 ? 213 HOH A O   1 
HETATM 1081 O O   . HOH D 3 .   ? -7.375  -1.057  9.785   1.00 13.18 ? 214 HOH A O   1 
HETATM 1082 O O   . HOH D 3 .   ? 12.471  2.341   -7.853  1.00 15.24 ? 215 HOH A O   1 
HETATM 1083 O O   . HOH D 3 .   ? 10.628  7.068   4.375   1.00 16.71 ? 216 HOH A O   1 
HETATM 1084 O O   . HOH D 3 .   ? -10.915 -7.136  6.366   1.00 14.44 ? 217 HOH A O   1 
HETATM 1085 O O   . HOH D 3 .   ? 9.371   -8.995  8.364   1.00 19.49 ? 218 HOH A O   1 
HETATM 1086 O O   . HOH D 3 .   ? -19.326 1.169   0.361   1.00 17.00 ? 219 HOH A O   1 
HETATM 1087 O O   . HOH D 3 .   ? -7.070  -11.967 8.063   1.00 14.93 ? 220 HOH A O   1 
HETATM 1088 O O   . HOH D 3 .   ? 12.806  -0.972  0.395   1.00 16.06 ? 221 HOH A O   1 
HETATM 1089 O O   . HOH D 3 .   ? 0.158   13.867  -6.230  1.00 16.94 ? 222 HOH A O   1 
HETATM 1090 O O   . HOH D 3 .   ? 10.365  -1.484  -3.843  1.00 15.29 ? 223 HOH A O   1 
HETATM 1091 O O   . HOH D 3 .   ? 1.645   0.517   13.865  1.00 15.33 ? 224 HOH A O   1 
HETATM 1092 O O   . HOH D 3 .   ? 11.962  6.528   -5.199  1.00 16.63 ? 225 HOH A O   1 
HETATM 1093 O O   . HOH D 3 .   ? -5.980  -3.521  9.493   1.00 18.78 ? 226 HOH A O   1 
HETATM 1094 O O   . HOH D 3 .   ? -12.195 -4.953  7.512   1.00 18.63 ? 227 HOH A O   1 
HETATM 1095 O O   . HOH D 3 .   ? -3.870  9.349   6.585   1.00 17.31 ? 228 HOH A O   1 
HETATM 1096 O O   . HOH D 3 .   ? 12.913  -13.853 3.003   1.00 15.41 ? 229 HOH A O   1 
HETATM 1097 O O   . HOH D 3 .   ? -5.429  -12.028 3.816   1.00 19.87 ? 230 HOH A O   1 
HETATM 1098 O O   . HOH D 3 .   ? -3.280  -9.354  13.881  1.00 22.14 ? 231 HOH A O   1 
HETATM 1099 O O   . HOH D 3 .   ? 1.404   14.419  -8.663  1.00 17.88 ? 232 HOH A O   1 
HETATM 1100 O O   . HOH D 3 .   ? 12.080  3.602   -5.386  1.00 15.91 ? 233 HOH A O   1 
HETATM 1101 O O   . HOH D 3 .   ? 14.085  -2.390  2.675   1.00 17.21 ? 234 HOH A O   1 
HETATM 1102 O O   . HOH D 3 .   ? -9.606  -10.884 2.050   1.00 20.42 ? 235 HOH A O   1 
HETATM 1103 O O   . HOH D 3 .   ? 12.588  12.364  -1.400  1.00 19.72 ? 236 HOH A O   1 
HETATM 1104 O O   . HOH D 3 .   ? -2.604  2.895   14.232  1.00 17.87 ? 237 HOH A O   1 
HETATM 1105 O O   . HOH D 3 .   ? -1.675  5.520   13.344  1.00 25.49 ? 238 HOH A O   1 
HETATM 1106 O O   . HOH D 3 .   ? 1.245   -1.819  19.698  1.00 20.79 ? 239 HOH A O   1 
HETATM 1107 O O   . HOH D 3 .   ? 6.828   8.097   -11.451 1.00 19.34 ? 240 HOH A O   1 
HETATM 1108 O O   . HOH D 3 .   ? -14.941 -5.623  6.975   1.00 21.52 ? 241 HOH A O   1 
HETATM 1109 O O   . HOH D 3 .   ? -0.265  2.057   15.240  1.00 21.04 ? 242 HOH A O   1 
HETATM 1110 O O   . HOH D 3 .   ? -4.087  -3.324  11.491  1.00 15.42 ? 243 HOH A O   1 
HETATM 1111 O O   . HOH D 3 .   ? 1.057   -0.403  -15.717 1.00 18.37 ? 244 HOH A O   1 
HETATM 1112 O O   . HOH D 3 .   ? 7.352   -5.162  15.457  1.00 20.79 ? 245 HOH A O   1 
HETATM 1113 O O   . HOH D 3 .   ? -12.332 3.907   8.417   1.00 22.13 ? 246 HOH A O   1 
HETATM 1114 O O   . HOH D 3 .   ? -0.137  7.245   9.225   1.00 17.60 ? 247 HOH A O   1 
HETATM 1115 O O   . HOH D 3 .   ? -10.902 -18.644 -4.983  1.00 19.67 ? 248 HOH A O   1 
HETATM 1116 O O   . HOH D 3 .   ? -2.526  7.588   8.077   1.00 17.35 ? 249 HOH A O   1 
HETATM 1117 O O   . HOH D 3 .   ? 4.110   17.194  -2.308  1.00 21.21 ? 250 HOH A O   1 
HETATM 1118 O O   . HOH D 3 .   ? -13.375 -6.877  0.375   1.00 18.31 ? 251 HOH A O   1 
HETATM 1119 O O   . HOH D 3 .   ? 7.244   6.281   11.777  1.00 18.94 ? 252 HOH A O   1 
HETATM 1120 O O   . HOH D 3 .   ? 7.748   10.503  -10.145 1.00 19.48 ? 253 HOH A O   1 
HETATM 1121 O O   . HOH D 3 .   ? 13.424  -3.973  10.106  1.00 19.89 ? 254 HOH A O   1 
HETATM 1122 O O   . HOH D 3 .   ? -2.751  1.370   -8.128  1.00 20.86 ? 255 HOH A O   1 
HETATM 1123 O O   . HOH D 3 .   ? -7.797  -5.677  10.249  1.00 21.34 ? 256 HOH A O   1 
HETATM 1124 O O   . HOH D 3 .   ? -18.590 3.526   -0.583  1.00 25.75 ? 257 HOH A O   1 
HETATM 1125 O O   . HOH D 3 .   ? 11.680  -3.838  -5.168  1.00 27.59 ? 258 HOH A O   1 
HETATM 1126 O O   . HOH D 3 .   ? 14.474  5.313   -9.093  1.00 16.52 ? 259 HOH A O   1 
HETATM 1127 O O   . HOH D 3 .   ? -3.696  -6.670  13.402  1.00 20.19 ? 260 HOH A O   1 
HETATM 1128 O O   . HOH D 3 .   ? -4.792  -2.496  15.405  1.00 24.78 ? 261 HOH A O   1 
HETATM 1129 O O   . HOH D 3 .   ? 12.933  8.833   12.516  1.00 20.50 ? 262 HOH A O   1 
HETATM 1130 O O   . HOH D 3 .   ? -9.542  -8.024  8.780   1.00 19.36 ? 263 HOH A O   1 
HETATM 1131 O O   . HOH D 3 .   ? 11.289  -9.204  6.468   1.00 22.82 ? 264 HOH A O   1 
HETATM 1132 O O   . HOH D 3 .   ? 9.233   8.298   11.245  1.00 24.51 ? 265 HOH A O   1 
HETATM 1133 O O   . HOH D 3 .   ? 9.730   0.123   14.009  1.00 18.61 ? 266 HOH A O   1 
HETATM 1134 O O   . HOH D 3 .   ? -10.828 -3.989  -11.280 1.00 22.70 ? 267 HOH A O   1 
HETATM 1135 O O   . HOH D 3 .   ? -1.257  2.716   -13.391 1.00 20.55 ? 268 HOH A O   1 
HETATM 1136 O O   . HOH D 3 .   ? -11.076 -19.291 -8.037  1.00 24.71 ? 269 HOH A O   1 
HETATM 1137 O O   . HOH D 3 .   ? -18.097 8.775   -4.432  1.00 21.93 ? 270 HOH A O   1 
HETATM 1138 O O   . HOH D 3 .   ? 0.339   16.656  -9.818  1.00 26.24 ? 271 HOH A O   1 
HETATM 1139 O O   . HOH D 3 .   ? -13.222 -1.598  6.342   1.00 21.86 ? 272 HOH A O   1 
HETATM 1140 O O   . HOH D 3 .   ? -8.338  -20.247 -3.744  1.00 25.68 ? 273 HOH A O   1 
HETATM 1141 O O   . HOH D 3 .   ? -2.527  -1.318  -8.635  1.00 21.98 ? 274 HOH A O   1 
HETATM 1142 O O   . HOH D 3 .   ? 14.276  8.797   2.488   1.00 23.87 ? 275 HOH A O   1 
HETATM 1143 O O   . HOH D 3 .   ? -12.316 -9.045  5.491   1.00 20.94 ? 276 HOH A O   1 
HETATM 1144 O O   . HOH D 3 .   ? -0.812  -12.570 -1.381  1.00 23.19 ? 277 HOH A O   1 
HETATM 1145 O O   . HOH D 3 .   ? -8.594  11.189  0.896   1.00 18.45 ? 278 HOH A O   1 
HETATM 1146 O O   . HOH D 3 .   ? 6.804   -12.729 -8.538  1.00 23.20 ? 279 HOH A O   1 
HETATM 1147 O O   . HOH D 3 .   ? -4.061  7.600   10.429  1.00 22.94 ? 280 HOH A O   1 
HETATM 1148 O O   . HOH D 3 .   ? 1.700   16.907  2.743   1.00 22.70 ? 281 HOH A O   1 
HETATM 1149 O O   . HOH D 3 .   ? -6.952  15.064  2.710   1.00 22.81 ? 282 HOH A O   1 
HETATM 1150 O O   . HOH D 3 .   ? -6.957  -13.389 5.581   1.00 26.38 ? 283 HOH A O   1 
HETATM 1151 O O   . HOH D 3 .   ? -9.558  -10.979 8.437   1.00 22.03 ? 284 HOH A O   1 
HETATM 1152 O O   . HOH D 3 .   ? 5.847   17.619  1.184   1.00 24.22 ? 285 HOH A O   1 
HETATM 1153 O O   . HOH D 3 .   ? 16.895  -9.992  3.021   1.00 26.71 ? 286 HOH A O   1 
HETATM 1154 O O   . HOH D 3 .   ? 17.534  -9.821  -4.423  1.00 23.16 ? 287 HOH A O   1 
HETATM 1155 O O   . HOH D 3 .   ? 13.804  -12.981 5.207   1.00 22.90 ? 288 HOH A O   1 
HETATM 1156 O O   . HOH D 3 .   ? 2.249   4.345   12.956  1.00 20.12 ? 289 HOH A O   1 
HETATM 1157 O O   . HOH D 3 .   ? 11.506  13.207  7.136   1.00 34.02 ? 290 HOH A O   1 
HETATM 1158 O O   . HOH D 3 .   ? -5.894  17.260  0.592   1.00 26.37 ? 291 HOH A O   1 
HETATM 1159 O O   . HOH D 3 .   ? -12.015 -6.001  -4.361  1.00 19.30 ? 292 HOH A O   1 
HETATM 1160 O O   . HOH D 3 .   ? -8.880  -6.400  -11.448 1.00 28.63 ? 293 HOH A O   1 
HETATM 1161 O O   . HOH D 3 .   ? -4.710  5.414   11.633  1.00 24.83 ? 294 HOH A O   1 
HETATM 1162 O O   . HOH D 3 .   ? 8.078   -13.112 -6.166  1.00 27.02 ? 295 HOH A O   1 
HETATM 1163 O O   . HOH D 3 .   ? -7.847  -9.458  -9.303  1.00 27.94 ? 296 HOH A O   1 
HETATM 1164 O O   . HOH D 3 .   ? -6.739  5.031   -8.497  1.00 26.78 ? 297 HOH A O   1 
HETATM 1165 O O   . HOH D 3 .   ? 14.038  -4.683  5.353   1.00 19.48 ? 298 HOH A O   1 
HETATM 1166 O O   . HOH D 3 .   ? -1.997  15.719  -6.321  1.00 24.24 ? 299 HOH A O   1 
HETATM 1167 O O   . HOH D 3 .   ? 1.163   9.659   10.180  1.00 25.74 ? 300 HOH A O   1 
HETATM 1168 O O   . HOH D 3 .   ? 5.109   -10.444 -16.719 1.00 32.12 ? 301 HOH A O   1 
HETATM 1169 O O   . HOH D 3 .   ? -5.964  1.117   -8.885  1.00 26.39 ? 302 HOH A O   1 
HETATM 1170 O O   . HOH D 3 .   ? -6.679  16.576  -3.421  1.00 26.08 ? 303 HOH A O   1 
HETATM 1171 O O   . HOH D 3 .   ? 7.364   15.064  1.652   1.00 23.64 ? 304 HOH A O   1 
HETATM 1172 O O   . HOH D 3 .   ? 1.415   -5.766  17.940  1.00 28.17 ? 305 HOH A O   1 
HETATM 1173 O O   . HOH D 3 .   ? 14.721  1.853   6.371   1.00 26.36 ? 306 HOH A O   1 
HETATM 1174 O O   . HOH D 3 .   ? -9.692  -14.968 -2.709  1.00 26.66 ? 307 HOH A O   1 
HETATM 1175 O O   . HOH D 3 .   ? 11.459  1.158   11.324  1.00 30.43 ? 308 HOH A O   1 
HETATM 1176 O O   . HOH D 3 .   ? 14.339  3.961   3.182   1.00 24.95 ? 309 HOH A O   1 
HETATM 1177 O O   . HOH D 3 .   ? 5.380   5.147   -14.805 1.00 28.00 ? 310 HOH A O   1 
HETATM 1178 O O   . HOH D 3 .   ? 9.204   6.707   -12.447 1.00 29.57 ? 311 HOH A O   1 
HETATM 1179 O O   . HOH D 3 .   ? 5.292   4.712   -17.869 1.00 31.44 ? 312 HOH A O   1 
HETATM 1180 O O   . HOH D 3 .   ? -18.182 -4.123  -6.357  1.00 25.94 ? 313 HOH A O   1 
HETATM 1181 O O   . HOH D 3 .   ? 4.940   -5.094  17.080  1.00 32.16 ? 314 HOH A O   1 
HETATM 1182 O O   . HOH D 3 .   ? -9.634  -0.474  -17.081 1.00 34.59 ? 315 HOH A O   1 
HETATM 1183 O O   . HOH D 3 .   ? -18.448 8.618   -0.021  1.00 31.80 ? 316 HOH A O   1 
HETATM 1184 O O   . HOH D 3 .   ? 12.520  9.926   9.856   1.00 28.21 ? 317 HOH A O   1 
HETATM 1185 O O   . HOH D 3 .   ? 0.145   14.758  4.169   1.00 26.30 ? 318 HOH A O   1 
HETATM 1186 O O   . HOH D 3 .   ? -5.504  -14.837 -4.701  1.00 34.59 ? 319 HOH A O   1 
HETATM 1187 O O   . HOH D 3 .   ? -15.493 7.711   -8.091  1.00 37.56 ? 320 HOH A O   1 
HETATM 1188 O O   . HOH D 3 .   ? -2.990  4.540   -14.330 1.00 29.48 ? 321 HOH A O   1 
HETATM 1189 O O   . HOH D 3 .   ? 17.022  8.758   5.188   1.00 27.29 ? 322 HOH A O   1 
HETATM 1190 O O   . HOH D 3 .   ? -10.539 2.170   9.895   1.00 28.17 ? 323 HOH A O   1 
HETATM 1191 O O   . HOH D 3 .   ? -3.225  -15.988 -0.777  1.00 32.14 ? 324 HOH A O   1 
HETATM 1192 O O   . HOH D 3 .   ? 1.562   -16.982 -2.720  1.00 34.29 ? 325 HOH A O   1 
HETATM 1193 O O   . HOH D 3 .   ? -13.365 -2.996  -11.261 1.00 34.30 ? 326 HOH A O   1 
HETATM 1194 O O   . HOH D 3 .   ? -2.433  7.669   -14.095 1.00 34.38 ? 327 HOH A O   1 
HETATM 1195 O O   . HOH D 3 .   ? -2.047  -17.726 0.906   1.00 34.22 ? 328 HOH A O   1 
HETATM 1196 O O   . HOH D 3 .   ? 6.539   -7.160  -15.779 1.00 31.05 ? 329 HOH A O   1 
HETATM 1197 O O   . HOH D 3 .   ? -7.179  -16.144 -2.490  1.00 42.63 ? 330 HOH A O   1 
HETATM 1198 O O   . HOH D 3 .   ? -13.506 -0.491  -13.477 1.00 37.05 ? 331 HOH A O   1 
HETATM 1199 O O   . HOH D 3 .   ? 1.598   -14.485 -4.244  1.00 31.84 ? 332 HOH A O   1 
HETATM 1200 O O   . HOH D 3 .   ? -14.821 0.978   -11.527 1.00 44.63 ? 333 HOH A O   1 
HETATM 1201 O O   . HOH D 3 .   ? -13.111 -8.655  -7.964  1.00 35.85 ? 334 HOH A O   1 
HETATM 1202 O O   . HOH D 3 .   ? -11.696 -9.121  2.764   1.00 28.05 ? 335 HOH A O   1 
HETATM 1203 O O   . HOH D 3 .   ? 3.649   17.986  -10.801 1.00 35.33 ? 336 HOH A O   1 
HETATM 1204 O O   . HOH D 3 .   ? 4.962   7.248   10.959  1.00 27.28 ? 337 HOH A O   1 
# 
